data_2GCC
# 
_entry.id   2GCC 
# 
_audit_conform.dict_name       mmcif_pdbx.dic 
_audit_conform.dict_version    5.392 
_audit_conform.dict_location   http://mmcif.pdb.org/dictionaries/ascii/mmcif_pdbx.dic 
# 
loop_
_database_2.database_id 
_database_2.database_code 
_database_2.pdbx_database_accession 
_database_2.pdbx_DOI 
PDB   2GCC         pdb_00002gcc 10.2210/pdb2gcc/pdb 
WWPDB D_1000178126 ?            ?                   
# 
loop_
_pdbx_audit_revision_history.ordinal 
_pdbx_audit_revision_history.data_content_type 
_pdbx_audit_revision_history.major_revision 
_pdbx_audit_revision_history.minor_revision 
_pdbx_audit_revision_history.revision_date 
1 'Structure model' 1 0 1999-03-23 
2 'Structure model' 1 1 2008-03-24 
3 'Structure model' 1 2 2011-07-13 
4 'Structure model' 1 3 2022-03-09 
5 'Structure model' 1 4 2024-05-29 
# 
_pdbx_audit_revision_details.ordinal             1 
_pdbx_audit_revision_details.revision_ordinal    1 
_pdbx_audit_revision_details.data_content_type   'Structure model' 
_pdbx_audit_revision_details.provider            repository 
_pdbx_audit_revision_details.type                'Initial release' 
_pdbx_audit_revision_details.description         ? 
_pdbx_audit_revision_details.details             ? 
# 
loop_
_pdbx_audit_revision_group.ordinal 
_pdbx_audit_revision_group.revision_ordinal 
_pdbx_audit_revision_group.data_content_type 
_pdbx_audit_revision_group.group 
1 2 'Structure model' 'Version format compliance' 
2 3 'Structure model' 'Version format compliance' 
3 4 'Structure model' 'Database references'       
4 4 'Structure model' 'Derived calculations'      
5 4 'Structure model' Other                       
6 5 'Structure model' 'Data collection'           
# 
loop_
_pdbx_audit_revision_category.ordinal 
_pdbx_audit_revision_category.revision_ordinal 
_pdbx_audit_revision_category.data_content_type 
_pdbx_audit_revision_category.category 
1 4 'Structure model' database_2            
2 4 'Structure model' pdbx_database_status  
3 4 'Structure model' pdbx_struct_assembly  
4 4 'Structure model' pdbx_struct_oper_list 
5 5 'Structure model' chem_comp_atom        
6 5 'Structure model' chem_comp_bond        
# 
loop_
_pdbx_audit_revision_item.ordinal 
_pdbx_audit_revision_item.revision_ordinal 
_pdbx_audit_revision_item.data_content_type 
_pdbx_audit_revision_item.item 
1 4 'Structure model' '_database_2.pdbx_DOI'                
2 4 'Structure model' '_database_2.pdbx_database_accession' 
3 4 'Structure model' '_pdbx_database_status.process_site'  
# 
_pdbx_database_status.status_code                     REL 
_pdbx_database_status.entry_id                        2GCC 
_pdbx_database_status.recvd_initial_deposition_date   1998-03-13 
_pdbx_database_status.deposit_site                    ? 
_pdbx_database_status.process_site                    BNL 
_pdbx_database_status.SG_entry                        . 
_pdbx_database_status.pdb_format_compatible           Y 
_pdbx_database_status.status_code_mr                  ? 
_pdbx_database_status.status_code_sf                  ? 
_pdbx_database_status.status_code_cs                  ? 
_pdbx_database_status.status_code_nmr_data            ? 
_pdbx_database_status.methods_development_category    ? 
# 
loop_
_audit_author.name 
_audit_author.pdbx_ordinal 
'Allen, M.D.'     1 
'Yamasaki, K.'    2 
'Ohme-Takagi, M.' 3 
'Tateno, M.'      4 
'Suzuki, M.'      5 
# 
_citation.id                        primary 
_citation.title                     
;A novel mode of DNA recognition by a beta-sheet revealed by the solution structure of the GCC-box binding domain in complex with DNA.
;
_citation.journal_abbrev            'EMBO J.' 
_citation.journal_volume            17 
_citation.page_first                5484 
_citation.page_last                 5496 
_citation.year                      1998 
_citation.journal_id_ASTM           EMJODG 
_citation.country                   UK 
_citation.journal_id_ISSN           0261-4189 
_citation.journal_id_CSD            0897 
_citation.book_publisher            ? 
_citation.pdbx_database_id_PubMed   9736626 
_citation.pdbx_database_id_DOI      10.1093/emboj/17.18.5484 
# 
loop_
_citation_author.citation_id 
_citation_author.name 
_citation_author.ordinal 
_citation_author.identifier_ORCID 
primary 'Allen, M.D.'     1 ? 
primary 'Yamasaki, K.'    2 ? 
primary 'Ohme-Takagi, M.' 3 ? 
primary 'Tateno, M.'      4 ? 
primary 'Suzuki, M.'      5 ? 
# 
_entity.id                         1 
_entity.type                       polymer 
_entity.src_method                 man 
_entity.pdbx_description           ATERF1 
_entity.formula_weight             7891.974 
_entity.pdbx_number_of_molecules   1 
_entity.pdbx_ec                    ? 
_entity.pdbx_mutation              ? 
_entity.pdbx_fragment              'GCC-BOX BINDING DOMAIN' 
_entity.details                    ? 
# 
_entity_poly.entity_id                      1 
_entity_poly.type                           'polypeptide(L)' 
_entity_poly.nstd_linkage                   no 
_entity_poly.nstd_monomer                   no 
_entity_poly.pdbx_seq_one_letter_code       AKGKHYRGVRQRPWGKFAAEIRDPAKNGARVWLGTFETAEDAALAYDRAAFRMRGSRALLNFPLRVNSGE 
_entity_poly.pdbx_seq_one_letter_code_can   AKGKHYRGVRQRPWGKFAAEIRDPAKNGARVWLGTFETAEDAALAYDRAAFRMRGSRALLNFPLRVNSGE 
_entity_poly.pdbx_strand_id                 A 
_entity_poly.pdbx_target_identifier         ? 
# 
loop_
_entity_poly_seq.entity_id 
_entity_poly_seq.num 
_entity_poly_seq.mon_id 
_entity_poly_seq.hetero 
1 1  ALA n 
1 2  LYS n 
1 3  GLY n 
1 4  LYS n 
1 5  HIS n 
1 6  TYR n 
1 7  ARG n 
1 8  GLY n 
1 9  VAL n 
1 10 ARG n 
1 11 GLN n 
1 12 ARG n 
1 13 PRO n 
1 14 TRP n 
1 15 GLY n 
1 16 LYS n 
1 17 PHE n 
1 18 ALA n 
1 19 ALA n 
1 20 GLU n 
1 21 ILE n 
1 22 ARG n 
1 23 ASP n 
1 24 PRO n 
1 25 ALA n 
1 26 LYS n 
1 27 ASN n 
1 28 GLY n 
1 29 ALA n 
1 30 ARG n 
1 31 VAL n 
1 32 TRP n 
1 33 LEU n 
1 34 GLY n 
1 35 THR n 
1 36 PHE n 
1 37 GLU n 
1 38 THR n 
1 39 ALA n 
1 40 GLU n 
1 41 ASP n 
1 42 ALA n 
1 43 ALA n 
1 44 LEU n 
1 45 ALA n 
1 46 TYR n 
1 47 ASP n 
1 48 ARG n 
1 49 ALA n 
1 50 ALA n 
1 51 PHE n 
1 52 ARG n 
1 53 MET n 
1 54 ARG n 
1 55 GLY n 
1 56 SER n 
1 57 ARG n 
1 58 ALA n 
1 59 LEU n 
1 60 LEU n 
1 61 ASN n 
1 62 PHE n 
1 63 PRO n 
1 64 LEU n 
1 65 ARG n 
1 66 VAL n 
1 67 ASN n 
1 68 SER n 
1 69 GLY n 
1 70 GLU n 
# 
_entity_src_gen.entity_id                          1 
_entity_src_gen.pdbx_src_id                        1 
_entity_src_gen.pdbx_alt_source_flag               sample 
_entity_src_gen.pdbx_seq_type                      ? 
_entity_src_gen.pdbx_beg_seq_num                   ? 
_entity_src_gen.pdbx_end_seq_num                   ? 
_entity_src_gen.gene_src_common_name               'thale cress' 
_entity_src_gen.gene_src_genus                     Arabidopsis 
_entity_src_gen.pdbx_gene_src_gene                 ATERF1 
_entity_src_gen.gene_src_species                   ? 
_entity_src_gen.gene_src_strain                    ? 
_entity_src_gen.gene_src_tissue                    ? 
_entity_src_gen.gene_src_tissue_fraction           ? 
_entity_src_gen.gene_src_details                   ? 
_entity_src_gen.pdbx_gene_src_fragment             ? 
_entity_src_gen.pdbx_gene_src_scientific_name      'Arabidopsis thaliana' 
_entity_src_gen.pdbx_gene_src_ncbi_taxonomy_id     3702 
_entity_src_gen.pdbx_gene_src_variant              ? 
_entity_src_gen.pdbx_gene_src_cell_line            BL21 
_entity_src_gen.pdbx_gene_src_atcc                 ? 
_entity_src_gen.pdbx_gene_src_organ                ? 
_entity_src_gen.pdbx_gene_src_organelle            ? 
_entity_src_gen.pdbx_gene_src_cell                 ? 
_entity_src_gen.pdbx_gene_src_cellular_location    ? 
_entity_src_gen.host_org_common_name               ? 
_entity_src_gen.pdbx_host_org_scientific_name      'Escherichia coli BL21(DE3)' 
_entity_src_gen.pdbx_host_org_ncbi_taxonomy_id     469008 
_entity_src_gen.host_org_genus                     Escherichia 
_entity_src_gen.pdbx_host_org_gene                 ? 
_entity_src_gen.pdbx_host_org_organ                ? 
_entity_src_gen.host_org_species                   'Escherichia coli' 
_entity_src_gen.pdbx_host_org_tissue               ? 
_entity_src_gen.pdbx_host_org_tissue_fraction      ? 
_entity_src_gen.pdbx_host_org_strain               'BL21 (DE3)' 
_entity_src_gen.pdbx_host_org_variant              ? 
_entity_src_gen.pdbx_host_org_cell_line            ? 
_entity_src_gen.pdbx_host_org_atcc                 ? 
_entity_src_gen.pdbx_host_org_culture_collection   ? 
_entity_src_gen.pdbx_host_org_cell                 ? 
_entity_src_gen.pdbx_host_org_organelle            ? 
_entity_src_gen.pdbx_host_org_cellular_location    ? 
_entity_src_gen.pdbx_host_org_vector_type          ? 
_entity_src_gen.pdbx_host_org_vector               ? 
_entity_src_gen.host_org_details                   ? 
_entity_src_gen.expression_system_id               ? 
_entity_src_gen.plasmid_name                       PAF104 
_entity_src_gen.plasmid_details                    ? 
_entity_src_gen.pdbx_description                   'DNA-BINDING DOMAIN OF ATERF1' 
# 
loop_
_chem_comp.id 
_chem_comp.type 
_chem_comp.mon_nstd_flag 
_chem_comp.name 
_chem_comp.pdbx_synonyms 
_chem_comp.formula 
_chem_comp.formula_weight 
ALA 'L-peptide linking' y ALANINE         ? 'C3 H7 N O2'     89.093  
ARG 'L-peptide linking' y ARGININE        ? 'C6 H15 N4 O2 1' 175.209 
ASN 'L-peptide linking' y ASPARAGINE      ? 'C4 H8 N2 O3'    132.118 
ASP 'L-peptide linking' y 'ASPARTIC ACID' ? 'C4 H7 N O4'     133.103 
GLN 'L-peptide linking' y GLUTAMINE       ? 'C5 H10 N2 O3'   146.144 
GLU 'L-peptide linking' y 'GLUTAMIC ACID' ? 'C5 H9 N O4'     147.129 
GLY 'peptide linking'   y GLYCINE         ? 'C2 H5 N O2'     75.067  
HIS 'L-peptide linking' y HISTIDINE       ? 'C6 H10 N3 O2 1' 156.162 
ILE 'L-peptide linking' y ISOLEUCINE      ? 'C6 H13 N O2'    131.173 
LEU 'L-peptide linking' y LEUCINE         ? 'C6 H13 N O2'    131.173 
LYS 'L-peptide linking' y LYSINE          ? 'C6 H15 N2 O2 1' 147.195 
MET 'L-peptide linking' y METHIONINE      ? 'C5 H11 N O2 S'  149.211 
PHE 'L-peptide linking' y PHENYLALANINE   ? 'C9 H11 N O2'    165.189 
PRO 'L-peptide linking' y PROLINE         ? 'C5 H9 N O2'     115.130 
SER 'L-peptide linking' y SERINE          ? 'C3 H7 N O3'     105.093 
THR 'L-peptide linking' y THREONINE       ? 'C4 H9 N O3'     119.119 
TRP 'L-peptide linking' y TRYPTOPHAN      ? 'C11 H12 N2 O2'  204.225 
TYR 'L-peptide linking' y TYROSINE        ? 'C9 H11 N O3'    181.189 
VAL 'L-peptide linking' y VALINE          ? 'C5 H11 N O2'    117.146 
# 
loop_
_pdbx_poly_seq_scheme.asym_id 
_pdbx_poly_seq_scheme.entity_id 
_pdbx_poly_seq_scheme.seq_id 
_pdbx_poly_seq_scheme.mon_id 
_pdbx_poly_seq_scheme.ndb_seq_num 
_pdbx_poly_seq_scheme.pdb_seq_num 
_pdbx_poly_seq_scheme.auth_seq_num 
_pdbx_poly_seq_scheme.pdb_mon_id 
_pdbx_poly_seq_scheme.auth_mon_id 
_pdbx_poly_seq_scheme.pdb_strand_id 
_pdbx_poly_seq_scheme.pdb_ins_code 
_pdbx_poly_seq_scheme.hetero 
A 1 1  ALA 1  141 ?   ?   ?   A . n 
A 1 2  LYS 2  142 ?   ?   ?   A . n 
A 1 3  GLY 3  143 ?   ?   ?   A . n 
A 1 4  LYS 4  144 144 LYS LYS A . n 
A 1 5  HIS 5  145 145 HIS HIS A . n 
A 1 6  TYR 6  146 146 TYR TYR A . n 
A 1 7  ARG 7  147 147 ARG ARG A . n 
A 1 8  GLY 8  148 148 GLY GLY A . n 
A 1 9  VAL 9  149 149 VAL VAL A . n 
A 1 10 ARG 10 150 150 ARG ARG A . n 
A 1 11 GLN 11 151 151 GLN GLN A . n 
A 1 12 ARG 12 152 152 ARG ARG A . n 
A 1 13 PRO 13 153 153 PRO PRO A . n 
A 1 14 TRP 14 154 154 TRP TRP A . n 
A 1 15 GLY 15 155 155 GLY GLY A . n 
A 1 16 LYS 16 156 156 LYS LYS A . n 
A 1 17 PHE 17 157 157 PHE PHE A . n 
A 1 18 ALA 18 158 158 ALA ALA A . n 
A 1 19 ALA 19 159 159 ALA ALA A . n 
A 1 20 GLU 20 160 160 GLU GLU A . n 
A 1 21 ILE 21 161 161 ILE ILE A . n 
A 1 22 ARG 22 162 162 ARG ARG A . n 
A 1 23 ASP 23 163 163 ASP ASP A . n 
A 1 24 PRO 24 164 164 PRO PRO A . n 
A 1 25 ALA 25 165 165 ALA ALA A . n 
A 1 26 LYS 26 166 166 LYS LYS A . n 
A 1 27 ASN 27 167 167 ASN ASN A . n 
A 1 28 GLY 28 168 168 GLY GLY A . n 
A 1 29 ALA 29 169 169 ALA ALA A . n 
A 1 30 ARG 30 170 170 ARG ARG A . n 
A 1 31 VAL 31 171 171 VAL VAL A . n 
A 1 32 TRP 32 172 172 TRP TRP A . n 
A 1 33 LEU 33 173 173 LEU LEU A . n 
A 1 34 GLY 34 174 174 GLY GLY A . n 
A 1 35 THR 35 175 175 THR THR A . n 
A 1 36 PHE 36 176 176 PHE PHE A . n 
A 1 37 GLU 37 177 177 GLU GLU A . n 
A 1 38 THR 38 178 178 THR THR A . n 
A 1 39 ALA 39 179 179 ALA ALA A . n 
A 1 40 GLU 40 180 180 GLU GLU A . n 
A 1 41 ASP 41 181 181 ASP ASP A . n 
A 1 42 ALA 42 182 182 ALA ALA A . n 
A 1 43 ALA 43 183 183 ALA ALA A . n 
A 1 44 LEU 44 184 184 LEU LEU A . n 
A 1 45 ALA 45 185 185 ALA ALA A . n 
A 1 46 TYR 46 186 186 TYR TYR A . n 
A 1 47 ASP 47 187 187 ASP ASP A . n 
A 1 48 ARG 48 188 188 ARG ARG A . n 
A 1 49 ALA 49 189 189 ALA ALA A . n 
A 1 50 ALA 50 190 190 ALA ALA A . n 
A 1 51 PHE 51 191 191 PHE PHE A . n 
A 1 52 ARG 52 192 192 ARG ARG A . n 
A 1 53 MET 53 193 193 MET MET A . n 
A 1 54 ARG 54 194 194 ARG ARG A . n 
A 1 55 GLY 55 195 195 GLY GLY A . n 
A 1 56 SER 56 196 196 SER SER A . n 
A 1 57 ARG 57 197 197 ARG ARG A . n 
A 1 58 ALA 58 198 198 ALA ALA A . n 
A 1 59 LEU 59 199 199 LEU LEU A . n 
A 1 60 LEU 60 200 200 LEU LEU A . n 
A 1 61 ASN 61 201 201 ASN ASN A . n 
A 1 62 PHE 62 202 202 PHE PHE A . n 
A 1 63 PRO 63 203 203 PRO PRO A . n 
A 1 64 LEU 64 204 204 LEU LEU A . n 
A 1 65 ARG 65 205 205 ARG ARG A . n 
A 1 66 VAL 66 206 206 VAL VAL A . n 
A 1 67 ASN 67 207 ?   ?   ?   A . n 
A 1 68 SER 68 208 ?   ?   ?   A . n 
A 1 69 GLY 69 209 ?   ?   ?   A . n 
A 1 70 GLU 70 210 ?   ?   ?   A . n 
# 
loop_
_software.name 
_software.classification 
_software.version 
_software.citation_id 
_software.pdbx_ordinal 
X-PLOR 'model building' 3.1 ? 1 
X-PLOR refinement       3.1 ? 2 
X-PLOR phasing          3.1 ? 3 
# 
_cell.entry_id           2GCC 
_cell.length_a           1.000 
_cell.length_b           1.000 
_cell.length_c           1.000 
_cell.angle_alpha        90.00 
_cell.angle_beta         90.00 
_cell.angle_gamma        90.00 
_cell.Z_PDB              1 
_cell.pdbx_unique_axis   ? 
# 
_symmetry.entry_id                         2GCC 
_symmetry.space_group_name_H-M             'P 1' 
_symmetry.pdbx_full_space_group_name_H-M   ? 
_symmetry.cell_setting                     ? 
_symmetry.Int_Tables_number                1 
# 
_exptl.entry_id          2GCC 
_exptl.method            'SOLUTION NMR' 
_exptl.crystals_number   ? 
# 
_struct.entry_id                  2GCC 
_struct.title                     'SOLUTION STRUCTURE OF THE GCC-BOX BINDING DOMAIN, NMR, MINIMIZED MEAN STRUCTURE' 
_struct.pdbx_model_details        ? 
_struct.pdbx_CASP_flag            ? 
_struct.pdbx_model_type_details   ? 
# 
_struct_keywords.entry_id        2GCC 
_struct_keywords.pdbx_keywords   'TRANSCRIPTION FACTOR' 
_struct_keywords.text            'TRANSCRIPTION FACTOR, ETHLENE INDUCIBLE' 
# 
_struct_asym.id                            A 
_struct_asym.pdbx_blank_PDB_chainid_flag   Y 
_struct_asym.pdbx_modified                 N 
_struct_asym.entity_id                     1 
_struct_asym.details                       ? 
# 
_struct_ref.id                         1 
_struct_ref.db_name                    UNP 
_struct_ref.db_code                    ERF1A_ARATH 
_struct_ref.entity_id                  1 
_struct_ref.pdbx_db_accession          O80337 
_struct_ref.pdbx_align_begin           1 
_struct_ref.pdbx_seq_one_letter_code   
;MTADSQSDYAFLESIRRHLLGESEPILSESTASSVTQSCVTGQSIKPVYGRNPSFSKLYPCFTESWGDLPLKENDSEDML
VYGILNDAFHGGWEPSSSSSDEDRSSFPSVKIETPESFAAVDSVPVKKEKTSPVSAAVTAAKGKHYRGVRQRPWGKFAAE
IRDPAKNGARVWLGTFETAEDAALAYDRAAFRMRGSRALLNFPLRVNSGEPDPVRIKSKRSSFSSSNENGAPKKRRTVAA
GGGMDKGLTVKCEVVEVARGDRLLVL
;
_struct_ref.pdbx_db_isoform            ? 
# 
_struct_ref_seq.align_id                      1 
_struct_ref_seq.ref_id                        1 
_struct_ref_seq.pdbx_PDB_id_code              2GCC 
_struct_ref_seq.pdbx_strand_id                A 
_struct_ref_seq.seq_align_beg                 1 
_struct_ref_seq.pdbx_seq_align_beg_ins_code   ? 
_struct_ref_seq.seq_align_end                 70 
_struct_ref_seq.pdbx_seq_align_end_ins_code   ? 
_struct_ref_seq.pdbx_db_accession             O80337 
_struct_ref_seq.db_align_beg                  141 
_struct_ref_seq.pdbx_db_align_beg_ins_code    ? 
_struct_ref_seq.db_align_end                  210 
_struct_ref_seq.pdbx_db_align_end_ins_code    ? 
_struct_ref_seq.pdbx_auth_seq_align_beg       141 
_struct_ref_seq.pdbx_auth_seq_align_end       210 
# 
_pdbx_struct_assembly.id                   1 
_pdbx_struct_assembly.details              author_defined_assembly 
_pdbx_struct_assembly.method_details       ? 
_pdbx_struct_assembly.oligomeric_details   monomeric 
_pdbx_struct_assembly.oligomeric_count     1 
# 
_pdbx_struct_assembly_gen.assembly_id       1 
_pdbx_struct_assembly_gen.oper_expression   1 
_pdbx_struct_assembly_gen.asym_id_list      A 
# 
_pdbx_struct_oper_list.id                   1 
_pdbx_struct_oper_list.type                 'identity operation' 
_pdbx_struct_oper_list.name                 1_555 
_pdbx_struct_oper_list.symmetry_operation   x,y,z 
_pdbx_struct_oper_list.matrix[1][1]         1.0000000000 
_pdbx_struct_oper_list.matrix[1][2]         0.0000000000 
_pdbx_struct_oper_list.matrix[1][3]         0.0000000000 
_pdbx_struct_oper_list.vector[1]            0.0000000000 
_pdbx_struct_oper_list.matrix[2][1]         0.0000000000 
_pdbx_struct_oper_list.matrix[2][2]         1.0000000000 
_pdbx_struct_oper_list.matrix[2][3]         0.0000000000 
_pdbx_struct_oper_list.vector[2]            0.0000000000 
_pdbx_struct_oper_list.matrix[3][1]         0.0000000000 
_pdbx_struct_oper_list.matrix[3][2]         0.0000000000 
_pdbx_struct_oper_list.matrix[3][3]         1.0000000000 
_pdbx_struct_oper_list.vector[3]            0.0000000000 
# 
_struct_biol.id   1 
# 
_struct_conf.conf_type_id            HELX_P 
_struct_conf.id                      HELX_P1 
_struct_conf.pdbx_PDB_helix_id       1 
_struct_conf.beg_label_comp_id       ALA 
_struct_conf.beg_label_asym_id       A 
_struct_conf.beg_label_seq_id        39 
_struct_conf.pdbx_beg_PDB_ins_code   ? 
_struct_conf.end_label_comp_id       ARG 
_struct_conf.end_label_asym_id       A 
_struct_conf.end_label_seq_id        52 
_struct_conf.pdbx_end_PDB_ins_code   ? 
_struct_conf.beg_auth_comp_id        ALA 
_struct_conf.beg_auth_asym_id        A 
_struct_conf.beg_auth_seq_id         179 
_struct_conf.end_auth_comp_id        ARG 
_struct_conf.end_auth_asym_id        A 
_struct_conf.end_auth_seq_id         192 
_struct_conf.pdbx_PDB_helix_class    1 
_struct_conf.details                 ? 
_struct_conf.pdbx_PDB_helix_length   14 
# 
_struct_conf_type.id          HELX_P 
_struct_conf_type.criteria    ? 
_struct_conf_type.reference   ? 
# 
_struct_sheet.id               A 
_struct_sheet.type             ? 
_struct_sheet.number_strands   3 
_struct_sheet.details          ? 
# 
loop_
_struct_sheet_order.sheet_id 
_struct_sheet_order.range_id_1 
_struct_sheet_order.range_id_2 
_struct_sheet_order.offset 
_struct_sheet_order.sense 
A 1 2 ? anti-parallel 
A 2 3 ? anti-parallel 
# 
loop_
_struct_sheet_range.sheet_id 
_struct_sheet_range.id 
_struct_sheet_range.beg_label_comp_id 
_struct_sheet_range.beg_label_asym_id 
_struct_sheet_range.beg_label_seq_id 
_struct_sheet_range.pdbx_beg_PDB_ins_code 
_struct_sheet_range.end_label_comp_id 
_struct_sheet_range.end_label_asym_id 
_struct_sheet_range.end_label_seq_id 
_struct_sheet_range.pdbx_end_PDB_ins_code 
_struct_sheet_range.beg_auth_comp_id 
_struct_sheet_range.beg_auth_asym_id 
_struct_sheet_range.beg_auth_seq_id 
_struct_sheet_range.end_auth_comp_id 
_struct_sheet_range.end_auth_asym_id 
_struct_sheet_range.end_auth_seq_id 
A 1 VAL A 9  ? GLN A 11 ? VAL A 149 GLN A 151 
A 2 PHE A 17 ? ASP A 23 ? PHE A 157 ASP A 163 
A 3 ALA A 29 ? PHE A 36 ? ALA A 169 PHE A 176 
# 
loop_
_pdbx_struct_sheet_hbond.sheet_id 
_pdbx_struct_sheet_hbond.range_id_1 
_pdbx_struct_sheet_hbond.range_id_2 
_pdbx_struct_sheet_hbond.range_1_label_atom_id 
_pdbx_struct_sheet_hbond.range_1_label_comp_id 
_pdbx_struct_sheet_hbond.range_1_label_asym_id 
_pdbx_struct_sheet_hbond.range_1_label_seq_id 
_pdbx_struct_sheet_hbond.range_1_PDB_ins_code 
_pdbx_struct_sheet_hbond.range_1_auth_atom_id 
_pdbx_struct_sheet_hbond.range_1_auth_comp_id 
_pdbx_struct_sheet_hbond.range_1_auth_asym_id 
_pdbx_struct_sheet_hbond.range_1_auth_seq_id 
_pdbx_struct_sheet_hbond.range_2_label_atom_id 
_pdbx_struct_sheet_hbond.range_2_label_comp_id 
_pdbx_struct_sheet_hbond.range_2_label_asym_id 
_pdbx_struct_sheet_hbond.range_2_label_seq_id 
_pdbx_struct_sheet_hbond.range_2_PDB_ins_code 
_pdbx_struct_sheet_hbond.range_2_auth_atom_id 
_pdbx_struct_sheet_hbond.range_2_auth_comp_id 
_pdbx_struct_sheet_hbond.range_2_auth_asym_id 
_pdbx_struct_sheet_hbond.range_2_auth_seq_id 
A 1 2 O ARG A 10 ? O ARG A 150 N ALA A 18 ? N ALA A 158 
A 2 3 O PHE A 17 ? O PHE A 157 N PHE A 36 ? N PHE A 176 
# 
loop_
_pdbx_validate_torsion.id 
_pdbx_validate_torsion.PDB_model_num 
_pdbx_validate_torsion.auth_comp_id 
_pdbx_validate_torsion.auth_asym_id 
_pdbx_validate_torsion.auth_seq_id 
_pdbx_validate_torsion.PDB_ins_code 
_pdbx_validate_torsion.label_alt_id 
_pdbx_validate_torsion.phi 
_pdbx_validate_torsion.psi 
1 1 PRO A 153 ? ? -81.05  35.16  
2 1 TRP A 154 ? ? -140.23 -33.63 
3 1 LYS A 166 ? ? -93.78  38.63  
4 1 ARG A 197 ? ? 55.14   141.32 
5 1 ARG A 205 ? ? -172.44 44.10  
# 
loop_
_pdbx_validate_planes.id 
_pdbx_validate_planes.PDB_model_num 
_pdbx_validate_planes.auth_comp_id 
_pdbx_validate_planes.auth_asym_id 
_pdbx_validate_planes.auth_seq_id 
_pdbx_validate_planes.PDB_ins_code 
_pdbx_validate_planes.label_alt_id 
_pdbx_validate_planes.rmsd 
_pdbx_validate_planes.type 
1  1 ARG A 147 ? ? 0.313 'SIDE CHAIN' 
2  1 ARG A 150 ? ? 0.308 'SIDE CHAIN' 
3  1 ARG A 152 ? ? 0.301 'SIDE CHAIN' 
4  1 ARG A 162 ? ? 0.314 'SIDE CHAIN' 
5  1 ARG A 170 ? ? 0.190 'SIDE CHAIN' 
6  1 ARG A 188 ? ? 0.266 'SIDE CHAIN' 
7  1 ARG A 192 ? ? 0.303 'SIDE CHAIN' 
8  1 ARG A 194 ? ? 0.290 'SIDE CHAIN' 
9  1 ARG A 197 ? ? 0.285 'SIDE CHAIN' 
10 1 ARG A 205 ? ? 0.313 'SIDE CHAIN' 
# 
_pdbx_nmr_ensemble.entry_id                             2GCC 
_pdbx_nmr_ensemble.conformers_calculated_total_number   1 
_pdbx_nmr_ensemble.conformers_submitted_total_number    1 
_pdbx_nmr_ensemble.conformer_selection_criteria         'NO NOE VIOLATIONS' 
# 
_pdbx_nmr_sample_details.solution_id   1 
_pdbx_nmr_sample_details.contents      'POTASIUM PHOSPHATE' 
# 
_pdbx_nmr_exptl_sample_conditions.conditions_id       1 
_pdbx_nmr_exptl_sample_conditions.temperature         298 
_pdbx_nmr_exptl_sample_conditions.pressure            1 
_pdbx_nmr_exptl_sample_conditions.pH                  6.0 
_pdbx_nmr_exptl_sample_conditions.ionic_strength      '90 mM' 
_pdbx_nmr_exptl_sample_conditions.pressure_units      ATMOSPHERE 
_pdbx_nmr_exptl_sample_conditions.temperature_units   K 
# 
loop_
_pdbx_nmr_exptl.experiment_id 
_pdbx_nmr_exptl.conditions_id 
_pdbx_nmr_exptl.type 
_pdbx_nmr_exptl.solution_id 
1 1 NOESY                  1 
2 1 TOCSY                  1 
3 1 DQF-COSY               1 
4 1 '1H-15N HSQC'          1 
5 1 '3D 1H-15N NOESY-HMQC' 1 
6 1 '3D 1H-15N TOCSY-HMQC' 1 
7 1 13C                    1 
8 1 '15N-FILTERED NOESY'   1 
# 
_pdbx_nmr_details.entry_id   2GCC 
_pdbx_nmr_details.text       
;SIGNALS DUE TO PROTEINS WERE OBTAINED BY NOESY, TOCSY, DQF-COSY FOR UNLABELED SAMPLE AND 1H-15N HSQC, 3D 1H-15N NOESY-HMQC AND 3D 1H-15N TOCSY-HMQC FOR THE SAMPLE WITH 15N-LABELED PROTEIN.
;
# 
_pdbx_nmr_refine.entry_id           2GCC 
_pdbx_nmr_refine.method             'SIMULATED ANEALING PROTOCOL IN X-PLOR 3.1 WAS CARRIED OUT TO OBTAIN 46 STRUCTURES.' 
_pdbx_nmr_refine.details            'SEE REMARK 210' 
_pdbx_nmr_refine.software_ordinal   1 
# 
loop_
_pdbx_nmr_software.classification 
_pdbx_nmr_software.name 
_pdbx_nmr_software.version 
_pdbx_nmr_software.authors 
_pdbx_nmr_software.ordinal 
refinement           X-PLOR 3.1 BRUNGER 1 
'structure solution' X-PLOR 3.1 ?       2 
# 
loop_
_pdbx_unobs_or_zero_occ_residues.id 
_pdbx_unobs_or_zero_occ_residues.PDB_model_num 
_pdbx_unobs_or_zero_occ_residues.polymer_flag 
_pdbx_unobs_or_zero_occ_residues.occupancy_flag 
_pdbx_unobs_or_zero_occ_residues.auth_asym_id 
_pdbx_unobs_or_zero_occ_residues.auth_comp_id 
_pdbx_unobs_or_zero_occ_residues.auth_seq_id 
_pdbx_unobs_or_zero_occ_residues.PDB_ins_code 
_pdbx_unobs_or_zero_occ_residues.label_asym_id 
_pdbx_unobs_or_zero_occ_residues.label_comp_id 
_pdbx_unobs_or_zero_occ_residues.label_seq_id 
1 1 Y 1 A ALA 141 ? A ALA 1  
2 1 Y 1 A LYS 142 ? A LYS 2  
3 1 Y 1 A GLY 143 ? A GLY 3  
4 1 Y 1 A ASN 207 ? A ASN 67 
5 1 Y 1 A SER 208 ? A SER 68 
6 1 Y 1 A GLY 209 ? A GLY 69 
7 1 Y 1 A GLU 210 ? A GLU 70 
# 
loop_
_chem_comp_atom.comp_id 
_chem_comp_atom.atom_id 
_chem_comp_atom.type_symbol 
_chem_comp_atom.pdbx_aromatic_flag 
_chem_comp_atom.pdbx_stereo_config 
_chem_comp_atom.pdbx_ordinal 
ALA N    N N N 1   
ALA CA   C N S 2   
ALA C    C N N 3   
ALA O    O N N 4   
ALA CB   C N N 5   
ALA OXT  O N N 6   
ALA H    H N N 7   
ALA H2   H N N 8   
ALA HA   H N N 9   
ALA HB1  H N N 10  
ALA HB2  H N N 11  
ALA HB3  H N N 12  
ALA HXT  H N N 13  
ARG N    N N N 14  
ARG CA   C N S 15  
ARG C    C N N 16  
ARG O    O N N 17  
ARG CB   C N N 18  
ARG CG   C N N 19  
ARG CD   C N N 20  
ARG NE   N N N 21  
ARG CZ   C N N 22  
ARG NH1  N N N 23  
ARG NH2  N N N 24  
ARG OXT  O N N 25  
ARG H    H N N 26  
ARG H2   H N N 27  
ARG HA   H N N 28  
ARG HB2  H N N 29  
ARG HB3  H N N 30  
ARG HG2  H N N 31  
ARG HG3  H N N 32  
ARG HD2  H N N 33  
ARG HD3  H N N 34  
ARG HE   H N N 35  
ARG HH11 H N N 36  
ARG HH12 H N N 37  
ARG HH21 H N N 38  
ARG HH22 H N N 39  
ARG HXT  H N N 40  
ASN N    N N N 41  
ASN CA   C N S 42  
ASN C    C N N 43  
ASN O    O N N 44  
ASN CB   C N N 45  
ASN CG   C N N 46  
ASN OD1  O N N 47  
ASN ND2  N N N 48  
ASN OXT  O N N 49  
ASN H    H N N 50  
ASN H2   H N N 51  
ASN HA   H N N 52  
ASN HB2  H N N 53  
ASN HB3  H N N 54  
ASN HD21 H N N 55  
ASN HD22 H N N 56  
ASN HXT  H N N 57  
ASP N    N N N 58  
ASP CA   C N S 59  
ASP C    C N N 60  
ASP O    O N N 61  
ASP CB   C N N 62  
ASP CG   C N N 63  
ASP OD1  O N N 64  
ASP OD2  O N N 65  
ASP OXT  O N N 66  
ASP H    H N N 67  
ASP H2   H N N 68  
ASP HA   H N N 69  
ASP HB2  H N N 70  
ASP HB3  H N N 71  
ASP HD2  H N N 72  
ASP HXT  H N N 73  
GLN N    N N N 74  
GLN CA   C N S 75  
GLN C    C N N 76  
GLN O    O N N 77  
GLN CB   C N N 78  
GLN CG   C N N 79  
GLN CD   C N N 80  
GLN OE1  O N N 81  
GLN NE2  N N N 82  
GLN OXT  O N N 83  
GLN H    H N N 84  
GLN H2   H N N 85  
GLN HA   H N N 86  
GLN HB2  H N N 87  
GLN HB3  H N N 88  
GLN HG2  H N N 89  
GLN HG3  H N N 90  
GLN HE21 H N N 91  
GLN HE22 H N N 92  
GLN HXT  H N N 93  
GLU N    N N N 94  
GLU CA   C N S 95  
GLU C    C N N 96  
GLU O    O N N 97  
GLU CB   C N N 98  
GLU CG   C N N 99  
GLU CD   C N N 100 
GLU OE1  O N N 101 
GLU OE2  O N N 102 
GLU OXT  O N N 103 
GLU H    H N N 104 
GLU H2   H N N 105 
GLU HA   H N N 106 
GLU HB2  H N N 107 
GLU HB3  H N N 108 
GLU HG2  H N N 109 
GLU HG3  H N N 110 
GLU HE2  H N N 111 
GLU HXT  H N N 112 
GLY N    N N N 113 
GLY CA   C N N 114 
GLY C    C N N 115 
GLY O    O N N 116 
GLY OXT  O N N 117 
GLY H    H N N 118 
GLY H2   H N N 119 
GLY HA2  H N N 120 
GLY HA3  H N N 121 
GLY HXT  H N N 122 
HIS N    N N N 123 
HIS CA   C N S 124 
HIS C    C N N 125 
HIS O    O N N 126 
HIS CB   C N N 127 
HIS CG   C Y N 128 
HIS ND1  N Y N 129 
HIS CD2  C Y N 130 
HIS CE1  C Y N 131 
HIS NE2  N Y N 132 
HIS OXT  O N N 133 
HIS H    H N N 134 
HIS H2   H N N 135 
HIS HA   H N N 136 
HIS HB2  H N N 137 
HIS HB3  H N N 138 
HIS HD1  H N N 139 
HIS HD2  H N N 140 
HIS HE1  H N N 141 
HIS HE2  H N N 142 
HIS HXT  H N N 143 
ILE N    N N N 144 
ILE CA   C N S 145 
ILE C    C N N 146 
ILE O    O N N 147 
ILE CB   C N S 148 
ILE CG1  C N N 149 
ILE CG2  C N N 150 
ILE CD1  C N N 151 
ILE OXT  O N N 152 
ILE H    H N N 153 
ILE H2   H N N 154 
ILE HA   H N N 155 
ILE HB   H N N 156 
ILE HG12 H N N 157 
ILE HG13 H N N 158 
ILE HG21 H N N 159 
ILE HG22 H N N 160 
ILE HG23 H N N 161 
ILE HD11 H N N 162 
ILE HD12 H N N 163 
ILE HD13 H N N 164 
ILE HXT  H N N 165 
LEU N    N N N 166 
LEU CA   C N S 167 
LEU C    C N N 168 
LEU O    O N N 169 
LEU CB   C N N 170 
LEU CG   C N N 171 
LEU CD1  C N N 172 
LEU CD2  C N N 173 
LEU OXT  O N N 174 
LEU H    H N N 175 
LEU H2   H N N 176 
LEU HA   H N N 177 
LEU HB2  H N N 178 
LEU HB3  H N N 179 
LEU HG   H N N 180 
LEU HD11 H N N 181 
LEU HD12 H N N 182 
LEU HD13 H N N 183 
LEU HD21 H N N 184 
LEU HD22 H N N 185 
LEU HD23 H N N 186 
LEU HXT  H N N 187 
LYS N    N N N 188 
LYS CA   C N S 189 
LYS C    C N N 190 
LYS O    O N N 191 
LYS CB   C N N 192 
LYS CG   C N N 193 
LYS CD   C N N 194 
LYS CE   C N N 195 
LYS NZ   N N N 196 
LYS OXT  O N N 197 
LYS H    H N N 198 
LYS H2   H N N 199 
LYS HA   H N N 200 
LYS HB2  H N N 201 
LYS HB3  H N N 202 
LYS HG2  H N N 203 
LYS HG3  H N N 204 
LYS HD2  H N N 205 
LYS HD3  H N N 206 
LYS HE2  H N N 207 
LYS HE3  H N N 208 
LYS HZ1  H N N 209 
LYS HZ2  H N N 210 
LYS HZ3  H N N 211 
LYS HXT  H N N 212 
MET N    N N N 213 
MET CA   C N S 214 
MET C    C N N 215 
MET O    O N N 216 
MET CB   C N N 217 
MET CG   C N N 218 
MET SD   S N N 219 
MET CE   C N N 220 
MET OXT  O N N 221 
MET H    H N N 222 
MET H2   H N N 223 
MET HA   H N N 224 
MET HB2  H N N 225 
MET HB3  H N N 226 
MET HG2  H N N 227 
MET HG3  H N N 228 
MET HE1  H N N 229 
MET HE2  H N N 230 
MET HE3  H N N 231 
MET HXT  H N N 232 
PHE N    N N N 233 
PHE CA   C N S 234 
PHE C    C N N 235 
PHE O    O N N 236 
PHE CB   C N N 237 
PHE CG   C Y N 238 
PHE CD1  C Y N 239 
PHE CD2  C Y N 240 
PHE CE1  C Y N 241 
PHE CE2  C Y N 242 
PHE CZ   C Y N 243 
PHE OXT  O N N 244 
PHE H    H N N 245 
PHE H2   H N N 246 
PHE HA   H N N 247 
PHE HB2  H N N 248 
PHE HB3  H N N 249 
PHE HD1  H N N 250 
PHE HD2  H N N 251 
PHE HE1  H N N 252 
PHE HE2  H N N 253 
PHE HZ   H N N 254 
PHE HXT  H N N 255 
PRO N    N N N 256 
PRO CA   C N S 257 
PRO C    C N N 258 
PRO O    O N N 259 
PRO CB   C N N 260 
PRO CG   C N N 261 
PRO CD   C N N 262 
PRO OXT  O N N 263 
PRO H    H N N 264 
PRO HA   H N N 265 
PRO HB2  H N N 266 
PRO HB3  H N N 267 
PRO HG2  H N N 268 
PRO HG3  H N N 269 
PRO HD2  H N N 270 
PRO HD3  H N N 271 
PRO HXT  H N N 272 
SER N    N N N 273 
SER CA   C N S 274 
SER C    C N N 275 
SER O    O N N 276 
SER CB   C N N 277 
SER OG   O N N 278 
SER OXT  O N N 279 
SER H    H N N 280 
SER H2   H N N 281 
SER HA   H N N 282 
SER HB2  H N N 283 
SER HB3  H N N 284 
SER HG   H N N 285 
SER HXT  H N N 286 
THR N    N N N 287 
THR CA   C N S 288 
THR C    C N N 289 
THR O    O N N 290 
THR CB   C N R 291 
THR OG1  O N N 292 
THR CG2  C N N 293 
THR OXT  O N N 294 
THR H    H N N 295 
THR H2   H N N 296 
THR HA   H N N 297 
THR HB   H N N 298 
THR HG1  H N N 299 
THR HG21 H N N 300 
THR HG22 H N N 301 
THR HG23 H N N 302 
THR HXT  H N N 303 
TRP N    N N N 304 
TRP CA   C N S 305 
TRP C    C N N 306 
TRP O    O N N 307 
TRP CB   C N N 308 
TRP CG   C Y N 309 
TRP CD1  C Y N 310 
TRP CD2  C Y N 311 
TRP NE1  N Y N 312 
TRP CE2  C Y N 313 
TRP CE3  C Y N 314 
TRP CZ2  C Y N 315 
TRP CZ3  C Y N 316 
TRP CH2  C Y N 317 
TRP OXT  O N N 318 
TRP H    H N N 319 
TRP H2   H N N 320 
TRP HA   H N N 321 
TRP HB2  H N N 322 
TRP HB3  H N N 323 
TRP HD1  H N N 324 
TRP HE1  H N N 325 
TRP HE3  H N N 326 
TRP HZ2  H N N 327 
TRP HZ3  H N N 328 
TRP HH2  H N N 329 
TRP HXT  H N N 330 
TYR N    N N N 331 
TYR CA   C N S 332 
TYR C    C N N 333 
TYR O    O N N 334 
TYR CB   C N N 335 
TYR CG   C Y N 336 
TYR CD1  C Y N 337 
TYR CD2  C Y N 338 
TYR CE1  C Y N 339 
TYR CE2  C Y N 340 
TYR CZ   C Y N 341 
TYR OH   O N N 342 
TYR OXT  O N N 343 
TYR H    H N N 344 
TYR H2   H N N 345 
TYR HA   H N N 346 
TYR HB2  H N N 347 
TYR HB3  H N N 348 
TYR HD1  H N N 349 
TYR HD2  H N N 350 
TYR HE1  H N N 351 
TYR HE2  H N N 352 
TYR HH   H N N 353 
TYR HXT  H N N 354 
VAL N    N N N 355 
VAL CA   C N S 356 
VAL C    C N N 357 
VAL O    O N N 358 
VAL CB   C N N 359 
VAL CG1  C N N 360 
VAL CG2  C N N 361 
VAL OXT  O N N 362 
VAL H    H N N 363 
VAL H2   H N N 364 
VAL HA   H N N 365 
VAL HB   H N N 366 
VAL HG11 H N N 367 
VAL HG12 H N N 368 
VAL HG13 H N N 369 
VAL HG21 H N N 370 
VAL HG22 H N N 371 
VAL HG23 H N N 372 
VAL HXT  H N N 373 
# 
loop_
_chem_comp_bond.comp_id 
_chem_comp_bond.atom_id_1 
_chem_comp_bond.atom_id_2 
_chem_comp_bond.value_order 
_chem_comp_bond.pdbx_aromatic_flag 
_chem_comp_bond.pdbx_stereo_config 
_chem_comp_bond.pdbx_ordinal 
ALA N   CA   sing N N 1   
ALA N   H    sing N N 2   
ALA N   H2   sing N N 3   
ALA CA  C    sing N N 4   
ALA CA  CB   sing N N 5   
ALA CA  HA   sing N N 6   
ALA C   O    doub N N 7   
ALA C   OXT  sing N N 8   
ALA CB  HB1  sing N N 9   
ALA CB  HB2  sing N N 10  
ALA CB  HB3  sing N N 11  
ALA OXT HXT  sing N N 12  
ARG N   CA   sing N N 13  
ARG N   H    sing N N 14  
ARG N   H2   sing N N 15  
ARG CA  C    sing N N 16  
ARG CA  CB   sing N N 17  
ARG CA  HA   sing N N 18  
ARG C   O    doub N N 19  
ARG C   OXT  sing N N 20  
ARG CB  CG   sing N N 21  
ARG CB  HB2  sing N N 22  
ARG CB  HB3  sing N N 23  
ARG CG  CD   sing N N 24  
ARG CG  HG2  sing N N 25  
ARG CG  HG3  sing N N 26  
ARG CD  NE   sing N N 27  
ARG CD  HD2  sing N N 28  
ARG CD  HD3  sing N N 29  
ARG NE  CZ   sing N N 30  
ARG NE  HE   sing N N 31  
ARG CZ  NH1  sing N N 32  
ARG CZ  NH2  doub N N 33  
ARG NH1 HH11 sing N N 34  
ARG NH1 HH12 sing N N 35  
ARG NH2 HH21 sing N N 36  
ARG NH2 HH22 sing N N 37  
ARG OXT HXT  sing N N 38  
ASN N   CA   sing N N 39  
ASN N   H    sing N N 40  
ASN N   H2   sing N N 41  
ASN CA  C    sing N N 42  
ASN CA  CB   sing N N 43  
ASN CA  HA   sing N N 44  
ASN C   O    doub N N 45  
ASN C   OXT  sing N N 46  
ASN CB  CG   sing N N 47  
ASN CB  HB2  sing N N 48  
ASN CB  HB3  sing N N 49  
ASN CG  OD1  doub N N 50  
ASN CG  ND2  sing N N 51  
ASN ND2 HD21 sing N N 52  
ASN ND2 HD22 sing N N 53  
ASN OXT HXT  sing N N 54  
ASP N   CA   sing N N 55  
ASP N   H    sing N N 56  
ASP N   H2   sing N N 57  
ASP CA  C    sing N N 58  
ASP CA  CB   sing N N 59  
ASP CA  HA   sing N N 60  
ASP C   O    doub N N 61  
ASP C   OXT  sing N N 62  
ASP CB  CG   sing N N 63  
ASP CB  HB2  sing N N 64  
ASP CB  HB3  sing N N 65  
ASP CG  OD1  doub N N 66  
ASP CG  OD2  sing N N 67  
ASP OD2 HD2  sing N N 68  
ASP OXT HXT  sing N N 69  
GLN N   CA   sing N N 70  
GLN N   H    sing N N 71  
GLN N   H2   sing N N 72  
GLN CA  C    sing N N 73  
GLN CA  CB   sing N N 74  
GLN CA  HA   sing N N 75  
GLN C   O    doub N N 76  
GLN C   OXT  sing N N 77  
GLN CB  CG   sing N N 78  
GLN CB  HB2  sing N N 79  
GLN CB  HB3  sing N N 80  
GLN CG  CD   sing N N 81  
GLN CG  HG2  sing N N 82  
GLN CG  HG3  sing N N 83  
GLN CD  OE1  doub N N 84  
GLN CD  NE2  sing N N 85  
GLN NE2 HE21 sing N N 86  
GLN NE2 HE22 sing N N 87  
GLN OXT HXT  sing N N 88  
GLU N   CA   sing N N 89  
GLU N   H    sing N N 90  
GLU N   H2   sing N N 91  
GLU CA  C    sing N N 92  
GLU CA  CB   sing N N 93  
GLU CA  HA   sing N N 94  
GLU C   O    doub N N 95  
GLU C   OXT  sing N N 96  
GLU CB  CG   sing N N 97  
GLU CB  HB2  sing N N 98  
GLU CB  HB3  sing N N 99  
GLU CG  CD   sing N N 100 
GLU CG  HG2  sing N N 101 
GLU CG  HG3  sing N N 102 
GLU CD  OE1  doub N N 103 
GLU CD  OE2  sing N N 104 
GLU OE2 HE2  sing N N 105 
GLU OXT HXT  sing N N 106 
GLY N   CA   sing N N 107 
GLY N   H    sing N N 108 
GLY N   H2   sing N N 109 
GLY CA  C    sing N N 110 
GLY CA  HA2  sing N N 111 
GLY CA  HA3  sing N N 112 
GLY C   O    doub N N 113 
GLY C   OXT  sing N N 114 
GLY OXT HXT  sing N N 115 
HIS N   CA   sing N N 116 
HIS N   H    sing N N 117 
HIS N   H2   sing N N 118 
HIS CA  C    sing N N 119 
HIS CA  CB   sing N N 120 
HIS CA  HA   sing N N 121 
HIS C   O    doub N N 122 
HIS C   OXT  sing N N 123 
HIS CB  CG   sing N N 124 
HIS CB  HB2  sing N N 125 
HIS CB  HB3  sing N N 126 
HIS CG  ND1  sing Y N 127 
HIS CG  CD2  doub Y N 128 
HIS ND1 CE1  doub Y N 129 
HIS ND1 HD1  sing N N 130 
HIS CD2 NE2  sing Y N 131 
HIS CD2 HD2  sing N N 132 
HIS CE1 NE2  sing Y N 133 
HIS CE1 HE1  sing N N 134 
HIS NE2 HE2  sing N N 135 
HIS OXT HXT  sing N N 136 
ILE N   CA   sing N N 137 
ILE N   H    sing N N 138 
ILE N   H2   sing N N 139 
ILE CA  C    sing N N 140 
ILE CA  CB   sing N N 141 
ILE CA  HA   sing N N 142 
ILE C   O    doub N N 143 
ILE C   OXT  sing N N 144 
ILE CB  CG1  sing N N 145 
ILE CB  CG2  sing N N 146 
ILE CB  HB   sing N N 147 
ILE CG1 CD1  sing N N 148 
ILE CG1 HG12 sing N N 149 
ILE CG1 HG13 sing N N 150 
ILE CG2 HG21 sing N N 151 
ILE CG2 HG22 sing N N 152 
ILE CG2 HG23 sing N N 153 
ILE CD1 HD11 sing N N 154 
ILE CD1 HD12 sing N N 155 
ILE CD1 HD13 sing N N 156 
ILE OXT HXT  sing N N 157 
LEU N   CA   sing N N 158 
LEU N   H    sing N N 159 
LEU N   H2   sing N N 160 
LEU CA  C    sing N N 161 
LEU CA  CB   sing N N 162 
LEU CA  HA   sing N N 163 
LEU C   O    doub N N 164 
LEU C   OXT  sing N N 165 
LEU CB  CG   sing N N 166 
LEU CB  HB2  sing N N 167 
LEU CB  HB3  sing N N 168 
LEU CG  CD1  sing N N 169 
LEU CG  CD2  sing N N 170 
LEU CG  HG   sing N N 171 
LEU CD1 HD11 sing N N 172 
LEU CD1 HD12 sing N N 173 
LEU CD1 HD13 sing N N 174 
LEU CD2 HD21 sing N N 175 
LEU CD2 HD22 sing N N 176 
LEU CD2 HD23 sing N N 177 
LEU OXT HXT  sing N N 178 
LYS N   CA   sing N N 179 
LYS N   H    sing N N 180 
LYS N   H2   sing N N 181 
LYS CA  C    sing N N 182 
LYS CA  CB   sing N N 183 
LYS CA  HA   sing N N 184 
LYS C   O    doub N N 185 
LYS C   OXT  sing N N 186 
LYS CB  CG   sing N N 187 
LYS CB  HB2  sing N N 188 
LYS CB  HB3  sing N N 189 
LYS CG  CD   sing N N 190 
LYS CG  HG2  sing N N 191 
LYS CG  HG3  sing N N 192 
LYS CD  CE   sing N N 193 
LYS CD  HD2  sing N N 194 
LYS CD  HD3  sing N N 195 
LYS CE  NZ   sing N N 196 
LYS CE  HE2  sing N N 197 
LYS CE  HE3  sing N N 198 
LYS NZ  HZ1  sing N N 199 
LYS NZ  HZ2  sing N N 200 
LYS NZ  HZ3  sing N N 201 
LYS OXT HXT  sing N N 202 
MET N   CA   sing N N 203 
MET N   H    sing N N 204 
MET N   H2   sing N N 205 
MET CA  C    sing N N 206 
MET CA  CB   sing N N 207 
MET CA  HA   sing N N 208 
MET C   O    doub N N 209 
MET C   OXT  sing N N 210 
MET CB  CG   sing N N 211 
MET CB  HB2  sing N N 212 
MET CB  HB3  sing N N 213 
MET CG  SD   sing N N 214 
MET CG  HG2  sing N N 215 
MET CG  HG3  sing N N 216 
MET SD  CE   sing N N 217 
MET CE  HE1  sing N N 218 
MET CE  HE2  sing N N 219 
MET CE  HE3  sing N N 220 
MET OXT HXT  sing N N 221 
PHE N   CA   sing N N 222 
PHE N   H    sing N N 223 
PHE N   H2   sing N N 224 
PHE CA  C    sing N N 225 
PHE CA  CB   sing N N 226 
PHE CA  HA   sing N N 227 
PHE C   O    doub N N 228 
PHE C   OXT  sing N N 229 
PHE CB  CG   sing N N 230 
PHE CB  HB2  sing N N 231 
PHE CB  HB3  sing N N 232 
PHE CG  CD1  doub Y N 233 
PHE CG  CD2  sing Y N 234 
PHE CD1 CE1  sing Y N 235 
PHE CD1 HD1  sing N N 236 
PHE CD2 CE2  doub Y N 237 
PHE CD2 HD2  sing N N 238 
PHE CE1 CZ   doub Y N 239 
PHE CE1 HE1  sing N N 240 
PHE CE2 CZ   sing Y N 241 
PHE CE2 HE2  sing N N 242 
PHE CZ  HZ   sing N N 243 
PHE OXT HXT  sing N N 244 
PRO N   CA   sing N N 245 
PRO N   CD   sing N N 246 
PRO N   H    sing N N 247 
PRO CA  C    sing N N 248 
PRO CA  CB   sing N N 249 
PRO CA  HA   sing N N 250 
PRO C   O    doub N N 251 
PRO C   OXT  sing N N 252 
PRO CB  CG   sing N N 253 
PRO CB  HB2  sing N N 254 
PRO CB  HB3  sing N N 255 
PRO CG  CD   sing N N 256 
PRO CG  HG2  sing N N 257 
PRO CG  HG3  sing N N 258 
PRO CD  HD2  sing N N 259 
PRO CD  HD3  sing N N 260 
PRO OXT HXT  sing N N 261 
SER N   CA   sing N N 262 
SER N   H    sing N N 263 
SER N   H2   sing N N 264 
SER CA  C    sing N N 265 
SER CA  CB   sing N N 266 
SER CA  HA   sing N N 267 
SER C   O    doub N N 268 
SER C   OXT  sing N N 269 
SER CB  OG   sing N N 270 
SER CB  HB2  sing N N 271 
SER CB  HB3  sing N N 272 
SER OG  HG   sing N N 273 
SER OXT HXT  sing N N 274 
THR N   CA   sing N N 275 
THR N   H    sing N N 276 
THR N   H2   sing N N 277 
THR CA  C    sing N N 278 
THR CA  CB   sing N N 279 
THR CA  HA   sing N N 280 
THR C   O    doub N N 281 
THR C   OXT  sing N N 282 
THR CB  OG1  sing N N 283 
THR CB  CG2  sing N N 284 
THR CB  HB   sing N N 285 
THR OG1 HG1  sing N N 286 
THR CG2 HG21 sing N N 287 
THR CG2 HG22 sing N N 288 
THR CG2 HG23 sing N N 289 
THR OXT HXT  sing N N 290 
TRP N   CA   sing N N 291 
TRP N   H    sing N N 292 
TRP N   H2   sing N N 293 
TRP CA  C    sing N N 294 
TRP CA  CB   sing N N 295 
TRP CA  HA   sing N N 296 
TRP C   O    doub N N 297 
TRP C   OXT  sing N N 298 
TRP CB  CG   sing N N 299 
TRP CB  HB2  sing N N 300 
TRP CB  HB3  sing N N 301 
TRP CG  CD1  doub Y N 302 
TRP CG  CD2  sing Y N 303 
TRP CD1 NE1  sing Y N 304 
TRP CD1 HD1  sing N N 305 
TRP CD2 CE2  doub Y N 306 
TRP CD2 CE3  sing Y N 307 
TRP NE1 CE2  sing Y N 308 
TRP NE1 HE1  sing N N 309 
TRP CE2 CZ2  sing Y N 310 
TRP CE3 CZ3  doub Y N 311 
TRP CE3 HE3  sing N N 312 
TRP CZ2 CH2  doub Y N 313 
TRP CZ2 HZ2  sing N N 314 
TRP CZ3 CH2  sing Y N 315 
TRP CZ3 HZ3  sing N N 316 
TRP CH2 HH2  sing N N 317 
TRP OXT HXT  sing N N 318 
TYR N   CA   sing N N 319 
TYR N   H    sing N N 320 
TYR N   H2   sing N N 321 
TYR CA  C    sing N N 322 
TYR CA  CB   sing N N 323 
TYR CA  HA   sing N N 324 
TYR C   O    doub N N 325 
TYR C   OXT  sing N N 326 
TYR CB  CG   sing N N 327 
TYR CB  HB2  sing N N 328 
TYR CB  HB3  sing N N 329 
TYR CG  CD1  doub Y N 330 
TYR CG  CD2  sing Y N 331 
TYR CD1 CE1  sing Y N 332 
TYR CD1 HD1  sing N N 333 
TYR CD2 CE2  doub Y N 334 
TYR CD2 HD2  sing N N 335 
TYR CE1 CZ   doub Y N 336 
TYR CE1 HE1  sing N N 337 
TYR CE2 CZ   sing Y N 338 
TYR CE2 HE2  sing N N 339 
TYR CZ  OH   sing N N 340 
TYR OH  HH   sing N N 341 
TYR OXT HXT  sing N N 342 
VAL N   CA   sing N N 343 
VAL N   H    sing N N 344 
VAL N   H2   sing N N 345 
VAL CA  C    sing N N 346 
VAL CA  CB   sing N N 347 
VAL CA  HA   sing N N 348 
VAL C   O    doub N N 349 
VAL C   OXT  sing N N 350 
VAL CB  CG1  sing N N 351 
VAL CB  CG2  sing N N 352 
VAL CB  HB   sing N N 353 
VAL CG1 HG11 sing N N 354 
VAL CG1 HG12 sing N N 355 
VAL CG1 HG13 sing N N 356 
VAL CG2 HG21 sing N N 357 
VAL CG2 HG22 sing N N 358 
VAL CG2 HG23 sing N N 359 
VAL OXT HXT  sing N N 360 
# 
loop_
_pdbx_nmr_spectrometer.spectrometer_id 
_pdbx_nmr_spectrometer.model 
_pdbx_nmr_spectrometer.manufacturer 
_pdbx_nmr_spectrometer.field_strength 
1 DMX750 Bruker 750 
2 DMX500 Bruker 500 
# 
_atom_sites.entry_id                    2GCC 
_atom_sites.fract_transf_matrix[1][1]   1.000000 
_atom_sites.fract_transf_matrix[1][2]   0.000000 
_atom_sites.fract_transf_matrix[1][3]   0.000000 
_atom_sites.fract_transf_matrix[2][1]   0.000000 
_atom_sites.fract_transf_matrix[2][2]   1.000000 
_atom_sites.fract_transf_matrix[2][3]   0.000000 
_atom_sites.fract_transf_matrix[3][1]   0.000000 
_atom_sites.fract_transf_matrix[3][2]   0.000000 
_atom_sites.fract_transf_matrix[3][3]   1.000000 
_atom_sites.fract_transf_vector[1]      0.00000 
_atom_sites.fract_transf_vector[2]      0.00000 
_atom_sites.fract_transf_vector[3]      0.00000 
# 
loop_
_atom_type.symbol 
C 
H 
N 
O 
S 
# 
loop_
_atom_site.group_PDB 
_atom_site.id 
_atom_site.type_symbol 
_atom_site.label_atom_id 
_atom_site.label_alt_id 
_atom_site.label_comp_id 
_atom_site.label_asym_id 
_atom_site.label_entity_id 
_atom_site.label_seq_id 
_atom_site.pdbx_PDB_ins_code 
_atom_site.Cartn_x 
_atom_site.Cartn_y 
_atom_site.Cartn_z 
_atom_site.occupancy 
_atom_site.B_iso_or_equiv 
_atom_site.pdbx_formal_charge 
_atom_site.auth_seq_id 
_atom_site.auth_comp_id 
_atom_site.auth_asym_id 
_atom_site.auth_atom_id 
_atom_site.pdbx_PDB_model_num 
ATOM 1    N N    . LYS A 1 4  ? -8.170  -5.120  9.900   1.00 0.00 ? 144 LYS A N    1 
ATOM 2    C CA   . LYS A 1 4  ? -9.340  -5.234  8.983   1.00 0.00 ? 144 LYS A CA   1 
ATOM 3    C C    . LYS A 1 4  ? -9.144  -4.309  7.785   1.00 0.00 ? 144 LYS A C    1 
ATOM 4    O O    . LYS A 1 4  ? -9.151  -4.736  6.646   1.00 0.00 ? 144 LYS A O    1 
ATOM 5    C CB   . LYS A 1 4  ? -10.615 -4.833  9.727   1.00 0.00 ? 144 LYS A CB   1 
ATOM 6    C CG   . LYS A 1 4  ? -11.632 -5.971  9.647   1.00 0.00 ? 144 LYS A CG   1 
ATOM 7    C CD   . LYS A 1 4  ? -11.263 -7.059  10.659  1.00 0.00 ? 144 LYS A CD   1 
ATOM 8    C CE   . LYS A 1 4  ? -11.815 -6.684  12.036  1.00 0.00 ? 144 LYS A CE   1 
ATOM 9    N NZ   . LYS A 1 4  ? -13.044 -7.480  12.314  1.00 0.00 ? 144 LYS A NZ   1 
ATOM 10   H HA   . LYS A 1 4  ? -9.430  -6.249  8.640   1.00 0.00 ? 144 LYS A HA   1 
ATOM 11   H HB2  . LYS A 1 4  ? -10.379 -4.631  10.763  1.00 0.00 ? 144 LYS A HB2  1 
ATOM 12   H HB3  . LYS A 1 4  ? -11.033 -3.947  9.274   1.00 0.00 ? 144 LYS A HB3  1 
ATOM 13   H HG2  . LYS A 1 4  ? -12.618 -5.587  9.870   1.00 0.00 ? 144 LYS A HG2  1 
ATOM 14   H HG3  . LYS A 1 4  ? -11.626 -6.390  8.653   1.00 0.00 ? 144 LYS A HG3  1 
ATOM 15   H HD2  . LYS A 1 4  ? -11.689 -8.001  10.342  1.00 0.00 ? 144 LYS A HD2  1 
ATOM 16   H HD3  . LYS A 1 4  ? -10.189 -7.149  10.716  1.00 0.00 ? 144 LYS A HD3  1 
ATOM 17   H HE2  . LYS A 1 4  ? -11.072 -6.893  12.791  1.00 0.00 ? 144 LYS A HE2  1 
ATOM 18   H HE3  . LYS A 1 4  ? -12.058 -5.631  12.052  1.00 0.00 ? 144 LYS A HE3  1 
ATOM 19   H HZ1  . LYS A 1 4  ? -12.823 -8.495  12.244  1.00 0.00 ? 144 LYS A HZ1  1 
ATOM 20   H HZ2  . LYS A 1 4  ? -13.388 -7.266  13.271  1.00 0.00 ? 144 LYS A HZ2  1 
ATOM 21   H HZ3  . LYS A 1 4  ? -13.781 -7.235  11.622  1.00 0.00 ? 144 LYS A HZ3  1 
ATOM 22   N N    . HIS A 1 5  ? -8.975  -3.045  8.037   1.00 0.00 ? 145 HIS A N    1 
ATOM 23   C CA   . HIS A 1 5  ? -8.780  -2.080  6.920   1.00 0.00 ? 145 HIS A CA   1 
ATOM 24   C C    . HIS A 1 5  ? -7.295  -1.751  6.780   1.00 0.00 ? 145 HIS A C    1 
ATOM 25   O O    . HIS A 1 5  ? -6.683  -1.200  7.674   1.00 0.00 ? 145 HIS A O    1 
ATOM 26   C CB   . HIS A 1 5  ? -9.564  -0.798  7.210   1.00 0.00 ? 145 HIS A CB   1 
ATOM 27   C CG   . HIS A 1 5  ? -10.824 -0.787  6.391   1.00 0.00 ? 145 HIS A CG   1 
ATOM 28   N ND1  . HIS A 1 5  ? -11.898 0.036   6.696   1.00 0.00 ? 145 HIS A ND1  1 
ATOM 29   C CD2  . HIS A 1 5  ? -11.200 -1.493  5.275   1.00 0.00 ? 145 HIS A CD2  1 
ATOM 30   C CE1  . HIS A 1 5  ? -12.857 -0.193  5.782   1.00 0.00 ? 145 HIS A CE1  1 
ATOM 31   N NE2  . HIS A 1 5  ? -12.483 -1.117  4.892   1.00 0.00 ? 145 HIS A NE2  1 
ATOM 32   H H    . HIS A 1 5  ? -8.976  -2.733  8.963   1.00 0.00 ? 145 HIS A H    1 
ATOM 33   H HA   . HIS A 1 5  ? -9.136  -2.517  5.999   1.00 0.00 ? 145 HIS A HA   1 
ATOM 34   H HB2  . HIS A 1 5  ? -9.815  -0.760  8.260   1.00 0.00 ? 145 HIS A HB2  1 
ATOM 35   H HB3  . HIS A 1 5  ? -8.961  0.061   6.954   1.00 0.00 ? 145 HIS A HB3  1 
ATOM 36   H HD1  . HIS A 1 5  ? -11.947 0.669   7.442   1.00 0.00 ? 145 HIS A HD1  1 
ATOM 37   H HD2  . HIS A 1 5  ? -10.591 -2.230  4.770   1.00 0.00 ? 145 HIS A HD2  1 
ATOM 38   H HE1  . HIS A 1 5  ? -13.813 0.310   5.768   1.00 0.00 ? 145 HIS A HE1  1 
ATOM 39   N N    . TYR A 1 6  ? -6.710  -2.082  5.662   1.00 0.00 ? 146 TYR A N    1 
ATOM 40   C CA   . TYR A 1 6  ? -5.268  -1.785  5.464   1.00 0.00 ? 146 TYR A CA   1 
ATOM 41   C C    . TYR A 1 6  ? -5.116  -0.354  4.948   1.00 0.00 ? 146 TYR A C    1 
ATOM 42   O O    . TYR A 1 6  ? -5.852  0.089   4.088   1.00 0.00 ? 146 TYR A O    1 
ATOM 43   C CB   . TYR A 1 6  ? -4.680  -2.756  4.438   1.00 0.00 ? 146 TYR A CB   1 
ATOM 44   C CG   . TYR A 1 6  ? -4.513  -4.135  5.027   1.00 0.00 ? 146 TYR A CG   1 
ATOM 45   C CD1  . TYR A 1 6  ? -4.231  -4.310  6.387   1.00 0.00 ? 146 TYR A CD1  1 
ATOM 46   C CD2  . TYR A 1 6  ? -4.617  -5.244  4.187   1.00 0.00 ? 146 TYR A CD2  1 
ATOM 47   C CE1  . TYR A 1 6  ? -4.054  -5.599  6.899   1.00 0.00 ? 146 TYR A CE1  1 
ATOM 48   C CE2  . TYR A 1 6  ? -4.439  -6.526  4.696   1.00 0.00 ? 146 TYR A CE2  1 
ATOM 49   C CZ   . TYR A 1 6  ? -4.155  -6.710  6.053   1.00 0.00 ? 146 TYR A CZ   1 
ATOM 50   O OH   . TYR A 1 6  ? -3.980  -7.982  6.555   1.00 0.00 ? 146 TYR A OH   1 
ATOM 51   H H    . TYR A 1 6  ? -7.221  -2.524  4.951   1.00 0.00 ? 146 TYR A H    1 
ATOM 52   H HA   . TYR A 1 6  ? -4.745  -1.884  6.400   1.00 0.00 ? 146 TYR A HA   1 
ATOM 53   H HB2  . TYR A 1 6  ? -5.339  -2.814  3.587   1.00 0.00 ? 146 TYR A HB2  1 
ATOM 54   H HB3  . TYR A 1 6  ? -3.716  -2.395  4.115   1.00 0.00 ? 146 TYR A HB3  1 
ATOM 55   H HD1  . TYR A 1 6  ? -4.150  -3.456  7.041   1.00 0.00 ? 146 TYR A HD1  1 
ATOM 56   H HD2  . TYR A 1 6  ? -4.836  -5.105  3.138   1.00 0.00 ? 146 TYR A HD2  1 
ATOM 57   H HE1  . TYR A 1 6  ? -3.836  -5.736  7.945   1.00 0.00 ? 146 TYR A HE1  1 
ATOM 58   H HE2  . TYR A 1 6  ? -4.504  -7.374  4.036   1.00 0.00 ? 146 TYR A HE2  1 
ATOM 59   H HH   . TYR A 1 6  ? -4.799  -8.251  6.979   1.00 0.00 ? 146 TYR A HH   1 
ATOM 60   N N    . ARG A 1 7  ? -4.166  0.373   5.464   1.00 0.00 ? 147 ARG A N    1 
ATOM 61   C CA   . ARG A 1 7  ? -3.966  1.774   5.002   1.00 0.00 ? 147 ARG A CA   1 
ATOM 62   C C    . ARG A 1 7  ? -3.399  1.765   3.585   1.00 0.00 ? 147 ARG A C    1 
ATOM 63   O O    . ARG A 1 7  ? -2.232  1.499   3.373   1.00 0.00 ? 147 ARG A O    1 
ATOM 64   C CB   . ARG A 1 7  ? -2.987  2.476   5.938   1.00 0.00 ? 147 ARG A CB   1 
ATOM 65   C CG   . ARG A 1 7  ? -3.647  2.670   7.301   1.00 0.00 ? 147 ARG A CG   1 
ATOM 66   C CD   . ARG A 1 7  ? -2.899  3.754   8.072   1.00 0.00 ? 147 ARG A CD   1 
ATOM 67   N NE   . ARG A 1 7  ? -3.436  3.826   9.457   1.00 0.00 ? 147 ARG A NE   1 
ATOM 68   C CZ   . ARG A 1 7  ? -2.862  4.596   10.341  1.00 0.00 ? 147 ARG A CZ   1 
ATOM 69   N NH1  . ARG A 1 7  ? -3.122  5.875   10.355  1.00 0.00 ? 147 ARG A NH1  1 
ATOM 70   N NH2  . ARG A 1 7  ? -2.031  4.086   11.208  1.00 0.00 ? 147 ARG A NH2  1 
ATOM 71   H H    . ARG A 1 7  ? -3.581  -0.001  6.155   1.00 0.00 ? 147 ARG A H    1 
ATOM 72   H HA   . ARG A 1 7  ? -4.910  2.297   5.011   1.00 0.00 ? 147 ARG A HA   1 
ATOM 73   H HB2  . ARG A 1 7  ? -2.099  1.871   6.049   1.00 0.00 ? 147 ARG A HB2  1 
ATOM 74   H HB3  . ARG A 1 7  ? -2.722  3.438   5.528   1.00 0.00 ? 147 ARG A HB3  1 
ATOM 75   H HG2  . ARG A 1 7  ? -4.675  2.970   7.163   1.00 0.00 ? 147 ARG A HG2  1 
ATOM 76   H HG3  . ARG A 1 7  ? -3.610  1.745   7.856   1.00 0.00 ? 147 ARG A HG3  1 
ATOM 77   H HD2  . ARG A 1 7  ? -1.846  3.512   8.102   1.00 0.00 ? 147 ARG A HD2  1 
ATOM 78   H HD3  . ARG A 1 7  ? -3.037  4.705   7.580   1.00 0.00 ? 147 ARG A HD3  1 
ATOM 79   H HE   . ARG A 1 7  ? -4.221  3.295   9.706   1.00 0.00 ? 147 ARG A HE   1 
ATOM 80   H HH11 . ARG A 1 7  ? -3.759  6.264   9.689   1.00 0.00 ? 147 ARG A HH11 1 
ATOM 81   H HH12 . ARG A 1 7  ? -2.683  6.467   11.030  1.00 0.00 ? 147 ARG A HH12 1 
ATOM 82   H HH21 . ARG A 1 7  ? -1.833  3.105   11.198  1.00 0.00 ? 147 ARG A HH21 1 
ATOM 83   H HH22 . ARG A 1 7  ? -1.590  4.676   11.886  1.00 0.00 ? 147 ARG A HH22 1 
ATOM 84   N N    . GLY A 1 8  ? -4.216  2.054   2.612   1.00 0.00 ? 148 GLY A N    1 
ATOM 85   C CA   . GLY A 1 8  ? -3.728  2.062   1.207   1.00 0.00 ? 148 GLY A CA   1 
ATOM 86   C C    . GLY A 1 8  ? -4.444  0.974   0.402   1.00 0.00 ? 148 GLY A C    1 
ATOM 87   O O    . GLY A 1 8  ? -4.487  1.018   -0.811  1.00 0.00 ? 148 GLY A O    1 
ATOM 88   H H    . GLY A 1 8  ? -5.152  2.267   2.808   1.00 0.00 ? 148 GLY A H    1 
ATOM 89   H HA2  . GLY A 1 8  ? -3.927  3.028   0.764   1.00 0.00 ? 148 GLY A HA2  1 
ATOM 90   H HA3  . GLY A 1 8  ? -2.666  1.872   1.193   1.00 0.00 ? 148 GLY A HA3  1 
ATOM 91   N N    . VAL A 1 9  ? -5.009  -0.003  1.062   1.00 0.00 ? 149 VAL A N    1 
ATOM 92   C CA   . VAL A 1 9  ? -5.715  -1.086  0.317   1.00 0.00 ? 149 VAL A CA   1 
ATOM 93   C C    . VAL A 1 9  ? -7.216  -0.814  0.295   1.00 0.00 ? 149 VAL A C    1 
ATOM 94   O O    . VAL A 1 9  ? -7.858  -0.729  1.324   1.00 0.00 ? 149 VAL A O    1 
ATOM 95   C CB   . VAL A 1 9  ? -5.489  -2.436  0.996   1.00 0.00 ? 149 VAL A CB   1 
ATOM 96   C CG1  . VAL A 1 9  ? -6.020  -3.551  0.096   1.00 0.00 ? 149 VAL A CG1  1 
ATOM 97   C CG2  . VAL A 1 9  ? -4.002  -2.659  1.238   1.00 0.00 ? 149 VAL A CG2  1 
ATOM 98   H H    . VAL A 1 9  ? -4.966  -0.027  2.041   1.00 0.00 ? 149 VAL A H    1 
ATOM 99   H HA   . VAL A 1 9  ? -5.341  -1.127  -0.695  1.00 0.00 ? 149 VAL A HA   1 
ATOM 100  H HB   . VAL A 1 9  ? -6.018  -2.455  1.937   1.00 0.00 ? 149 VAL A HB   1 
ATOM 101  H HG11 . VAL A 1 9  ? -5.763  -3.339  -0.932  1.00 0.00 ? 149 VAL A HG11 1 
ATOM 102  H HG12 . VAL A 1 9  ? -5.580  -4.492  0.393   1.00 0.00 ? 149 VAL A HG12 1 
ATOM 103  H HG13 . VAL A 1 9  ? -7.093  -3.610  0.194   1.00 0.00 ? 149 VAL A HG13 1 
ATOM 104  H HG21 . VAL A 1 9  ? -3.474  -2.606  0.299   1.00 0.00 ? 149 VAL A HG21 1 
ATOM 105  H HG22 . VAL A 1 9  ? -3.629  -1.902  1.909   1.00 0.00 ? 149 VAL A HG22 1 
ATOM 106  H HG23 . VAL A 1 9  ? -3.858  -3.636  1.678   1.00 0.00 ? 149 VAL A HG23 1 
ATOM 107  N N    . ARG A 1 10 ? -7.786  -0.716  -0.870  1.00 0.00 ? 150 ARG A N    1 
ATOM 108  C CA   . ARG A 1 10 ? -9.254  -0.494  -0.957  1.00 0.00 ? 150 ARG A CA   1 
ATOM 109  C C    . ARG A 1 10 ? -9.904  -1.836  -1.288  1.00 0.00 ? 150 ARG A C    1 
ATOM 110  O O    . ARG A 1 10 ? -9.486  -2.526  -2.201  1.00 0.00 ? 150 ARG A O    1 
ATOM 111  C CB   . ARG A 1 10 ? -9.571  0.530   -2.049  1.00 0.00 ? 150 ARG A CB   1 
ATOM 112  C CG   . ARG A 1 10 ? -9.490  1.938   -1.456  1.00 0.00 ? 150 ARG A CG   1 
ATOM 113  C CD   . ARG A 1 10 ? -9.918  2.961   -2.508  1.00 0.00 ? 150 ARG A CD   1 
ATOM 114  N NE   . ARG A 1 10 ? -9.914  4.322   -1.900  1.00 0.00 ? 150 ARG A NE   1 
ATOM 115  C CZ   . ARG A 1 10 ? -10.911 5.136   -2.115  1.00 0.00 ? 150 ARG A CZ   1 
ATOM 116  N NH1  . ARG A 1 10 ? -12.041 4.963   -1.483  1.00 0.00 ? 150 ARG A NH1  1 
ATOM 117  N NH2  . ARG A 1 10 ? -10.777 6.124   -2.958  1.00 0.00 ? 150 ARG A NH2  1 
ATOM 118  H H    . ARG A 1 10 ? -7.253  -0.816  -1.686  1.00 0.00 ? 150 ARG A H    1 
ATOM 119  H HA   . ARG A 1 10 ? -9.625  -0.140  -0.005  1.00 0.00 ? 150 ARG A HA   1 
ATOM 120  H HB2  . ARG A 1 10 ? -8.857  0.435   -2.855  1.00 0.00 ? 150 ARG A HB2  1 
ATOM 121  H HB3  . ARG A 1 10 ? -10.567 0.359   -2.426  1.00 0.00 ? 150 ARG A HB3  1 
ATOM 122  H HG2  . ARG A 1 10 ? -10.143 2.006   -0.599  1.00 0.00 ? 150 ARG A HG2  1 
ATOM 123  H HG3  . ARG A 1 10 ? -8.474  2.143   -1.152  1.00 0.00 ? 150 ARG A HG3  1 
ATOM 124  H HD2  . ARG A 1 10 ? -9.229  2.935   -3.339  1.00 0.00 ? 150 ARG A HD2  1 
ATOM 125  H HD3  . ARG A 1 10 ? -10.913 2.726   -2.856  1.00 0.00 ? 150 ARG A HD3  1 
ATOM 126  H HE   . ARG A 1 10 ? -9.161  4.605   -1.341  1.00 0.00 ? 150 ARG A HE   1 
ATOM 127  H HH11 . ARG A 1 10 ? -12.142 4.206   -0.836  1.00 0.00 ? 150 ARG A HH11 1 
ATOM 128  H HH12 . ARG A 1 10 ? -12.805 5.588   -1.645  1.00 0.00 ? 150 ARG A HH12 1 
ATOM 129  H HH21 . ARG A 1 10 ? -9.910  6.256   -3.441  1.00 0.00 ? 150 ARG A HH21 1 
ATOM 130  H HH22 . ARG A 1 10 ? -11.540 6.749   -3.122  1.00 0.00 ? 150 ARG A HH22 1 
ATOM 131  N N    . GLN A 1 11 ? -10.897 -2.230  -0.540  1.00 0.00 ? 151 GLN A N    1 
ATOM 132  C CA   . GLN A 1 11 ? -11.544 -3.546  -0.802  1.00 0.00 ? 151 GLN A CA   1 
ATOM 133  C C    . GLN A 1 11 ? -12.842 -3.356  -1.588  1.00 0.00 ? 151 GLN A C    1 
ATOM 134  O O    . GLN A 1 11 ? -13.538 -2.372  -1.436  1.00 0.00 ? 151 GLN A O    1 
ATOM 135  C CB   . GLN A 1 11 ? -11.849 -4.235  0.530   1.00 0.00 ? 151 GLN A CB   1 
ATOM 136  C CG   . GLN A 1 11 ? -12.743 -3.332  1.388   1.00 0.00 ? 151 GLN A CG   1 
ATOM 137  C CD   . GLN A 1 11 ? -13.585 -4.189  2.339   1.00 0.00 ? 151 GLN A CD   1 
ATOM 138  O OE1  . GLN A 1 11 ? -14.057 -5.245  1.969   1.00 0.00 ? 151 GLN A OE1  1 
ATOM 139  N NE2  . GLN A 1 11 ? -13.796 -3.774  3.560   1.00 0.00 ? 151 GLN A NE2  1 
ATOM 140  H H    . GLN A 1 11 ? -11.203 -1.671  0.205   1.00 0.00 ? 151 GLN A H    1 
ATOM 141  H HA   . GLN A 1 11 ? -10.869 -4.165  -1.373  1.00 0.00 ? 151 GLN A HA   1 
ATOM 142  H HB2  . GLN A 1 11 ? -12.355 -5.170  0.342   1.00 0.00 ? 151 GLN A HB2  1 
ATOM 143  H HB3  . GLN A 1 11 ? -10.922 -4.423  1.051   1.00 0.00 ? 151 GLN A HB3  1 
ATOM 144  H HG2  . GLN A 1 11 ? -12.126 -2.656  1.963   1.00 0.00 ? 151 GLN A HG2  1 
ATOM 145  H HG3  . GLN A 1 11 ? -13.398 -2.761  0.748   1.00 0.00 ? 151 GLN A HG3  1 
ATOM 146  H HE21 . GLN A 1 11 ? -13.419 -2.921  3.862   1.00 0.00 ? 151 GLN A HE21 1 
ATOM 147  H HE22 . GLN A 1 11 ? -14.336 -4.316  4.175   1.00 0.00 ? 151 GLN A HE22 1 
ATOM 148  N N    . ARG A 1 12 ? -13.167 -4.300  -2.427  1.00 0.00 ? 152 ARG A N    1 
ATOM 149  C CA   . ARG A 1 12 ? -14.416 -4.198  -3.234  1.00 0.00 ? 152 ARG A CA   1 
ATOM 150  C C    . ARG A 1 12 ? -15.407 -5.271  -2.774  1.00 0.00 ? 152 ARG A C    1 
ATOM 151  O O    . ARG A 1 12 ? -15.016 -6.259  -2.181  1.00 0.00 ? 152 ARG A O    1 
ATOM 152  C CB   . ARG A 1 12 ? -14.081 -4.429  -4.710  1.00 0.00 ? 152 ARG A CB   1 
ATOM 153  C CG   . ARG A 1 12 ? -13.215 -3.280  -5.226  1.00 0.00 ? 152 ARG A CG   1 
ATOM 154  C CD   . ARG A 1 12 ? -13.244 -3.266  -6.754  1.00 0.00 ? 152 ARG A CD   1 
ATOM 155  N NE   . ARG A 1 12 ? -12.507 -2.073  -7.255  1.00 0.00 ? 152 ARG A NE   1 
ATOM 156  C CZ   . ARG A 1 12 ? -13.003 -1.357  -8.230  1.00 0.00 ? 152 ARG A CZ   1 
ATOM 157  N NH1  . ARG A 1 12 ? -14.036 -0.585  -8.013  1.00 0.00 ? 152 ARG A NH1  1 
ATOM 158  N NH2  . ARG A 1 12 ? -12.467 -1.414  -9.419  1.00 0.00 ? 152 ARG A NH2  1 
ATOM 159  H H    . ARG A 1 12 ? -12.587 -5.083  -2.528  1.00 0.00 ? 152 ARG A H    1 
ATOM 160  H HA   . ARG A 1 12 ? -14.854 -3.218  -3.110  1.00 0.00 ? 152 ARG A HA   1 
ATOM 161  H HB2  . ARG A 1 12 ? -13.542 -5.359  -4.811  1.00 0.00 ? 152 ARG A HB2  1 
ATOM 162  H HB3  . ARG A 1 12 ? -14.993 -4.476  -5.285  1.00 0.00 ? 152 ARG A HB3  1 
ATOM 163  H HG2  . ARG A 1 12 ? -13.597 -2.342  -4.848  1.00 0.00 ? 152 ARG A HG2  1 
ATOM 164  H HG3  . ARG A 1 12 ? -12.198 -3.417  -4.889  1.00 0.00 ? 152 ARG A HG3  1 
ATOM 165  H HD2  . ARG A 1 12 ? -12.776 -4.164  -7.131  1.00 0.00 ? 152 ARG A HD2  1 
ATOM 166  H HD3  . ARG A 1 12 ? -14.269 -3.226  -7.094  1.00 0.00 ? 152 ARG A HD3  1 
ATOM 167  H HE   . ARG A 1 12 ? -11.647 -1.824  -6.854  1.00 0.00 ? 152 ARG A HE   1 
ATOM 168  H HH11 . ARG A 1 12 ? -14.445 -0.541  -7.101  1.00 0.00 ? 152 ARG A HH11 1 
ATOM 169  H HH12 . ARG A 1 12 ? -14.415 -0.038  -8.759  1.00 0.00 ? 152 ARG A HH12 1 
ATOM 170  H HH21 . ARG A 1 12 ? -11.677 -2.003  -9.584  1.00 0.00 ? 152 ARG A HH21 1 
ATOM 171  H HH22 . ARG A 1 12 ? -12.847 -0.866  -10.164 1.00 0.00 ? 152 ARG A HH22 1 
ATOM 172  N N    . PRO A 1 13 ? -16.662 -5.051  -3.074  1.00 0.00 ? 153 PRO A N    1 
ATOM 173  C CA   . PRO A 1 13 ? -17.742 -5.990  -2.719  1.00 0.00 ? 153 PRO A CA   1 
ATOM 174  C C    . PRO A 1 13 ? -17.807 -7.141  -3.734  1.00 0.00 ? 153 PRO A C    1 
ATOM 175  O O    . PRO A 1 13 ? -18.871 -7.631  -4.060  1.00 0.00 ? 153 PRO A O    1 
ATOM 176  C CB   . PRO A 1 13 ? -19.004 -5.126  -2.804  1.00 0.00 ? 153 PRO A CB   1 
ATOM 177  C CG   . PRO A 1 13 ? -18.660 -3.941  -3.739  1.00 0.00 ? 153 PRO A CG   1 
ATOM 178  C CD   . PRO A 1 13 ? -17.124 -3.840  -3.782  1.00 0.00 ? 153 PRO A CD   1 
ATOM 179  H HA   . PRO A 1 13 ? -17.615 -6.367  -1.716  1.00 0.00 ? 153 PRO A HA   1 
ATOM 180  H HB2  . PRO A 1 13 ? -19.820 -5.704  -3.217  1.00 0.00 ? 153 PRO A HB2  1 
ATOM 181  H HB3  . PRO A 1 13 ? -19.266 -4.754  -1.827  1.00 0.00 ? 153 PRO A HB3  1 
ATOM 182  H HG2  . PRO A 1 13 ? -19.050 -4.126  -4.731  1.00 0.00 ? 153 PRO A HG2  1 
ATOM 183  H HG3  . PRO A 1 13 ? -19.073 -3.026  -3.343  1.00 0.00 ? 153 PRO A HG3  1 
ATOM 184  H HD2  . PRO A 1 13 ? -16.774 -3.840  -4.805  1.00 0.00 ? 153 PRO A HD2  1 
ATOM 185  H HD3  . PRO A 1 13 ? -16.786 -2.956  -3.264  1.00 0.00 ? 153 PRO A HD3  1 
ATOM 186  N N    . TRP A 1 14 ? -16.680 -7.572  -4.244  1.00 0.00 ? 154 TRP A N    1 
ATOM 187  C CA   . TRP A 1 14 ? -16.691 -8.681  -5.240  1.00 0.00 ? 154 TRP A CA   1 
ATOM 188  C C    . TRP A 1 14 ? -15.518 -9.636  -4.983  1.00 0.00 ? 154 TRP A C    1 
ATOM 189  O O    . TRP A 1 14 ? -15.627 -10.828 -5.194  1.00 0.00 ? 154 TRP A O    1 
ATOM 190  C CB   . TRP A 1 14 ? -16.586 -8.097  -6.650  1.00 0.00 ? 154 TRP A CB   1 
ATOM 191  C CG   . TRP A 1 14 ? -17.258 -9.021  -7.613  1.00 0.00 ? 154 TRP A CG   1 
ATOM 192  C CD1  . TRP A 1 14 ? -16.656 -9.636  -8.658  1.00 0.00 ? 154 TRP A CD1  1 
ATOM 193  C CD2  . TRP A 1 14 ? -18.648 -9.452  -7.630  1.00 0.00 ? 154 TRP A CD2  1 
ATOM 194  N NE1  . TRP A 1 14 ? -17.590 -10.417 -9.314  1.00 0.00 ? 154 TRP A NE1  1 
ATOM 195  C CE2  . TRP A 1 14 ? -18.834 -10.336 -8.719  1.00 0.00 ? 154 TRP A CE2  1 
ATOM 196  C CE3  . TRP A 1 14 ? -19.755 -9.164  -6.813  1.00 0.00 ? 154 TRP A CE3  1 
ATOM 197  C CZ2  . TRP A 1 14 ? -20.076 -10.913 -8.988  1.00 0.00 ? 154 TRP A CZ2  1 
ATOM 198  C CZ3  . TRP A 1 14 ? -21.006 -9.741  -7.080  1.00 0.00 ? 154 TRP A CZ3  1 
ATOM 199  C CH2  . TRP A 1 14 ? -21.166 -10.615 -8.166  1.00 0.00 ? 154 TRP A CH2  1 
ATOM 200  H H    . TRP A 1 14 ? -15.835 -7.167  -3.977  1.00 0.00 ? 154 TRP A H    1 
ATOM 201  H HA   . TRP A 1 14 ? -17.619 -9.228  -5.151  1.00 0.00 ? 154 TRP A HA   1 
ATOM 202  H HB2  . TRP A 1 14 ? -17.072 -7.131  -6.678  1.00 0.00 ? 154 TRP A HB2  1 
ATOM 203  H HB3  . TRP A 1 14 ? -15.547 -7.984  -6.921  1.00 0.00 ? 154 TRP A HB3  1 
ATOM 204  H HD1  . TRP A 1 14 ? -15.616 -9.534  -8.932  1.00 0.00 ? 154 TRP A HD1  1 
ATOM 205  H HE1  . TRP A 1 14 ? -17.412 -10.965 -10.106 1.00 0.00 ? 154 TRP A HE1  1 
ATOM 206  H HE3  . TRP A 1 14 ? -19.641 -8.493  -5.975  1.00 0.00 ? 154 TRP A HE3  1 
ATOM 207  H HZ2  . TRP A 1 14 ? -20.194 -11.584 -9.826  1.00 0.00 ? 154 TRP A HZ2  1 
ATOM 208  H HZ3  . TRP A 1 14 ? -21.849 -9.513  -6.446  1.00 0.00 ? 154 TRP A HZ3  1 
ATOM 209  H HH2  . TRP A 1 14 ? -22.132 -11.056 -8.367  1.00 0.00 ? 154 TRP A HH2  1 
ATOM 210  N N    . GLY A 1 15 ? -14.399 -9.134  -4.526  1.00 0.00 ? 155 GLY A N    1 
ATOM 211  C CA   . GLY A 1 15 ? -13.236 -10.037 -4.256  1.00 0.00 ? 155 GLY A CA   1 
ATOM 212  C C    . GLY A 1 15 ? -11.943 -9.442  -4.827  1.00 0.00 ? 155 GLY A C    1 
ATOM 213  O O    . GLY A 1 15 ? -10.968 -10.141 -5.026  1.00 0.00 ? 155 GLY A O    1 
ATOM 214  H H    . GLY A 1 15 ? -14.327 -8.174  -4.354  1.00 0.00 ? 155 GLY A H    1 
ATOM 215  H HA2  . GLY A 1 15 ? -13.128 -10.167 -3.189  1.00 0.00 ? 155 GLY A HA2  1 
ATOM 216  H HA3  . GLY A 1 15 ? -13.415 -10.998 -4.714  1.00 0.00 ? 155 GLY A HA3  1 
ATOM 217  N N    . LYS A 1 16 ? -11.914 -8.162  -5.084  1.00 0.00 ? 156 LYS A N    1 
ATOM 218  C CA   . LYS A 1 16 ? -10.673 -7.543  -5.631  1.00 0.00 ? 156 LYS A CA   1 
ATOM 219  C C    . LYS A 1 16 ? -10.187 -6.455  -4.668  1.00 0.00 ? 156 LYS A C    1 
ATOM 220  O O    . LYS A 1 16 ? -10.937 -5.954  -3.853  1.00 0.00 ? 156 LYS A O    1 
ATOM 221  C CB   . LYS A 1 16 ? -10.964 -6.929  -7.004  1.00 0.00 ? 156 LYS A CB   1 
ATOM 222  C CG   . LYS A 1 16 ? -11.186 -8.048  -8.028  1.00 0.00 ? 156 LYS A CG   1 
ATOM 223  C CD   . LYS A 1 16 ? -10.865 -7.532  -9.434  1.00 0.00 ? 156 LYS A CD   1 
ATOM 224  C CE   . LYS A 1 16 ? -11.030 -8.666  -10.451 1.00 0.00 ? 156 LYS A CE   1 
ATOM 225  N NZ   . LYS A 1 16 ? -10.425 -8.261  -11.751 1.00 0.00 ? 156 LYS A NZ   1 
ATOM 226  H H    . LYS A 1 16 ? -12.700 -7.608  -4.914  1.00 0.00 ? 156 LYS A H    1 
ATOM 227  H HA   . LYS A 1 16 ? -9.910  -8.300  -5.730  1.00 0.00 ? 156 LYS A HA   1 
ATOM 228  H HB2  . LYS A 1 16 ? -11.852 -6.314  -6.942  1.00 0.00 ? 156 LYS A HB2  1 
ATOM 229  H HB3  . LYS A 1 16 ? -10.127 -6.322  -7.312  1.00 0.00 ? 156 LYS A HB3  1 
ATOM 230  H HG2  . LYS A 1 16 ? -10.540 -8.882  -7.795  1.00 0.00 ? 156 LYS A HG2  1 
ATOM 231  H HG3  . LYS A 1 16 ? -12.216 -8.369  -7.992  1.00 0.00 ? 156 LYS A HG3  1 
ATOM 232  H HD2  . LYS A 1 16 ? -11.537 -6.724  -9.682  1.00 0.00 ? 156 LYS A HD2  1 
ATOM 233  H HD3  . LYS A 1 16 ? -9.846  -7.173  -9.461  1.00 0.00 ? 156 LYS A HD3  1 
ATOM 234  H HE2  . LYS A 1 16 ? -10.534 -9.553  -10.085 1.00 0.00 ? 156 LYS A HE2  1 
ATOM 235  H HE3  . LYS A 1 16 ? -12.081 -8.874  -10.592 1.00 0.00 ? 156 LYS A HE3  1 
ATOM 236  H HZ1  . LYS A 1 16 ? -10.879 -7.387  -12.088 1.00 0.00 ? 156 LYS A HZ1  1 
ATOM 237  H HZ2  . LYS A 1 16 ? -9.406  -8.096  -11.625 1.00 0.00 ? 156 LYS A HZ2  1 
ATOM 238  H HZ3  . LYS A 1 16 ? -10.566 -9.017  -12.450 1.00 0.00 ? 156 LYS A HZ3  1 
ATOM 239  N N    . PHE A 1 17 ? -8.937  -6.087  -4.752  1.00 0.00 ? 157 PHE A N    1 
ATOM 240  C CA   . PHE A 1 17 ? -8.403  -5.033  -3.838  1.00 0.00 ? 157 PHE A CA   1 
ATOM 241  C C    . PHE A 1 17 ? -7.560  -4.049  -4.650  1.00 0.00 ? 157 PHE A C    1 
ATOM 242  O O    . PHE A 1 17 ? -7.402  -4.198  -5.845  1.00 0.00 ? 157 PHE A O    1 
ATOM 243  C CB   . PHE A 1 17 ? -7.517  -5.681  -2.769  1.00 0.00 ? 157 PHE A CB   1 
ATOM 244  C CG   . PHE A 1 17 ? -8.372  -6.389  -1.741  1.00 0.00 ? 157 PHE A CG   1 
ATOM 245  C CD1  . PHE A 1 17 ? -8.775  -7.712  -1.962  1.00 0.00 ? 157 PHE A CD1  1 
ATOM 246  C CD2  . PHE A 1 17 ? -8.752  -5.728  -0.564  1.00 0.00 ? 157 PHE A CD2  1 
ATOM 247  C CE1  . PHE A 1 17 ? -9.558  -8.373  -1.008  1.00 0.00 ? 157 PHE A CE1  1 
ATOM 248  C CE2  . PHE A 1 17 ? -9.536  -6.392  0.388   1.00 0.00 ? 157 PHE A CE2  1 
ATOM 249  C CZ   . PHE A 1 17 ? -9.938  -7.713  0.165   1.00 0.00 ? 157 PHE A CZ   1 
ATOM 250  H H    . PHE A 1 17 ? -8.346  -6.503  -5.416  1.00 0.00 ? 157 PHE A H    1 
ATOM 251  H HA   . PHE A 1 17 ? -9.223  -4.510  -3.365  1.00 0.00 ? 157 PHE A HA   1 
ATOM 252  H HB2  . PHE A 1 17 ? -6.856  -6.397  -3.238  1.00 0.00 ? 157 PHE A HB2  1 
ATOM 253  H HB3  . PHE A 1 17 ? -6.929  -4.919  -2.281  1.00 0.00 ? 157 PHE A HB3  1 
ATOM 254  H HD1  . PHE A 1 17 ? -8.482  -8.221  -2.869  1.00 0.00 ? 157 PHE A HD1  1 
ATOM 255  H HD2  . PHE A 1 17 ? -8.443  -4.707  -0.390  1.00 0.00 ? 157 PHE A HD2  1 
ATOM 256  H HE1  . PHE A 1 17 ? -9.867  -9.394  -1.177  1.00 0.00 ? 157 PHE A HE1  1 
ATOM 257  H HE2  . PHE A 1 17 ? -9.826  -5.886  1.294   1.00 0.00 ? 157 PHE A HE2  1 
ATOM 258  H HZ   . PHE A 1 17 ? -10.542 -8.224  0.901   1.00 0.00 ? 157 PHE A HZ   1 
ATOM 259  N N    . ALA A 1 18 ? -7.006  -3.052  -4.014  1.00 0.00 ? 158 ALA A N    1 
ATOM 260  C CA   . ALA A 1 18 ? -6.161  -2.078  -4.766  1.00 0.00 ? 158 ALA A CA   1 
ATOM 261  C C    . ALA A 1 18 ? -5.117  -1.462  -3.840  1.00 0.00 ? 158 ALA A C    1 
ATOM 262  O O    . ALA A 1 18 ? -5.438  -0.812  -2.865  1.00 0.00 ? 158 ALA A O    1 
ATOM 263  C CB   . ALA A 1 18 ? -7.028  -0.963  -5.348  1.00 0.00 ? 158 ALA A CB   1 
ATOM 264  H H    . ALA A 1 18 ? -7.138  -2.950  -3.047  1.00 0.00 ? 158 ALA A H    1 
ATOM 265  H HA   . ALA A 1 18 ? -5.656  -2.590  -5.568  1.00 0.00 ? 158 ALA A HA   1 
ATOM 266  H HB1  . ALA A 1 18 ? -7.832  -1.394  -5.924  1.00 0.00 ? 158 ALA A HB1  1 
ATOM 267  H HB2  . ALA A 1 18 ? -7.435  -0.367  -4.545  1.00 0.00 ? 158 ALA A HB2  1 
ATOM 268  H HB3  . ALA A 1 18 ? -6.421  -0.337  -5.988  1.00 0.00 ? 158 ALA A HB3  1 
ATOM 269  N N    . ALA A 1 19 ? -3.865  -1.652  -4.149  1.00 0.00 ? 159 ALA A N    1 
ATOM 270  C CA   . ALA A 1 19 ? -2.793  -1.069  -3.304  1.00 0.00 ? 159 ALA A CA   1 
ATOM 271  C C    . ALA A 1 19 ? -2.419  0.306   -3.861  1.00 0.00 ? 159 ALA A C    1 
ATOM 272  O O    . ALA A 1 19 ? -2.062  0.440   -5.018  1.00 0.00 ? 159 ALA A O    1 
ATOM 273  C CB   . ALA A 1 19 ? -1.570  -1.989  -3.327  1.00 0.00 ? 159 ALA A CB   1 
ATOM 274  H H    . ALA A 1 19 ? -3.632  -2.171  -4.947  1.00 0.00 ? 159 ALA A H    1 
ATOM 275  H HA   . ALA A 1 19 ? -3.146  -0.963  -2.289  1.00 0.00 ? 159 ALA A HA   1 
ATOM 276  H HB1  . ALA A 1 19 ? -1.877  -2.987  -3.609  1.00 0.00 ? 159 ALA A HB1  1 
ATOM 277  H HB2  . ALA A 1 19 ? -0.853  -1.617  -4.043  1.00 0.00 ? 159 ALA A HB2  1 
ATOM 278  H HB3  . ALA A 1 19 ? -1.120  -2.013  -2.346  1.00 0.00 ? 159 ALA A HB3  1 
ATOM 279  N N    . GLU A 1 20 ? -2.508  1.323   -3.047  1.00 0.00 ? 160 GLU A N    1 
ATOM 280  C CA   . GLU A 1 20 ? -2.168  2.700   -3.512  1.00 0.00 ? 160 GLU A CA   1 
ATOM 281  C C    . GLU A 1 20 ? -1.457  3.447   -2.381  1.00 0.00 ? 160 GLU A C    1 
ATOM 282  O O    . GLU A 1 20 ? -1.706  3.208   -1.216  1.00 0.00 ? 160 GLU A O    1 
ATOM 283  C CB   . GLU A 1 20 ? -3.452  3.450   -3.877  1.00 0.00 ? 160 GLU A CB   1 
ATOM 284  C CG   . GLU A 1 20 ? -4.256  2.640   -4.895  1.00 0.00 ? 160 GLU A CG   1 
ATOM 285  C CD   . GLU A 1 20 ? -5.706  3.131   -4.895  1.00 0.00 ? 160 GLU A CD   1 
ATOM 286  O OE1  . GLU A 1 20 ? -5.928  4.262   -5.296  1.00 0.00 ? 160 GLU A OE1  1 
ATOM 287  O OE2  . GLU A 1 20 ? -6.569  2.369   -4.491  1.00 0.00 ? 160 GLU A OE2  1 
ATOM 288  H H    . GLU A 1 20 ? -2.804  1.182   -2.124  1.00 0.00 ? 160 GLU A H    1 
ATOM 289  H HA   . GLU A 1 20 ? -1.521  2.643   -4.375  1.00 0.00 ? 160 GLU A HA   1 
ATOM 290  H HB2  . GLU A 1 20 ? -4.048  3.598   -2.988  1.00 0.00 ? 160 GLU A HB2  1 
ATOM 291  H HB3  . GLU A 1 20 ? -3.200  4.409   -4.304  1.00 0.00 ? 160 GLU A HB3  1 
ATOM 292  H HG2  . GLU A 1 20 ? -3.829  2.772   -5.878  1.00 0.00 ? 160 GLU A HG2  1 
ATOM 293  H HG3  . GLU A 1 20 ? -4.232  1.596   -4.626  1.00 0.00 ? 160 GLU A HG3  1 
ATOM 294  N N    . ILE A 1 21 ? -0.577  4.355   -2.709  1.00 0.00 ? 161 ILE A N    1 
ATOM 295  C CA   . ILE A 1 21 ? 0.135   5.113   -1.640  1.00 0.00 ? 161 ILE A CA   1 
ATOM 296  C C    . ILE A 1 21 ? 0.044   6.616   -1.920  1.00 0.00 ? 161 ILE A C    1 
ATOM 297  O O    . ILE A 1 21 ? -0.061  7.044   -3.054  1.00 0.00 ? 161 ILE A O    1 
ATOM 298  C CB   . ILE A 1 21 ? 1.606   4.688   -1.593  1.00 0.00 ? 161 ILE A CB   1 
ATOM 299  C CG1  . ILE A 1 21 ? 2.345   5.542   -0.557  1.00 0.00 ? 161 ILE A CG1  1 
ATOM 300  C CG2  . ILE A 1 21 ? 2.247   4.887   -2.968  1.00 0.00 ? 161 ILE A CG2  1 
ATOM 301  C CD1  . ILE A 1 21 ? 3.763   5.002   -0.351  1.00 0.00 ? 161 ILE A CD1  1 
ATOM 302  H H    . ILE A 1 21 ? -0.389  4.542   -3.651  1.00 0.00 ? 161 ILE A H    1 
ATOM 303  H HA   . ILE A 1 21 ? -0.327  4.901   -0.687  1.00 0.00 ? 161 ILE A HA   1 
ATOM 304  H HB   . ILE A 1 21 ? 1.673   3.646   -1.314  1.00 0.00 ? 161 ILE A HB   1 
ATOM 305  H HG12 . ILE A 1 21 ? 2.396   6.564   -0.906  1.00 0.00 ? 161 ILE A HG12 1 
ATOM 306  H HG13 . ILE A 1 21 ? 1.811   5.511   0.381   1.00 0.00 ? 161 ILE A HG13 1 
ATOM 307  H HG21 . ILE A 1 21 ? 1.567   4.547   -3.735  1.00 0.00 ? 161 ILE A HG21 1 
ATOM 308  H HG22 . ILE A 1 21 ? 2.461   5.935   -3.116  1.00 0.00 ? 161 ILE A HG22 1 
ATOM 309  H HG23 . ILE A 1 21 ? 3.165   4.322   -3.024  1.00 0.00 ? 161 ILE A HG23 1 
ATOM 310  H HD11 . ILE A 1 21 ? 3.748   3.924   -0.386  1.00 0.00 ? 161 ILE A HD11 1 
ATOM 311  H HD12 . ILE A 1 21 ? 4.408   5.379   -1.131  1.00 0.00 ? 161 ILE A HD12 1 
ATOM 312  H HD13 . ILE A 1 21 ? 4.137   5.327   0.611   1.00 0.00 ? 161 ILE A HD13 1 
ATOM 313  N N    . ARG A 1 22 ? 0.088   7.417   -0.888  1.00 0.00 ? 162 ARG A N    1 
ATOM 314  C CA   . ARG A 1 22 ? 0.012   8.895   -1.075  1.00 0.00 ? 162 ARG A CA   1 
ATOM 315  C C    . ARG A 1 22 ? 1.428   9.469   -1.056  1.00 0.00 ? 162 ARG A C    1 
ATOM 316  O O    . ARG A 1 22 ? 2.138   9.358   -0.077  1.00 0.00 ? 162 ARG A O    1 
ATOM 317  C CB   . ARG A 1 22 ? -0.805  9.509   0.066   1.00 0.00 ? 162 ARG A CB   1 
ATOM 318  C CG   . ARG A 1 22 ? -1.115  10.974  -0.251  1.00 0.00 ? 162 ARG A CG   1 
ATOM 319  C CD   . ARG A 1 22 ? -2.245  11.462  0.656   1.00 0.00 ? 162 ARG A CD   1 
ATOM 320  N NE   . ARG A 1 22 ? -2.084  12.922  0.911   1.00 0.00 ? 162 ARG A NE   1 
ATOM 321  C CZ   . ARG A 1 22 ? -2.779  13.500  1.851   1.00 0.00 ? 162 ARG A CZ   1 
ATOM 322  N NH1  . ARG A 1 22 ? -4.021  13.841  1.628   1.00 0.00 ? 162 ARG A NH1  1 
ATOM 323  N NH2  . ARG A 1 22 ? -2.234  13.732  3.015   1.00 0.00 ? 162 ARG A NH2  1 
ATOM 324  H H    . ARG A 1 22 ? 0.176   7.044   0.013   1.00 0.00 ? 162 ARG A H    1 
ATOM 325  H HA   . ARG A 1 22 ? -0.461  9.118   -2.021  1.00 0.00 ? 162 ARG A HA   1 
ATOM 326  H HB2  . ARG A 1 22 ? -1.730  8.962   0.181   1.00 0.00 ? 162 ARG A HB2  1 
ATOM 327  H HB3  . ARG A 1 22 ? -0.239  9.455   0.984   1.00 0.00 ? 162 ARG A HB3  1 
ATOM 328  H HG2  . ARG A 1 22 ? -0.231  11.573  -0.083  1.00 0.00 ? 162 ARG A HG2  1 
ATOM 329  H HG3  . ARG A 1 22 ? -1.420  11.064  -1.283  1.00 0.00 ? 162 ARG A HG3  1 
ATOM 330  H HD2  . ARG A 1 22 ? -3.196  11.282  0.177   1.00 0.00 ? 162 ARG A HD2  1 
ATOM 331  H HD3  . ARG A 1 22 ? -2.208  10.929  1.595   1.00 0.00 ? 162 ARG A HD3  1 
ATOM 332  H HE   . ARG A 1 22 ? -1.457  13.447  0.372   1.00 0.00 ? 162 ARG A HE   1 
ATOM 333  H HH11 . ARG A 1 22 ? -4.437  13.659  0.736   1.00 0.00 ? 162 ARG A HH11 1 
ATOM 334  H HH12 . ARG A 1 22 ? -4.555  14.284  2.347   1.00 0.00 ? 162 ARG A HH12 1 
ATOM 335  H HH21 . ARG A 1 22 ? -1.284  13.466  3.185   1.00 0.00 ? 162 ARG A HH21 1 
ATOM 336  H HH22 . ARG A 1 22 ? -2.765  14.175  3.737   1.00 0.00 ? 162 ARG A HH22 1 
ATOM 337  N N    . ASP A 1 23 ? 1.850   10.074  -2.134  1.00 0.00 ? 163 ASP A N    1 
ATOM 338  C CA   . ASP A 1 23 ? 3.226   10.645  -2.179  1.00 0.00 ? 163 ASP A CA   1 
ATOM 339  C C    . ASP A 1 23 ? 3.149   12.177  -2.218  1.00 0.00 ? 163 ASP A C    1 
ATOM 340  O O    . ASP A 1 23 ? 2.731   12.744  -3.210  1.00 0.00 ? 163 ASP A O    1 
ATOM 341  C CB   . ASP A 1 23 ? 3.938   10.144  -3.438  1.00 0.00 ? 163 ASP A CB   1 
ATOM 342  C CG   . ASP A 1 23 ? 5.435   10.436  -3.329  1.00 0.00 ? 163 ASP A CG   1 
ATOM 343  O OD1  . ASP A 1 23 ? 5.794   11.304  -2.549  1.00 0.00 ? 163 ASP A OD1  1 
ATOM 344  O OD2  . ASP A 1 23 ? 6.199   9.788   -4.024  1.00 0.00 ? 163 ASP A OD2  1 
ATOM 345  H H    . ASP A 1 23 ? 1.264   10.147  -2.916  1.00 0.00 ? 163 ASP A H    1 
ATOM 346  H HA   . ASP A 1 23 ? 3.776   10.325  -1.308  1.00 0.00 ? 163 ASP A HA   1 
ATOM 347  H HB2  . ASP A 1 23 ? 3.786   9.078   -3.538  1.00 0.00 ? 163 ASP A HB2  1 
ATOM 348  H HB3  . ASP A 1 23 ? 3.538   10.647  -4.305  1.00 0.00 ? 163 ASP A HB3  1 
ATOM 349  N N    . PRO A 1 24 ? 3.556   12.807  -1.142  1.00 0.00 ? 164 PRO A N    1 
ATOM 350  C CA   . PRO A 1 24 ? 3.546   14.278  -1.035  1.00 0.00 ? 164 PRO A CA   1 
ATOM 351  C C    . PRO A 1 24 ? 4.769   14.870  -1.746  1.00 0.00 ? 164 PRO A C    1 
ATOM 352  O O    . PRO A 1 24 ? 4.740   15.980  -2.237  1.00 0.00 ? 164 PRO A O    1 
ATOM 353  C CB   . PRO A 1 24 ? 3.624   14.528  0.473   1.00 0.00 ? 164 PRO A CB   1 
ATOM 354  C CG   . PRO A 1 24 ? 4.244   13.254  1.095   1.00 0.00 ? 164 PRO A CG   1 
ATOM 355  C CD   . PRO A 1 24 ? 4.058   12.121  0.067   1.00 0.00 ? 164 PRO A CD   1 
ATOM 356  H HA   . PRO A 1 24 ? 2.634   14.685  -1.433  1.00 0.00 ? 164 PRO A HA   1 
ATOM 357  H HB2  . PRO A 1 24 ? 4.249   15.387  0.673   1.00 0.00 ? 164 PRO A HB2  1 
ATOM 358  H HB3  . PRO A 1 24 ? 2.636   14.683  0.875   1.00 0.00 ? 164 PRO A HB3  1 
ATOM 359  H HG2  . PRO A 1 24 ? 5.297   13.412  1.290   1.00 0.00 ? 164 PRO A HG2  1 
ATOM 360  H HG3  . PRO A 1 24 ? 3.732   13.002  2.010   1.00 0.00 ? 164 PRO A HG3  1 
ATOM 361  H HD2  . PRO A 1 24 ? 5.005   11.637  -0.136  1.00 0.00 ? 164 PRO A HD2  1 
ATOM 362  H HD3  . PRO A 1 24 ? 3.331   11.404  0.417   1.00 0.00 ? 164 PRO A HD3  1 
ATOM 363  N N    . ALA A 1 25 ? 5.845   14.132  -1.791  1.00 0.00 ? 165 ALA A N    1 
ATOM 364  C CA   . ALA A 1 25 ? 7.082   14.634  -2.452  1.00 0.00 ? 165 ALA A CA   1 
ATOM 365  C C    . ALA A 1 25 ? 6.833   14.862  -3.950  1.00 0.00 ? 165 ALA A C    1 
ATOM 366  O O    . ALA A 1 25 ? 7.537   15.616  -4.591  1.00 0.00 ? 165 ALA A O    1 
ATOM 367  C CB   . ALA A 1 25 ? 8.202   13.605  -2.272  1.00 0.00 ? 165 ALA A CB   1 
ATOM 368  H H    . ALA A 1 25 ? 5.842   13.247  -1.380  1.00 0.00 ? 165 ALA A H    1 
ATOM 369  H HA   . ALA A 1 25 ? 7.375   15.561  -1.992  1.00 0.00 ? 165 ALA A HA   1 
ATOM 370  H HB1  . ALA A 1 25 ? 7.787   12.610  -2.311  1.00 0.00 ? 165 ALA A HB1  1 
ATOM 371  H HB2  . ALA A 1 25 ? 8.932   13.722  -3.061  1.00 0.00 ? 165 ALA A HB2  1 
ATOM 372  H HB3  . ALA A 1 25 ? 8.679   13.758  -1.315  1.00 0.00 ? 165 ALA A HB3  1 
ATOM 373  N N    . LYS A 1 26 ? 5.846   14.219  -4.515  1.00 0.00 ? 166 LYS A N    1 
ATOM 374  C CA   . LYS A 1 26 ? 5.574   14.408  -5.973  1.00 0.00 ? 166 LYS A CA   1 
ATOM 375  C C    . LYS A 1 26 ? 4.520   15.503  -6.169  1.00 0.00 ? 166 LYS A C    1 
ATOM 376  O O    . LYS A 1 26 ? 3.668   15.409  -7.029  1.00 0.00 ? 166 LYS A O    1 
ATOM 377  C CB   . LYS A 1 26 ? 5.064   13.097  -6.575  1.00 0.00 ? 166 LYS A CB   1 
ATOM 378  C CG   . LYS A 1 26 ? 6.141   12.020  -6.434  1.00 0.00 ? 166 LYS A CG   1 
ATOM 379  C CD   . LYS A 1 26 ? 7.103   12.099  -7.621  1.00 0.00 ? 166 LYS A CD   1 
ATOM 380  C CE   . LYS A 1 26 ? 8.066   10.911  -7.581  1.00 0.00 ? 166 LYS A CE   1 
ATOM 381  N NZ   . LYS A 1 26 ? 9.001   10.987  -8.739  1.00 0.00 ? 166 LYS A NZ   1 
ATOM 382  H H    . LYS A 1 26 ? 5.288   13.609  -3.986  1.00 0.00 ? 166 LYS A H    1 
ATOM 383  H HA   . LYS A 1 26 ? 6.488   14.698  -6.472  1.00 0.00 ? 166 LYS A HA   1 
ATOM 384  H HB2  . LYS A 1 26 ? 4.169   12.785  -6.055  1.00 0.00 ? 166 LYS A HB2  1 
ATOM 385  H HB3  . LYS A 1 26 ? 4.841   13.244  -7.620  1.00 0.00 ? 166 LYS A HB3  1 
ATOM 386  H HG2  . LYS A 1 26 ? 6.689   12.177  -5.515  1.00 0.00 ? 166 LYS A HG2  1 
ATOM 387  H HG3  . LYS A 1 26 ? 5.676   11.046  -6.414  1.00 0.00 ? 166 LYS A HG3  1 
ATOM 388  H HD2  . LYS A 1 26 ? 6.539   12.074  -8.543  1.00 0.00 ? 166 LYS A HD2  1 
ATOM 389  H HD3  . LYS A 1 26 ? 7.666   13.018  -7.569  1.00 0.00 ? 166 LYS A HD3  1 
ATOM 390  H HE2  . LYS A 1 26 ? 8.630   10.938  -6.660  1.00 0.00 ? 166 LYS A HE2  1 
ATOM 391  H HE3  . LYS A 1 26 ? 7.505   9.990   -7.630  1.00 0.00 ? 166 LYS A HE3  1 
ATOM 392  H HZ1  . LYS A 1 26 ? 9.304   11.974  -8.875  1.00 0.00 ? 166 LYS A HZ1  1 
ATOM 393  H HZ2  . LYS A 1 26 ? 9.832   10.390  -8.554  1.00 0.00 ? 166 LYS A HZ2  1 
ATOM 394  H HZ3  . LYS A 1 26 ? 8.518   10.650  -9.595  1.00 0.00 ? 166 LYS A HZ3  1 
ATOM 395  N N    . ASN A 1 27 ? 4.577   16.545  -5.385  1.00 0.00 ? 167 ASN A N    1 
ATOM 396  C CA   . ASN A 1 27 ? 3.584   17.650  -5.532  1.00 0.00 ? 167 ASN A CA   1 
ATOM 397  C C    . ASN A 1 27 ? 2.172   17.134  -5.231  1.00 0.00 ? 167 ASN A C    1 
ATOM 398  O O    . ASN A 1 27 ? 1.199   17.615  -5.779  1.00 0.00 ? 167 ASN A O    1 
ATOM 399  C CB   . ASN A 1 27 ? 3.629   18.197  -6.962  1.00 0.00 ? 167 ASN A CB   1 
ATOM 400  C CG   . ASN A 1 27 ? 3.856   19.710  -6.925  1.00 0.00 ? 167 ASN A CG   1 
ATOM 401  O OD1  . ASN A 1 27 ? 3.279   20.403  -6.110  1.00 0.00 ? 167 ASN A OD1  1 
ATOM 402  N ND2  . ASN A 1 27 ? 4.679   20.256  -7.779  1.00 0.00 ? 167 ASN A ND2  1 
ATOM 403  H H    . ASN A 1 27 ? 5.277   16.604  -4.702  1.00 0.00 ? 167 ASN A H    1 
ATOM 404  H HA   . ASN A 1 27 ? 3.829   18.441  -4.840  1.00 0.00 ? 167 ASN A HA   1 
ATOM 405  H HB2  . ASN A 1 27 ? 4.434   17.724  -7.505  1.00 0.00 ? 167 ASN A HB2  1 
ATOM 406  H HB3  . ASN A 1 27 ? 2.692   17.990  -7.455  1.00 0.00 ? 167 ASN A HB3  1 
ATOM 407  H HD21 . ASN A 1 27 ? 5.146   19.698  -8.436  1.00 0.00 ? 167 ASN A HD21 1 
ATOM 408  H HD22 . ASN A 1 27 ? 4.830   21.225  -7.763  1.00 0.00 ? 167 ASN A HD22 1 
ATOM 409  N N    . GLY A 1 28 ? 2.048   16.167  -4.363  1.00 0.00 ? 168 GLY A N    1 
ATOM 410  C CA   . GLY A 1 28 ? 0.694   15.633  -4.031  1.00 0.00 ? 168 GLY A CA   1 
ATOM 411  C C    . GLY A 1 28 ? 0.144   14.822  -5.210  1.00 0.00 ? 168 GLY A C    1 
ATOM 412  O O    . GLY A 1 28 ? -0.811  15.215  -5.853  1.00 0.00 ? 168 GLY A O    1 
ATOM 413  H H    . GLY A 1 28 ? 2.843   15.793  -3.928  1.00 0.00 ? 168 GLY A H    1 
ATOM 414  H HA2  . GLY A 1 28 ? 0.765   14.997  -3.160  1.00 0.00 ? 168 GLY A HA2  1 
ATOM 415  H HA3  . GLY A 1 28 ? 0.026   16.455  -3.823  1.00 0.00 ? 168 GLY A HA3  1 
ATOM 416  N N    . ALA A 1 29 ? 0.733   13.692  -5.493  1.00 0.00 ? 169 ALA A N    1 
ATOM 417  C CA   . ALA A 1 29 ? 0.241   12.852  -6.624  1.00 0.00 ? 169 ALA A CA   1 
ATOM 418  C C    . ALA A 1 29 ? -0.061  11.441  -6.103  1.00 0.00 ? 169 ALA A C    1 
ATOM 419  O O    . ALA A 1 29 ? 0.506   11.000  -5.122  1.00 0.00 ? 169 ALA A O    1 
ATOM 420  C CB   . ALA A 1 29 ? 1.316   12.783  -7.712  1.00 0.00 ? 169 ALA A CB   1 
ATOM 421  H H    . ALA A 1 29 ? 1.498   13.394  -4.960  1.00 0.00 ? 169 ALA A H    1 
ATOM 422  H HA   . ALA A 1 29 ? -0.660  13.286  -7.031  1.00 0.00 ? 169 ALA A HA   1 
ATOM 423  H HB1  . ALA A 1 29 ? 2.267   12.537  -7.265  1.00 0.00 ? 169 ALA A HB1  1 
ATOM 424  H HB2  . ALA A 1 29 ? 1.051   12.024  -8.436  1.00 0.00 ? 169 ALA A HB2  1 
ATOM 425  H HB3  . ALA A 1 29 ? 1.387   13.741  -8.207  1.00 0.00 ? 169 ALA A HB3  1 
ATOM 426  N N    . ARG A 1 30 ? -0.959  10.733  -6.740  1.00 0.00 ? 170 ARG A N    1 
ATOM 427  C CA   . ARG A 1 30 ? -1.300  9.359   -6.264  1.00 0.00 ? 170 ARG A CA   1 
ATOM 428  C C    . ARG A 1 30 ? -0.365  8.326   -6.902  1.00 0.00 ? 170 ARG A C    1 
ATOM 429  O O    . ARG A 1 30 ? 0.230   8.562   -7.935  1.00 0.00 ? 170 ARG A O    1 
ATOM 430  C CB   . ARG A 1 30 ? -2.740  9.022   -6.660  1.00 0.00 ? 170 ARG A CB   1 
ATOM 431  C CG   . ARG A 1 30 ? -3.719  9.960   -5.950  1.00 0.00 ? 170 ARG A CG   1 
ATOM 432  C CD   . ARG A 1 30 ? -5.142  9.430   -6.146  1.00 0.00 ? 170 ARG A CD   1 
ATOM 433  N NE   . ARG A 1 30 ? -6.128  10.476  -5.757  1.00 0.00 ? 170 ARG A NE   1 
ATOM 434  C CZ   . ARG A 1 30 ? -7.048  10.851  -6.603  1.00 0.00 ? 170 ARG A CZ   1 
ATOM 435  N NH1  . ARG A 1 30 ? -7.619  9.972   -7.383  1.00 0.00 ? 170 ARG A NH1  1 
ATOM 436  N NH2  . ARG A 1 30 ? -7.403  12.106  -6.666  1.00 0.00 ? 170 ARG A NH2  1 
ATOM 437  H H    . ARG A 1 30 ? -1.413  11.108  -7.524  1.00 0.00 ? 170 ARG A H    1 
ATOM 438  H HA   . ARG A 1 30 ? -1.205  9.316   -5.188  1.00 0.00 ? 170 ARG A HA   1 
ATOM 439  H HB2  . ARG A 1 30 ? -2.851  9.130   -7.730  1.00 0.00 ? 170 ARG A HB2  1 
ATOM 440  H HB3  . ARG A 1 30 ? -2.957  8.002   -6.379  1.00 0.00 ? 170 ARG A HB3  1 
ATOM 441  H HG2  . ARG A 1 30 ? -3.487  9.996   -4.895  1.00 0.00 ? 170 ARG A HG2  1 
ATOM 442  H HG3  . ARG A 1 30 ? -3.643  10.949  -6.372  1.00 0.00 ? 170 ARG A HG3  1 
ATOM 443  H HD2  . ARG A 1 30 ? -5.286  9.167   -7.183  1.00 0.00 ? 170 ARG A HD2  1 
ATOM 444  H HD3  . ARG A 1 30 ? -5.284  8.556   -5.530  1.00 0.00 ? 170 ARG A HD3  1 
ATOM 445  H HE   . ARG A 1 30 ? -6.086  10.880  -4.866  1.00 0.00 ? 170 ARG A HE   1 
ATOM 446  H HH11 . ARG A 1 30 ? -7.348  9.010   -7.335  1.00 0.00 ? 170 ARG A HH11 1 
ATOM 447  H HH12 . ARG A 1 30 ? -8.326  10.261  -8.029  1.00 0.00 ? 170 ARG A HH12 1 
ATOM 448  H HH21 . ARG A 1 30 ? -6.964  12.779  -6.070  1.00 0.00 ? 170 ARG A HH21 1 
ATOM 449  H HH22 . ARG A 1 30 ? -8.109  12.395  -7.312  1.00 0.00 ? 170 ARG A HH22 1 
ATOM 450  N N    . VAL A 1 31 ? -0.251  7.172   -6.297  1.00 0.00 ? 171 VAL A N    1 
ATOM 451  C CA   . VAL A 1 31 ? 0.621   6.101   -6.862  1.00 0.00 ? 171 VAL A CA   1 
ATOM 452  C C    . VAL A 1 31 ? -0.136  4.771   -6.800  1.00 0.00 ? 171 VAL A C    1 
ATOM 453  O O    . VAL A 1 31 ? 0.025   3.995   -5.879  1.00 0.00 ? 171 VAL A O    1 
ATOM 454  C CB   . VAL A 1 31 ? 1.916   6.009   -6.049  1.00 0.00 ? 171 VAL A CB   1 
ATOM 455  C CG1  . VAL A 1 31 ? 2.615   4.674   -6.334  1.00 0.00 ? 171 VAL A CG1  1 
ATOM 456  C CG2  . VAL A 1 31 ? 2.835   7.162   -6.449  1.00 0.00 ? 171 VAL A CG2  1 
ATOM 457  H H    . VAL A 1 31 ? -0.753  7.005   -5.470  1.00 0.00 ? 171 VAL A H    1 
ATOM 458  H HA   . VAL A 1 31 ? 0.856   6.335   -7.891  1.00 0.00 ? 171 VAL A HA   1 
ATOM 459  H HB   . VAL A 1 31 ? 1.686   6.078   -4.996  1.00 0.00 ? 171 VAL A HB   1 
ATOM 460  H HG11 . VAL A 1 31 ? 2.458   4.399   -7.367  1.00 0.00 ? 171 VAL A HG11 1 
ATOM 461  H HG12 . VAL A 1 31 ? 3.674   4.773   -6.146  1.00 0.00 ? 171 VAL A HG12 1 
ATOM 462  H HG13 . VAL A 1 31 ? 2.207   3.908   -5.691  1.00 0.00 ? 171 VAL A HG13 1 
ATOM 463  H HG21 . VAL A 1 31 ? 3.041   7.102   -7.507  1.00 0.00 ? 171 VAL A HG21 1 
ATOM 464  H HG22 . VAL A 1 31 ? 2.348   8.100   -6.231  1.00 0.00 ? 171 VAL A HG22 1 
ATOM 465  H HG23 . VAL A 1 31 ? 3.760   7.098   -5.896  1.00 0.00 ? 171 VAL A HG23 1 
ATOM 466  N N    . TRP A 1 32 ? -0.971  4.512   -7.769  1.00 0.00 ? 172 TRP A N    1 
ATOM 467  C CA   . TRP A 1 32 ? -1.755  3.239   -7.767  1.00 0.00 ? 172 TRP A CA   1 
ATOM 468  C C    . TRP A 1 32 ? -0.839  2.071   -8.132  1.00 0.00 ? 172 TRP A C    1 
ATOM 469  O O    . TRP A 1 32 ? -0.493  1.871   -9.280  1.00 0.00 ? 172 TRP A O    1 
ATOM 470  C CB   . TRP A 1 32 ? -2.897  3.336   -8.786  1.00 0.00 ? 172 TRP A CB   1 
ATOM 471  C CG   . TRP A 1 32 ? -3.752  2.103   -8.728  1.00 0.00 ? 172 TRP A CG   1 
ATOM 472  C CD1  . TRP A 1 32 ? -3.335  0.848   -9.020  1.00 0.00 ? 172 TRP A CD1  1 
ATOM 473  C CD2  . TRP A 1 32 ? -5.162  1.987   -8.373  1.00 0.00 ? 172 TRP A CD2  1 
ATOM 474  N NE1  . TRP A 1 32 ? -4.399  -0.024  -8.874  1.00 0.00 ? 172 TRP A NE1  1 
ATOM 475  C CE2  . TRP A 1 32 ? -5.544  0.629   -8.476  1.00 0.00 ? 172 TRP A CE2  1 
ATOM 476  C CE3  . TRP A 1 32 ? -6.138  2.919   -7.975  1.00 0.00 ? 172 TRP A CE3  1 
ATOM 477  C CZ2  . TRP A 1 32 ? -6.842  0.208   -8.200  1.00 0.00 ? 172 TRP A CZ2  1 
ATOM 478  C CZ3  . TRP A 1 32 ? -7.448  2.500   -7.693  1.00 0.00 ? 172 TRP A CZ3  1 
ATOM 479  C CH2  . TRP A 1 32 ? -7.801  1.146   -7.806  1.00 0.00 ? 172 TRP A CH2  1 
ATOM 480  H H    . TRP A 1 32 ? -1.088  5.161   -8.495  1.00 0.00 ? 172 TRP A H    1 
ATOM 481  H HA   . TRP A 1 32 ? -2.167  3.075   -6.781  1.00 0.00 ? 172 TRP A HA   1 
ATOM 482  H HB2  . TRP A 1 32 ? -3.505  4.201   -8.561  1.00 0.00 ? 172 TRP A HB2  1 
ATOM 483  H HB3  . TRP A 1 32 ? -2.485  3.439   -9.779  1.00 0.00 ? 172 TRP A HB3  1 
ATOM 484  H HD1  . TRP A 1 32 ? -2.339  0.570   -9.319  1.00 0.00 ? 172 TRP A HD1  1 
ATOM 485  H HE1  . TRP A 1 32 ? -4.365  -0.990  -9.029  1.00 0.00 ? 172 TRP A HE1  1 
ATOM 486  H HE3  . TRP A 1 32 ? -5.877  3.964   -7.884  1.00 0.00 ? 172 TRP A HE3  1 
ATOM 487  H HZ2  . TRP A 1 32 ? -7.105  -0.838  -8.290  1.00 0.00 ? 172 TRP A HZ2  1 
ATOM 488  H HZ3  . TRP A 1 32 ? -8.189  3.223   -7.387  1.00 0.00 ? 172 TRP A HZ3  1 
ATOM 489  H HH2  . TRP A 1 32 ? -8.810  0.829   -7.588  1.00 0.00 ? 172 TRP A HH2  1 
ATOM 490  N N    . LEU A 1 33 ? -0.446  1.295   -7.160  1.00 0.00 ? 173 LEU A N    1 
ATOM 491  C CA   . LEU A 1 33 ? 0.444   0.133   -7.437  1.00 0.00 ? 173 LEU A CA   1 
ATOM 492  C C    . LEU A 1 33 ? -0.278  -0.862  -8.347  1.00 0.00 ? 173 LEU A C    1 
ATOM 493  O O    . LEU A 1 33 ? 0.272   -1.336  -9.321  1.00 0.00 ? 173 LEU A O    1 
ATOM 494  C CB   . LEU A 1 33 ? 0.806   -0.550  -6.119  1.00 0.00 ? 173 LEU A CB   1 
ATOM 495  C CG   . LEU A 1 33 ? 1.758   0.349   -5.330  1.00 0.00 ? 173 LEU A CG   1 
ATOM 496  C CD1  . LEU A 1 33 ? 1.259   0.485   -3.890  1.00 0.00 ? 173 LEU A CD1  1 
ATOM 497  C CD2  . LEU A 1 33 ? 3.158   -0.269  -5.332  1.00 0.00 ? 173 LEU A CD2  1 
ATOM 498  H H    . LEU A 1 33 ? -0.738  1.477   -6.243  1.00 0.00 ? 173 LEU A H    1 
ATOM 499  H HA   . LEU A 1 33 ? 1.345   0.475   -7.923  1.00 0.00 ? 173 LEU A HA   1 
ATOM 500  H HB2  . LEU A 1 33 ? -0.092  -0.723  -5.544  1.00 0.00 ? 173 LEU A HB2  1 
ATOM 501  H HB3  . LEU A 1 33 ? 1.291   -1.494  -6.323  1.00 0.00 ? 173 LEU A HB3  1 
ATOM 502  H HG   . LEU A 1 33 ? 1.794   1.325   -5.792  1.00 0.00 ? 173 LEU A HG   1 
ATOM 503  H HD11 . LEU A 1 33 ? 1.191   -0.494  -3.439  1.00 0.00 ? 173 LEU A HD11 1 
ATOM 504  H HD12 . LEU A 1 33 ? 1.951   1.094   -3.326  1.00 0.00 ? 173 LEU A HD12 1 
ATOM 505  H HD13 . LEU A 1 33 ? 0.286   0.951   -3.891  1.00 0.00 ? 173 LEU A HD13 1 
ATOM 506  H HD21 . LEU A 1 33 ? 3.159   -1.155  -5.950  1.00 0.00 ? 173 LEU A HD21 1 
ATOM 507  H HD22 . LEU A 1 33 ? 3.865   0.445   -5.727  1.00 0.00 ? 173 LEU A HD22 1 
ATOM 508  H HD23 . LEU A 1 33 ? 3.437   -0.532  -4.325  1.00 0.00 ? 173 LEU A HD23 1 
ATOM 509  N N    . GLY A 1 34 ? -1.508  -1.182  -8.041  1.00 0.00 ? 174 GLY A N    1 
ATOM 510  C CA   . GLY A 1 34 ? -2.256  -2.149  -8.898  1.00 0.00 ? 174 GLY A CA   1 
ATOM 511  C C    . GLY A 1 34 ? -3.272  -2.912  -8.050  1.00 0.00 ? 174 GLY A C    1 
ATOM 512  O O    . GLY A 1 34 ? -3.150  -2.996  -6.844  1.00 0.00 ? 174 GLY A O    1 
ATOM 513  H H    . GLY A 1 34 ? -1.938  -0.787  -7.248  1.00 0.00 ? 174 GLY A H    1 
ATOM 514  H HA2  . GLY A 1 34 ? -2.771  -1.613  -9.682  1.00 0.00 ? 174 GLY A HA2  1 
ATOM 515  H HA3  . GLY A 1 34 ? -1.564  -2.850  -9.338  1.00 0.00 ? 174 GLY A HA3  1 
ATOM 516  N N    . THR A 1 35 ? -4.272  -3.479  -8.672  1.00 0.00 ? 175 THR A N    1 
ATOM 517  C CA   . THR A 1 35 ? -5.290  -4.245  -7.896  1.00 0.00 ? 175 THR A CA   1 
ATOM 518  C C    . THR A 1 35 ? -4.713  -5.608  -7.527  1.00 0.00 ? 175 THR A C    1 
ATOM 519  O O    . THR A 1 35 ? -3.819  -6.113  -8.179  1.00 0.00 ? 175 THR A O    1 
ATOM 520  C CB   . THR A 1 35 ? -6.570  -4.440  -8.720  1.00 0.00 ? 175 THR A CB   1 
ATOM 521  O OG1  . THR A 1 35 ? -6.565  -5.734  -9.304  1.00 0.00 ? 175 THR A OG1  1 
ATOM 522  C CG2  . THR A 1 35 ? -6.656  -3.386  -9.822  1.00 0.00 ? 175 THR A CG2  1 
ATOM 523  H H    . THR A 1 35 ? -4.348  -3.405  -9.646  1.00 0.00 ? 175 THR A H    1 
ATOM 524  H HA   . THR A 1 35 ? -5.527  -3.707  -6.993  1.00 0.00 ? 175 THR A HA   1 
ATOM 525  H HB   . THR A 1 35 ? -7.428  -4.341  -8.074  1.00 0.00 ? 175 THR A HB   1 
ATOM 526  H HG1  . THR A 1 35 ? -7.366  -5.829  -9.827  1.00 0.00 ? 175 THR A HG1  1 
ATOM 527  H HG21 . THR A 1 35 ? -6.068  -2.525  -9.542  1.00 0.00 ? 175 THR A HG21 1 
ATOM 528  H HG22 . THR A 1 35 ? -6.277  -3.798  -10.745 1.00 0.00 ? 175 THR A HG22 1 
ATOM 529  H HG23 . THR A 1 35 ? -7.687  -3.092  -9.955  1.00 0.00 ? 175 THR A HG23 1 
ATOM 530  N N    . PHE A 1 36 ? -5.211  -6.207  -6.483  1.00 0.00 ? 176 PHE A N    1 
ATOM 531  C CA   . PHE A 1 36 ? -4.686  -7.538  -6.065  1.00 0.00 ? 176 PHE A CA   1 
ATOM 532  C C    . PHE A 1 36 ? -5.849  -8.519  -5.882  1.00 0.00 ? 176 PHE A C    1 
ATOM 533  O O    . PHE A 1 36 ? -6.991  -8.201  -6.151  1.00 0.00 ? 176 PHE A O    1 
ATOM 534  C CB   . PHE A 1 36 ? -3.915  -7.384  -4.752  1.00 0.00 ? 176 PHE A CB   1 
ATOM 535  C CG   . PHE A 1 36 ? -2.603  -6.691  -5.036  1.00 0.00 ? 176 PHE A CG   1 
ATOM 536  C CD1  . PHE A 1 36 ? -2.543  -5.291  -5.098  1.00 0.00 ? 176 PHE A CD1  1 
ATOM 537  C CD2  . PHE A 1 36 ? -1.449  -7.448  -5.256  1.00 0.00 ? 176 PHE A CD2  1 
ATOM 538  C CE1  . PHE A 1 36 ? -1.330  -4.655  -5.379  1.00 0.00 ? 176 PHE A CE1  1 
ATOM 539  C CE2  . PHE A 1 36 ? -0.237  -6.813  -5.533  1.00 0.00 ? 176 PHE A CE2  1 
ATOM 540  C CZ   . PHE A 1 36 ? -0.175  -5.415  -5.596  1.00 0.00 ? 176 PHE A CZ   1 
ATOM 541  H H    . PHE A 1 36 ? -5.929  -5.779  -5.971  1.00 0.00 ? 176 PHE A H    1 
ATOM 542  H HA   . PHE A 1 36 ? -4.016  -7.913  -6.827  1.00 0.00 ? 176 PHE A HA   1 
ATOM 543  H HB2  . PHE A 1 36 ? -4.494  -6.794  -4.057  1.00 0.00 ? 176 PHE A HB2  1 
ATOM 544  H HB3  . PHE A 1 36 ? -3.722  -8.358  -4.328  1.00 0.00 ? 176 PHE A HB3  1 
ATOM 545  H HD1  . PHE A 1 36 ? -3.431  -4.702  -4.928  1.00 0.00 ? 176 PHE A HD1  1 
ATOM 546  H HD2  . PHE A 1 36 ? -1.492  -8.526  -5.206  1.00 0.00 ? 176 PHE A HD2  1 
ATOM 547  H HE1  . PHE A 1 36 ? -1.284  -3.577  -5.428  1.00 0.00 ? 176 PHE A HE1  1 
ATOM 548  H HE2  . PHE A 1 36 ? 0.651   -7.402  -5.701  1.00 0.00 ? 176 PHE A HE2  1 
ATOM 549  H HZ   . PHE A 1 36 ? 0.762   -4.925  -5.814  1.00 0.00 ? 176 PHE A HZ   1 
ATOM 550  N N    . GLU A 1 37 ? -5.562  -9.714  -5.438  1.00 0.00 ? 177 GLU A N    1 
ATOM 551  C CA   . GLU A 1 37 ? -6.644  -10.725 -5.250  1.00 0.00 ? 177 GLU A CA   1 
ATOM 552  C C    . GLU A 1 37 ? -7.176  -10.664 -3.816  1.00 0.00 ? 177 GLU A C    1 
ATOM 553  O O    . GLU A 1 37 ? -8.323  -10.972 -3.558  1.00 0.00 ? 177 GLU A O    1 
ATOM 554  C CB   . GLU A 1 37 ? -6.079  -12.121 -5.523  1.00 0.00 ? 177 GLU A CB   1 
ATOM 555  C CG   . GLU A 1 37 ? -6.512  -12.587 -6.914  1.00 0.00 ? 177 GLU A CG   1 
ATOM 556  C CD   . GLU A 1 37 ? -5.997  -14.006 -7.161  1.00 0.00 ? 177 GLU A CD   1 
ATOM 557  O OE1  . GLU A 1 37 ? -6.565  -14.928 -6.598  1.00 0.00 ? 177 GLU A OE1  1 
ATOM 558  O OE2  . GLU A 1 37 ? -5.043  -14.147 -7.908  1.00 0.00 ? 177 GLU A OE2  1 
ATOM 559  H H    . GLU A 1 37 ? -4.633  -9.951  -5.238  1.00 0.00 ? 177 GLU A H    1 
ATOM 560  H HA   . GLU A 1 37 ? -7.451  -10.525 -5.939  1.00 0.00 ? 177 GLU A HA   1 
ATOM 561  H HB2  . GLU A 1 37 ? -5.000  -12.086 -5.474  1.00 0.00 ? 177 GLU A HB2  1 
ATOM 562  H HB3  . GLU A 1 37 ? -6.451  -12.812 -4.782  1.00 0.00 ? 177 GLU A HB3  1 
ATOM 563  H HG2  . GLU A 1 37 ? -7.591  -12.576 -6.977  1.00 0.00 ? 177 GLU A HG2  1 
ATOM 564  H HG3  . GLU A 1 37 ? -6.103  -11.922 -7.659  1.00 0.00 ? 177 GLU A HG3  1 
ATOM 565  N N    . THR A 1 38 ? -6.355  -10.279 -2.878  1.00 0.00 ? 178 THR A N    1 
ATOM 566  C CA   . THR A 1 38 ? -6.825  -10.209 -1.466  1.00 0.00 ? 178 THR A CA   1 
ATOM 567  C C    . THR A 1 38 ? -6.256  -8.960  -0.801  1.00 0.00 ? 178 THR A C    1 
ATOM 568  O O    . THR A 1 38 ? -5.435  -8.264  -1.365  1.00 0.00 ? 178 THR A O    1 
ATOM 569  C CB   . THR A 1 38 ? -6.353  -11.449 -0.703  1.00 0.00 ? 178 THR A CB   1 
ATOM 570  O OG1  . THR A 1 38 ? -4.964  -11.333 -0.423  1.00 0.00 ? 178 THR A OG1  1 
ATOM 571  C CG2  . THR A 1 38 ? -6.606  -12.694 -1.552  1.00 0.00 ? 178 THR A CG2  1 
ATOM 572  H H    . THR A 1 38 ? -5.432  -10.038 -3.102  1.00 0.00 ? 178 THR A H    1 
ATOM 573  H HA   . THR A 1 38 ? -7.904  -10.166 -1.447  1.00 0.00 ? 178 THR A HA   1 
ATOM 574  H HB   . THR A 1 38 ? -6.901  -11.533 0.222   1.00 0.00 ? 178 THR A HB   1 
ATOM 575  H HG1  . THR A 1 38 ? -4.747  -11.967 0.264   1.00 0.00 ? 178 THR A HG1  1 
ATOM 576  H HG21 . THR A 1 38 ? -6.138  -12.572 -2.517  1.00 0.00 ? 178 THR A HG21 1 
ATOM 577  H HG22 . THR A 1 38 ? -6.190  -13.557 -1.055  1.00 0.00 ? 178 THR A HG22 1 
ATOM 578  H HG23 . THR A 1 38 ? -7.669  -12.829 -1.681  1.00 0.00 ? 178 THR A HG23 1 
ATOM 579  N N    . ALA A 1 39 ? -6.683  -8.670  0.395   1.00 0.00 ? 179 ALA A N    1 
ATOM 580  C CA   . ALA A 1 39 ? -6.161  -7.466  1.094   1.00 0.00 ? 179 ALA A CA   1 
ATOM 581  C C    . ALA A 1 39 ? -4.736  -7.736  1.582   1.00 0.00 ? 179 ALA A C    1 
ATOM 582  O O    . ALA A 1 39 ? -3.976  -6.825  1.850   1.00 0.00 ? 179 ALA A O    1 
ATOM 583  C CB   . ALA A 1 39 ? -7.058  -7.146  2.290   1.00 0.00 ? 179 ALA A CB   1 
ATOM 584  H H    . ALA A 1 39 ? -7.343  -9.247  0.835   1.00 0.00 ? 179 ALA A H    1 
ATOM 585  H HA   . ALA A 1 39 ? -6.156  -6.628  0.414   1.00 0.00 ? 179 ALA A HA   1 
ATOM 586  H HB1  . ALA A 1 39 ? -8.087  -7.343  2.030   1.00 0.00 ? 179 ALA A HB1  1 
ATOM 587  H HB2  . ALA A 1 39 ? -6.772  -7.766  3.127   1.00 0.00 ? 179 ALA A HB2  1 
ATOM 588  H HB3  . ALA A 1 39 ? -6.945  -6.106  2.557   1.00 0.00 ? 179 ALA A HB3  1 
ATOM 589  N N    . GLU A 1 40 ? -4.369  -8.983  1.706   1.00 0.00 ? 180 GLU A N    1 
ATOM 590  C CA   . GLU A 1 40 ? -2.997  -9.315  2.185   1.00 0.00 ? 180 GLU A CA   1 
ATOM 591  C C    . GLU A 1 40 ? -1.979  -9.086  1.068   1.00 0.00 ? 180 GLU A C    1 
ATOM 592  O O    . GLU A 1 40 ? -0.910  -8.557  1.293   1.00 0.00 ? 180 GLU A O    1 
ATOM 593  C CB   . GLU A 1 40 ? -2.951  -10.780 2.620   1.00 0.00 ? 180 GLU A CB   1 
ATOM 594  C CG   . GLU A 1 40 ? -1.702  -11.023 3.468   1.00 0.00 ? 180 GLU A CG   1 
ATOM 595  C CD   . GLU A 1 40 ? -1.645  -12.493 3.887   1.00 0.00 ? 180 GLU A CD   1 
ATOM 596  O OE1  . GLU A 1 40 ? -2.698  -13.095 4.015   1.00 0.00 ? 180 GLU A OE1  1 
ATOM 597  O OE2  . GLU A 1 40 ? -0.546  -12.992 4.069   1.00 0.00 ? 180 GLU A OE2  1 
ATOM 598  H H    . GLU A 1 40 ? -5.000  -9.703  1.489   1.00 0.00 ? 180 GLU A H    1 
ATOM 599  H HA   . GLU A 1 40 ? -2.751  -8.685  3.021   1.00 0.00 ? 180 GLU A HA   1 
ATOM 600  H HB2  . GLU A 1 40 ? -3.833  -11.012 3.199   1.00 0.00 ? 180 GLU A HB2  1 
ATOM 601  H HB3  . GLU A 1 40 ? -2.919  -11.414 1.746   1.00 0.00 ? 180 GLU A HB3  1 
ATOM 602  H HG2  . GLU A 1 40 ? -0.822  -10.776 2.892   1.00 0.00 ? 180 GLU A HG2  1 
ATOM 603  H HG3  . GLU A 1 40 ? -1.741  -10.401 4.351   1.00 0.00 ? 180 GLU A HG3  1 
ATOM 604  N N    . ASP A 1 41 ? -2.298  -9.482  -0.130  1.00 0.00 ? 181 ASP A N    1 
ATOM 605  C CA   . ASP A 1 41 ? -1.344  -9.288  -1.258  1.00 0.00 ? 181 ASP A CA   1 
ATOM 606  C C    . ASP A 1 41 ? -1.250  -7.797  -1.589  1.00 0.00 ? 181 ASP A C    1 
ATOM 607  O O    . ASP A 1 41 ? -0.177  -7.254  -1.752  1.00 0.00 ? 181 ASP A O    1 
ATOM 608  C CB   . ASP A 1 41 ? -1.836  -10.064 -2.485  1.00 0.00 ? 181 ASP A CB   1 
ATOM 609  C CG   . ASP A 1 41 ? -2.612  -11.307 -2.041  1.00 0.00 ? 181 ASP A CG   1 
ATOM 610  O OD1  . ASP A 1 41 ? -2.063  -12.081 -1.273  1.00 0.00 ? 181 ASP A OD1  1 
ATOM 611  O OD2  . ASP A 1 41 ? -3.741  -11.464 -2.475  1.00 0.00 ? 181 ASP A OD2  1 
ATOM 612  H H    . ASP A 1 41 ? -3.161  -9.909  -0.287  1.00 0.00 ? 181 ASP A H    1 
ATOM 613  H HA   . ASP A 1 41 ? -0.368  -9.652  -0.969  1.00 0.00 ? 181 ASP A HA   1 
ATOM 614  H HB2  . ASP A 1 41 ? -2.476  -9.430  -3.082  1.00 0.00 ? 181 ASP A HB2  1 
ATOM 615  H HB3  . ASP A 1 41 ? -0.990  -10.368 -3.073  1.00 0.00 ? 181 ASP A HB3  1 
ATOM 616  N N    . ALA A 1 42 ? -2.368  -7.129  -1.679  1.00 0.00 ? 182 ALA A N    1 
ATOM 617  C CA   . ALA A 1 42 ? -2.342  -5.671  -1.987  1.00 0.00 ? 182 ALA A CA   1 
ATOM 618  C C    . ALA A 1 42 ? -1.723  -4.914  -0.807  1.00 0.00 ? 182 ALA A C    1 
ATOM 619  O O    . ALA A 1 42 ? -1.191  -3.832  -0.959  1.00 0.00 ? 182 ALA A O    1 
ATOM 620  C CB   . ALA A 1 42 ? -3.771  -5.173  -2.215  1.00 0.00 ? 182 ALA A CB   1 
ATOM 621  H H    . ALA A 1 42 ? -3.225  -7.585  -1.538  1.00 0.00 ? 182 ALA A H    1 
ATOM 622  H HA   . ALA A 1 42 ? -1.751  -5.499  -2.875  1.00 0.00 ? 182 ALA A HA   1 
ATOM 623  H HB1  . ALA A 1 42 ? -4.435  -6.018  -2.325  1.00 0.00 ? 182 ALA A HB1  1 
ATOM 624  H HB2  . ALA A 1 42 ? -4.086  -4.578  -1.371  1.00 0.00 ? 182 ALA A HB2  1 
ATOM 625  H HB3  . ALA A 1 42 ? -3.805  -4.570  -3.110  1.00 0.00 ? 182 ALA A HB3  1 
ATOM 626  N N    . ALA A 1 43 ? -1.792  -5.477  0.370   1.00 0.00 ? 183 ALA A N    1 
ATOM 627  C CA   . ALA A 1 43 ? -1.216  -4.796  1.564   1.00 0.00 ? 183 ALA A CA   1 
ATOM 628  C C    . ALA A 1 43 ? 0.296   -5.006  1.599   1.00 0.00 ? 183 ALA A C    1 
ATOM 629  O O    . ALA A 1 43 ? 1.044   -4.145  2.025   1.00 0.00 ? 183 ALA A O    1 
ATOM 630  C CB   . ALA A 1 43 ? -1.844  -5.379  2.830   1.00 0.00 ? 183 ALA A CB   1 
ATOM 631  H H    . ALA A 1 43 ? -2.229  -6.349  0.470   1.00 0.00 ? 183 ALA A H    1 
ATOM 632  H HA   . ALA A 1 43 ? -1.430  -3.739  1.512   1.00 0.00 ? 183 ALA A HA   1 
ATOM 633  H HB1  . ALA A 1 43 ? -2.077  -6.424  2.678   1.00 0.00 ? 183 ALA A HB1  1 
ATOM 634  H HB2  . ALA A 1 43 ? -1.156  -5.280  3.656   1.00 0.00 ? 183 ALA A HB2  1 
ATOM 635  H HB3  . ALA A 1 43 ? -2.746  -4.841  3.049   1.00 0.00 ? 183 ALA A HB3  1 
ATOM 636  N N    . LEU A 1 44 ? 0.751   -6.144  1.151   1.00 0.00 ? 184 LEU A N    1 
ATOM 637  C CA   . LEU A 1 44 ? 2.214   -6.416  1.151   1.00 0.00 ? 184 LEU A CA   1 
ATOM 638  C C    . LEU A 1 44 ? 2.865   -5.603  0.034   1.00 0.00 ? 184 LEU A C    1 
ATOM 639  O O    . LEU A 1 44 ? 3.963   -5.103  0.174   1.00 0.00 ? 184 LEU A O    1 
ATOM 640  C CB   . LEU A 1 44 ? 2.454   -7.911  0.917   1.00 0.00 ? 184 LEU A CB   1 
ATOM 641  C CG   . LEU A 1 44 ? 3.906   -8.258  1.259   1.00 0.00 ? 184 LEU A CG   1 
ATOM 642  C CD1  . LEU A 1 44 ? 4.199   -7.884  2.714   1.00 0.00 ? 184 LEU A CD1  1 
ATOM 643  C CD2  . LEU A 1 44 ? 4.135   -9.760  1.064   1.00 0.00 ? 184 LEU A CD2  1 
ATOM 644  H H    . LEU A 1 44 ? 0.129   -6.819  0.809   1.00 0.00 ? 184 LEU A H    1 
ATOM 645  H HA   . LEU A 1 44 ? 2.635   -6.124  2.099   1.00 0.00 ? 184 LEU A HA   1 
ATOM 646  H HB2  . LEU A 1 44 ? 1.786   -8.485  1.546   1.00 0.00 ? 184 LEU A HB2  1 
ATOM 647  H HB3  . LEU A 1 44 ? 2.263   -8.150  -0.119  1.00 0.00 ? 184 LEU A HB3  1 
ATOM 648  H HG   . LEU A 1 44 ? 4.568   -7.706  0.607   1.00 0.00 ? 184 LEU A HG   1 
ATOM 649  H HD11 . LEU A 1 44 ? 3.402   -8.245  3.347   1.00 0.00 ? 184 LEU A HD11 1 
ATOM 650  H HD12 . LEU A 1 44 ? 5.132   -8.336  3.020   1.00 0.00 ? 184 LEU A HD12 1 
ATOM 651  H HD13 . LEU A 1 44 ? 4.272   -6.811  2.804   1.00 0.00 ? 184 LEU A HD13 1 
ATOM 652  H HD21 . LEU A 1 44 ? 3.471   -10.312 1.714   1.00 0.00 ? 184 LEU A HD21 1 
ATOM 653  H HD22 . LEU A 1 44 ? 3.937   -10.025 0.036   1.00 0.00 ? 184 LEU A HD22 1 
ATOM 654  H HD23 . LEU A 1 44 ? 5.159   -10.002 1.307   1.00 0.00 ? 184 LEU A HD23 1 
ATOM 655  N N    . ALA A 1 45 ? 2.184   -5.451  -1.067  1.00 0.00 ? 185 ALA A N    1 
ATOM 656  C CA   . ALA A 1 45 ? 2.750   -4.653  -2.189  1.00 0.00 ? 185 ALA A CA   1 
ATOM 657  C C    . ALA A 1 45 ? 2.840   -3.190  -1.752  1.00 0.00 ? 185 ALA A C    1 
ATOM 658  O O    . ALA A 1 45 ? 3.708   -2.451  -2.171  1.00 0.00 ? 185 ALA A O    1 
ATOM 659  C CB   . ALA A 1 45 ? 1.835   -4.775  -3.413  1.00 0.00 ? 185 ALA A CB   1 
ATOM 660  H H    . ALA A 1 45 ? 1.293   -5.851  -1.151  1.00 0.00 ? 185 ALA A H    1 
ATOM 661  H HA   . ALA A 1 45 ? 3.736   -5.021  -2.433  1.00 0.00 ? 185 ALA A HA   1 
ATOM 662  H HB1  . ALA A 1 45 ? 1.670   -5.819  -3.636  1.00 0.00 ? 185 ALA A HB1  1 
ATOM 663  H HB2  . ALA A 1 45 ? 0.889   -4.298  -3.204  1.00 0.00 ? 185 ALA A HB2  1 
ATOM 664  H HB3  . ALA A 1 45 ? 2.302   -4.293  -4.259  1.00 0.00 ? 185 ALA A HB3  1 
ATOM 665  N N    . TYR A 1 46 ? 1.943   -2.773  -0.900  1.00 0.00 ? 186 TYR A N    1 
ATOM 666  C CA   . TYR A 1 46 ? 1.959   -1.364  -0.413  1.00 0.00 ? 186 TYR A CA   1 
ATOM 667  C C    . TYR A 1 46 ? 3.195   -1.136  0.461   1.00 0.00 ? 186 TYR A C    1 
ATOM 668  O O    . TYR A 1 46 ? 3.775   -0.069  0.467   1.00 0.00 ? 186 TYR A O    1 
ATOM 669  C CB   . TYR A 1 46 ? 0.698   -1.116  0.420   1.00 0.00 ? 186 TYR A CB   1 
ATOM 670  C CG   . TYR A 1 46 ? 0.782   0.231   1.095   1.00 0.00 ? 186 TYR A CG   1 
ATOM 671  C CD1  . TYR A 1 46 ? 1.494   0.370   2.293   1.00 0.00 ? 186 TYR A CD1  1 
ATOM 672  C CD2  . TYR A 1 46 ? 0.143   1.340   0.527   1.00 0.00 ? 186 TYR A CD2  1 
ATOM 673  C CE1  . TYR A 1 46 ? 1.568   1.617   2.922   1.00 0.00 ? 186 TYR A CE1  1 
ATOM 674  C CE2  . TYR A 1 46 ? 0.217   2.588   1.158   1.00 0.00 ? 186 TYR A CE2  1 
ATOM 675  C CZ   . TYR A 1 46 ? 0.930   2.727   2.355   1.00 0.00 ? 186 TYR A CZ   1 
ATOM 676  O OH   . TYR A 1 46 ? 1.002   3.956   2.974   1.00 0.00 ? 186 TYR A OH   1 
ATOM 677  H H    . TYR A 1 46 ? 1.255   -3.392  -0.575  1.00 0.00 ? 186 TYR A H    1 
ATOM 678  H HA   . TYR A 1 46 ? 1.979   -0.689  -1.253  1.00 0.00 ? 186 TYR A HA   1 
ATOM 679  H HB2  . TYR A 1 46 ? -0.170  -1.143  -0.222  1.00 0.00 ? 186 TYR A HB2  1 
ATOM 680  H HB3  . TYR A 1 46 ? 0.610   -1.886  1.171   1.00 0.00 ? 186 TYR A HB3  1 
ATOM 681  H HD1  . TYR A 1 46 ? 1.987   -0.486  2.730   1.00 0.00 ? 186 TYR A HD1  1 
ATOM 682  H HD2  . TYR A 1 46 ? -0.406  1.233   -0.397  1.00 0.00 ? 186 TYR A HD2  1 
ATOM 683  H HE1  . TYR A 1 46 ? 2.118   1.724   3.843   1.00 0.00 ? 186 TYR A HE1  1 
ATOM 684  H HE2  . TYR A 1 46 ? -0.275  3.442   0.719   1.00 0.00 ? 186 TYR A HE2  1 
ATOM 685  H HH   . TYR A 1 46 ? 0.265   4.022   3.583   1.00 0.00 ? 186 TYR A HH   1 
ATOM 686  N N    . ASP A 1 47 ? 3.597   -2.130  1.206   1.00 0.00 ? 187 ASP A N    1 
ATOM 687  C CA   . ASP A 1 47 ? 4.783   -1.981  2.089   1.00 0.00 ? 187 ASP A CA   1 
ATOM 688  C C    . ASP A 1 47 ? 6.047   -1.763  1.252   1.00 0.00 ? 187 ASP A C    1 
ATOM 689  O O    . ASP A 1 47 ? 6.899   -0.960  1.588   1.00 0.00 ? 187 ASP A O    1 
ATOM 690  C CB   . ASP A 1 47 ? 4.932   -3.257  2.919   1.00 0.00 ? 187 ASP A CB   1 
ATOM 691  C CG   . ASP A 1 47 ? 3.812   -3.325  3.959   1.00 0.00 ? 187 ASP A CG   1 
ATOM 692  O OD1  . ASP A 1 47 ? 2.767   -2.747  3.716   1.00 0.00 ? 187 ASP A OD1  1 
ATOM 693  O OD2  . ASP A 1 47 ? 4.017   -3.959  4.980   1.00 0.00 ? 187 ASP A OD2  1 
ATOM 694  H H    . ASP A 1 47 ? 3.111   -2.981  1.194   1.00 0.00 ? 187 ASP A H    1 
ATOM 695  H HA   . ASP A 1 47 ? 4.639   -1.142  2.745   1.00 0.00 ? 187 ASP A HA   1 
ATOM 696  H HB2  . ASP A 1 47 ? 4.871   -4.119  2.268   1.00 0.00 ? 187 ASP A HB2  1 
ATOM 697  H HB3  . ASP A 1 47 ? 5.883   -3.253  3.415   1.00 0.00 ? 187 ASP A HB3  1 
ATOM 698  N N    . ARG A 1 48 ? 6.184   -2.482  0.176   1.00 0.00 ? 188 ARG A N    1 
ATOM 699  C CA   . ARG A 1 48 ? 7.402   -2.337  -0.676  1.00 0.00 ? 188 ARG A CA   1 
ATOM 700  C C    . ARG A 1 48 ? 7.458   -0.941  -1.304  1.00 0.00 ? 188 ARG A C    1 
ATOM 701  O O    . ARG A 1 48 ? 8.518   -0.372  -1.471  1.00 0.00 ? 188 ARG A O    1 
ATOM 702  C CB   . ARG A 1 48 ? 7.382   -3.402  -1.779  1.00 0.00 ? 188 ARG A CB   1 
ATOM 703  C CG   . ARG A 1 48 ? 8.499   -4.418  -1.522  1.00 0.00 ? 188 ARG A CG   1 
ATOM 704  C CD   . ARG A 1 48 ? 8.063   -5.804  -2.004  1.00 0.00 ? 188 ARG A CD   1 
ATOM 705  N NE   . ARG A 1 48 ? 8.758   -6.131  -3.282  1.00 0.00 ? 188 ARG A NE   1 
ATOM 706  C CZ   . ARG A 1 48 ? 9.892   -6.781  -3.266  1.00 0.00 ? 188 ARG A CZ   1 
ATOM 707  N NH1  . ARG A 1 48 ? 9.962   -7.957  -2.707  1.00 0.00 ? 188 ARG A NH1  1 
ATOM 708  N NH2  . ARG A 1 48 ? 10.955  -6.253  -3.809  1.00 0.00 ? 188 ARG A NH2  1 
ATOM 709  H H    . ARG A 1 48 ? 5.488   -3.129  -0.066  1.00 0.00 ? 188 ARG A H    1 
ATOM 710  H HA   . ARG A 1 48 ? 8.275   -2.480  -0.064  1.00 0.00 ? 188 ARG A HA   1 
ATOM 711  H HB2  . ARG A 1 48 ? 6.426   -3.905  -1.775  1.00 0.00 ? 188 ARG A HB2  1 
ATOM 712  H HB3  . ARG A 1 48 ? 7.538   -2.931  -2.739  1.00 0.00 ? 188 ARG A HB3  1 
ATOM 713  H HG2  . ARG A 1 48 ? 9.388   -4.116  -2.057  1.00 0.00 ? 188 ARG A HG2  1 
ATOM 714  H HG3  . ARG A 1 48 ? 8.713   -4.458  -0.464  1.00 0.00 ? 188 ARG A HG3  1 
ATOM 715  H HD2  . ARG A 1 48 ? 8.320   -6.541  -1.257  1.00 0.00 ? 188 ARG A HD2  1 
ATOM 716  H HD3  . ARG A 1 48 ? 6.995   -5.812  -2.162  1.00 0.00 ? 188 ARG A HD3  1 
ATOM 717  H HE   . ARG A 1 48 ? 8.364   -5.860  -4.137  1.00 0.00 ? 188 ARG A HE   1 
ATOM 718  H HH11 . ARG A 1 48 ? 9.147   -8.363  -2.292  1.00 0.00 ? 188 ARG A HH11 1 
ATOM 719  H HH12 . ARG A 1 48 ? 10.830  -8.455  -2.694  1.00 0.00 ? 188 ARG A HH12 1 
ATOM 720  H HH21 . ARG A 1 48 ? 10.902  -5.350  -4.240  1.00 0.00 ? 188 ARG A HH21 1 
ATOM 721  H HH22 . ARG A 1 48 ? 11.823  -6.750  -3.796  1.00 0.00 ? 188 ARG A HH22 1 
ATOM 722  N N    . ALA A 1 49 ? 6.333   -0.384  -1.655  1.00 0.00 ? 189 ALA A N    1 
ATOM 723  C CA   . ALA A 1 49 ? 6.338   0.976   -2.275  1.00 0.00 ? 189 ALA A CA   1 
ATOM 724  C C    . ALA A 1 49 ? 6.445   2.042   -1.184  1.00 0.00 ? 189 ALA A C    1 
ATOM 725  O O    . ALA A 1 49 ? 6.891   3.146   -1.427  1.00 0.00 ? 189 ALA A O    1 
ATOM 726  C CB   . ALA A 1 49 ? 5.040   1.188   -3.057  1.00 0.00 ? 189 ALA A CB   1 
ATOM 727  H H    . ALA A 1 49 ? 5.487   -0.858  -1.514  1.00 0.00 ? 189 ALA A H    1 
ATOM 728  H HA   . ALA A 1 49 ? 7.182   1.064   -2.946  1.00 0.00 ? 189 ALA A HA   1 
ATOM 729  H HB1  . ALA A 1 49 ? 4.213   0.763   -2.507  1.00 0.00 ? 189 ALA A HB1  1 
ATOM 730  H HB2  . ALA A 1 49 ? 4.873   2.247   -3.196  1.00 0.00 ? 189 ALA A HB2  1 
ATOM 731  H HB3  . ALA A 1 49 ? 5.118   0.707   -4.019  1.00 0.00 ? 189 ALA A HB3  1 
ATOM 732  N N    . ALA A 1 50 ? 6.040   1.726   0.015   1.00 0.00 ? 190 ALA A N    1 
ATOM 733  C CA   . ALA A 1 50 ? 6.119   2.727   1.115   1.00 0.00 ? 190 ALA A CA   1 
ATOM 734  C C    . ALA A 1 50 ? 7.489   2.645   1.789   1.00 0.00 ? 190 ALA A C    1 
ATOM 735  O O    . ALA A 1 50 ? 7.797   3.419   2.668   1.00 0.00 ? 190 ALA A O    1 
ATOM 736  C CB   . ALA A 1 50 ? 5.029   2.438   2.144   1.00 0.00 ? 190 ALA A CB   1 
ATOM 737  H H    . ALA A 1 50 ? 5.681   0.833   0.192   1.00 0.00 ? 190 ALA A H    1 
ATOM 738  H HA   . ALA A 1 50 ? 5.980   3.722   0.709   1.00 0.00 ? 190 ALA A HA   1 
ATOM 739  H HB1  . ALA A 1 50 ? 5.117   1.416   2.482   1.00 0.00 ? 190 ALA A HB1  1 
ATOM 740  H HB2  . ALA A 1 50 ? 5.141   3.106   2.986   1.00 0.00 ? 190 ALA A HB2  1 
ATOM 741  H HB3  . ALA A 1 50 ? 4.060   2.587   1.692   1.00 0.00 ? 190 ALA A HB3  1 
ATOM 742  N N    . PHE A 1 51 ? 8.314   1.718   1.389   1.00 0.00 ? 191 PHE A N    1 
ATOM 743  C CA   . PHE A 1 51 ? 9.662   1.611   2.017   1.00 0.00 ? 191 PHE A CA   1 
ATOM 744  C C    . PHE A 1 51 ? 10.709  2.160   1.047   1.00 0.00 ? 191 PHE A C    1 
ATOM 745  O O    . PHE A 1 51 ? 11.717  2.708   1.450   1.00 0.00 ? 191 PHE A O    1 
ATOM 746  C CB   . PHE A 1 51 ? 9.960   0.143   2.337   1.00 0.00 ? 191 PHE A CB   1 
ATOM 747  C CG   . PHE A 1 51 ? 10.802  0.054   3.588   1.00 0.00 ? 191 PHE A CG   1 
ATOM 748  C CD1  . PHE A 1 51 ? 10.186  0.044   4.847   1.00 0.00 ? 191 PHE A CD1  1 
ATOM 749  C CD2  . PHE A 1 51 ? 12.195  -0.024  3.489   1.00 0.00 ? 191 PHE A CD2  1 
ATOM 750  C CE1  . PHE A 1 51 ? 10.967  -0.043  6.007   1.00 0.00 ? 191 PHE A CE1  1 
ATOM 751  C CE2  . PHE A 1 51 ? 12.976  -0.111  4.647   1.00 0.00 ? 191 PHE A CE2  1 
ATOM 752  C CZ   . PHE A 1 51 ? 12.361  -0.121  5.906   1.00 0.00 ? 191 PHE A CZ   1 
ATOM 753  H H    . PHE A 1 51 ? 8.051   1.097   0.678   1.00 0.00 ? 191 PHE A H    1 
ATOM 754  H HA   . PHE A 1 51 ? 9.679   2.195   2.926   1.00 0.00 ? 191 PHE A HA   1 
ATOM 755  H HB2  . PHE A 1 51 ? 9.030   -0.386  2.490   1.00 0.00 ? 191 PHE A HB2  1 
ATOM 756  H HB3  . PHE A 1 51 ? 10.495  -0.304  1.511   1.00 0.00 ? 191 PHE A HB3  1 
ATOM 757  H HD1  . PHE A 1 51 ? 9.110   0.105   4.923   1.00 0.00 ? 191 PHE A HD1  1 
ATOM 758  H HD2  . PHE A 1 51 ? 12.668  -0.016  2.518   1.00 0.00 ? 191 PHE A HD2  1 
ATOM 759  H HE1  . PHE A 1 51 ? 10.493  -0.051  6.977   1.00 0.00 ? 191 PHE A HE1  1 
ATOM 760  H HE2  . PHE A 1 51 ? 14.050  -0.172  4.571   1.00 0.00 ? 191 PHE A HE2  1 
ATOM 761  H HZ   . PHE A 1 51 ? 12.964  -0.189  6.801   1.00 0.00 ? 191 PHE A HZ   1 
ATOM 762  N N    . ARG A 1 52 ? 10.467  2.033   -0.229  1.00 0.00 ? 192 ARG A N    1 
ATOM 763  C CA   . ARG A 1 52 ? 11.431  2.565   -1.233  1.00 0.00 ? 192 ARG A CA   1 
ATOM 764  C C    . ARG A 1 52 ? 11.202  4.069   -1.371  1.00 0.00 ? 192 ARG A C    1 
ATOM 765  O O    . ARG A 1 52 ? 12.125  4.847   -1.524  1.00 0.00 ? 192 ARG A O    1 
ATOM 766  C CB   . ARG A 1 52 ? 11.172  1.889   -2.584  1.00 0.00 ? 192 ARG A CB   1 
ATOM 767  C CG   . ARG A 1 52 ? 12.360  2.135   -3.523  1.00 0.00 ? 192 ARG A CG   1 
ATOM 768  C CD   . ARG A 1 52 ? 11.998  1.691   -4.945  1.00 0.00 ? 192 ARG A CD   1 
ATOM 769  N NE   . ARG A 1 52 ? 12.416  0.273   -5.148  1.00 0.00 ? 192 ARG A NE   1 
ATOM 770  C CZ   . ARG A 1 52 ? 12.719  -0.157  -6.346  1.00 0.00 ? 192 ARG A CZ   1 
ATOM 771  N NH1  . ARG A 1 52 ? 13.843  0.205   -6.906  1.00 0.00 ? 192 ARG A NH1  1 
ATOM 772  N NH2  . ARG A 1 52 ? 11.898  -0.952  -6.981  1.00 0.00 ? 192 ARG A NH2  1 
ATOM 773  H H    . ARG A 1 52 ? 9.641   1.600   -0.527  1.00 0.00 ? 192 ARG A H    1 
ATOM 774  H HA   . ARG A 1 52 ? 12.442  2.374   -0.912  1.00 0.00 ? 192 ARG A HA   1 
ATOM 775  H HB2  . ARG A 1 52 ? 11.044  0.827   -2.435  1.00 0.00 ? 192 ARG A HB2  1 
ATOM 776  H HB3  . ARG A 1 52 ? 10.274  2.302   -3.022  1.00 0.00 ? 192 ARG A HB3  1 
ATOM 777  H HG2  . ARG A 1 52 ? 12.603  3.187   -3.526  1.00 0.00 ? 192 ARG A HG2  1 
ATOM 778  H HG3  . ARG A 1 52 ? 13.214  1.571   -3.179  1.00 0.00 ? 192 ARG A HG3  1 
ATOM 779  H HD2  . ARG A 1 52 ? 10.932  1.776   -5.089  1.00 0.00 ? 192 ARG A HD2  1 
ATOM 780  H HD3  . ARG A 1 52 ? 12.509  2.321   -5.658  1.00 0.00 ? 192 ARG A HD3  1 
ATOM 781  H HE   . ARG A 1 52 ? 12.464  -0.336  -4.381  1.00 0.00 ? 192 ARG A HE   1 
ATOM 782  H HH11 . ARG A 1 52 ? 14.474  0.811   -6.419  1.00 0.00 ? 192 ARG A HH11 1 
ATOM 783  H HH12 . ARG A 1 52 ? 14.074  -0.124  -7.821  1.00 0.00 ? 192 ARG A HH12 1 
ATOM 784  H HH21 . ARG A 1 52 ? 11.038  -1.230  -6.550  1.00 0.00 ? 192 ARG A HH21 1 
ATOM 785  H HH22 . ARG A 1 52 ? 12.128  -1.280  -7.897  1.00 0.00 ? 192 ARG A HH22 1 
ATOM 786  N N    . MET A 1 53 ? 9.965   4.473   -1.325  1.00 0.00 ? 193 MET A N    1 
ATOM 787  C CA   . MET A 1 53 ? 9.628   5.919   -1.458  1.00 0.00 ? 193 MET A CA   1 
ATOM 788  C C    . MET A 1 53 ? 9.923   6.662   -0.155  1.00 0.00 ? 193 MET A C    1 
ATOM 789  O O    . MET A 1 53 ? 10.330  7.806   -0.165  1.00 0.00 ? 193 MET A O    1 
ATOM 790  C CB   . MET A 1 53 ? 8.142   6.051   -1.778  1.00 0.00 ? 193 MET A CB   1 
ATOM 791  C CG   . MET A 1 53 ? 7.934   7.168   -2.804  1.00 0.00 ? 193 MET A CG   1 
ATOM 792  S SD   . MET A 1 53 ? 7.197   6.479   -4.306  1.00 0.00 ? 193 MET A SD   1 
ATOM 793  C CE   . MET A 1 53 ? 5.529   6.241   -3.646  1.00 0.00 ? 193 MET A CE   1 
ATOM 794  H H    . MET A 1 53 ? 9.247   3.816   -1.210  1.00 0.00 ? 193 MET A H    1 
ATOM 795  H HA   . MET A 1 53 ? 10.206  6.350   -2.254  1.00 0.00 ? 193 MET A HA   1 
ATOM 796  H HB2  . MET A 1 53 ? 7.779   5.117   -2.183  1.00 0.00 ? 193 MET A HB2  1 
ATOM 797  H HB3  . MET A 1 53 ? 7.599   6.287   -0.874  1.00 0.00 ? 193 MET A HB3  1 
ATOM 798  H HG2  . MET A 1 53 ? 7.277   7.919   -2.392  1.00 0.00 ? 193 MET A HG2  1 
ATOM 799  H HG3  . MET A 1 53 ? 8.888   7.617   -3.044  1.00 0.00 ? 193 MET A HG3  1 
ATOM 800  H HE1  . MET A 1 53 ? 5.256   7.097   -3.047  1.00 0.00 ? 193 MET A HE1  1 
ATOM 801  H HE2  . MET A 1 53 ? 4.831   6.129   -4.464  1.00 0.00 ? 193 MET A HE2  1 
ATOM 802  H HE3  . MET A 1 53 ? 5.506   5.354   -3.033  1.00 0.00 ? 193 MET A HE3  1 
ATOM 803  N N    . ARG A 1 54 ? 9.712   6.032   0.966   1.00 0.00 ? 194 ARG A N    1 
ATOM 804  C CA   . ARG A 1 54 ? 9.976   6.726   2.257   1.00 0.00 ? 194 ARG A CA   1 
ATOM 805  C C    . ARG A 1 54 ? 11.423  6.472   2.684   1.00 0.00 ? 194 ARG A C    1 
ATOM 806  O O    . ARG A 1 54 ? 11.998  7.225   3.444   1.00 0.00 ? 194 ARG A O    1 
ATOM 807  C CB   . ARG A 1 54 ? 8.996   6.218   3.319   1.00 0.00 ? 194 ARG A CB   1 
ATOM 808  C CG   . ARG A 1 54 ? 7.845   7.220   3.456   1.00 0.00 ? 194 ARG A CG   1 
ATOM 809  C CD   . ARG A 1 54 ? 6.821   6.706   4.469   1.00 0.00 ? 194 ARG A CD   1 
ATOM 810  N NE   . ARG A 1 54 ? 5.446   7.066   4.015   1.00 0.00 ? 194 ARG A NE   1 
ATOM 811  C CZ   . ARG A 1 54 ? 4.940   8.232   4.317   1.00 0.00 ? 194 ARG A CZ   1 
ATOM 812  N NH1  . ARG A 1 54 ? 4.661   8.523   5.557   1.00 0.00 ? 194 ARG A NH1  1 
ATOM 813  N NH2  . ARG A 1 54 ? 4.707   9.107   3.378   1.00 0.00 ? 194 ARG A NH2  1 
ATOM 814  H H    . ARG A 1 54 ? 9.378   5.111   0.957   1.00 0.00 ? 194 ARG A H    1 
ATOM 815  H HA   . ARG A 1 54 ? 9.832   7.788   2.122   1.00 0.00 ? 194 ARG A HA   1 
ATOM 816  H HB2  . ARG A 1 54 ? 8.605   5.258   3.015   1.00 0.00 ? 194 ARG A HB2  1 
ATOM 817  H HB3  . ARG A 1 54 ? 9.503   6.120   4.267   1.00 0.00 ? 194 ARG A HB3  1 
ATOM 818  H HG2  . ARG A 1 54 ? 8.236   8.170   3.791   1.00 0.00 ? 194 ARG A HG2  1 
ATOM 819  H HG3  . ARG A 1 54 ? 7.365   7.348   2.497   1.00 0.00 ? 194 ARG A HG3  1 
ATOM 820  H HD2  . ARG A 1 54 ? 6.901   5.631   4.549   1.00 0.00 ? 194 ARG A HD2  1 
ATOM 821  H HD3  . ARG A 1 54 ? 7.011   7.154   5.433   1.00 0.00 ? 194 ARG A HD3  1 
ATOM 822  H HE   . ARG A 1 54 ? 4.923   6.428   3.488   1.00 0.00 ? 194 ARG A HE   1 
ATOM 823  H HH11 . ARG A 1 54 ? 4.835   7.853   6.279   1.00 0.00 ? 194 ARG A HH11 1 
ATOM 824  H HH12 . ARG A 1 54 ? 4.270   9.414   5.785   1.00 0.00 ? 194 ARG A HH12 1 
ATOM 825  H HH21 . ARG A 1 54 ? 4.916   8.886   2.425   1.00 0.00 ? 194 ARG A HH21 1 
ATOM 826  H HH22 . ARG A 1 54 ? 4.316   9.998   3.609   1.00 0.00 ? 194 ARG A HH22 1 
ATOM 827  N N    . GLY A 1 55 ? 12.029  5.439   2.168   1.00 0.00 ? 195 GLY A N    1 
ATOM 828  C CA   . GLY A 1 55 ? 13.457  5.160   2.507   1.00 0.00 ? 195 GLY A CA   1 
ATOM 829  C C    . GLY A 1 55 ? 13.599  4.433   3.851   1.00 0.00 ? 195 GLY A C    1 
ATOM 830  O O    . GLY A 1 55 ? 13.064  3.360   4.057   1.00 0.00 ? 195 GLY A O    1 
ATOM 831  H H    . GLY A 1 55 ? 11.554  4.863   1.529   1.00 0.00 ? 195 GLY A H    1 
ATOM 832  H HA2  . GLY A 1 55 ? 13.890  4.547   1.729   1.00 0.00 ? 195 GLY A HA2  1 
ATOM 833  H HA3  . GLY A 1 55 ? 13.995  6.094   2.556   1.00 0.00 ? 195 GLY A HA3  1 
ATOM 834  N N    . SER A 1 56 ? 14.366  5.002   4.747   1.00 0.00 ? 196 SER A N    1 
ATOM 835  C CA   . SER A 1 56 ? 14.620  4.359   6.077   1.00 0.00 ? 196 SER A CA   1 
ATOM 836  C C    . SER A 1 56 ? 13.382  4.396   6.978   1.00 0.00 ? 196 SER A C    1 
ATOM 837  O O    . SER A 1 56 ? 12.842  5.444   7.266   1.00 0.00 ? 196 SER A O    1 
ATOM 838  C CB   . SER A 1 56 ? 15.753  5.111   6.778   1.00 0.00 ? 196 SER A CB   1 
ATOM 839  O OG   . SER A 1 56 ? 16.962  4.926   6.057   1.00 0.00 ? 196 SER A OG   1 
ATOM 840  H H    . SER A 1 56 ? 14.808  5.850   4.532   1.00 0.00 ? 196 SER A H    1 
ATOM 841  H HA   . SER A 1 56 ? 14.922  3.334   5.926   1.00 0.00 ? 196 SER A HA   1 
ATOM 842  H HB2  . SER A 1 56 ? 15.518  6.162   6.814   1.00 0.00 ? 196 SER A HB2  1 
ATOM 843  H HB3  . SER A 1 56 ? 15.862  4.735   7.787   1.00 0.00 ? 196 SER A HB3  1 
ATOM 844  H HG   . SER A 1 56 ? 17.450  5.753   6.082   1.00 0.00 ? 196 SER A HG   1 
ATOM 845  N N    . ARG A 1 57 ? 12.966  3.251   7.457   1.00 0.00 ? 197 ARG A N    1 
ATOM 846  C CA   . ARG A 1 57 ? 11.792  3.181   8.381   1.00 0.00 ? 197 ARG A CA   1 
ATOM 847  C C    . ARG A 1 57 ? 10.563  3.844   7.750   1.00 0.00 ? 197 ARG A C    1 
ATOM 848  O O    . ARG A 1 57 ? 10.649  4.860   7.090   1.00 0.00 ? 197 ARG A O    1 
ATOM 849  C CB   . ARG A 1 57 ? 12.139  3.885   9.698   1.00 0.00 ? 197 ARG A CB   1 
ATOM 850  C CG   . ARG A 1 57 ? 11.983  2.901   10.862  1.00 0.00 ? 197 ARG A CG   1 
ATOM 851  C CD   . ARG A 1 57 ? 11.756  3.673   12.165  1.00 0.00 ? 197 ARG A CD   1 
ATOM 852  N NE   . ARG A 1 57 ? 13.059  4.190   12.672  1.00 0.00 ? 197 ARG A NE   1 
ATOM 853  C CZ   . ARG A 1 57 ? 13.331  4.145   13.950  1.00 0.00 ? 197 ARG A CZ   1 
ATOM 854  N NH1  . ARG A 1 57 ? 12.628  4.851   14.794  1.00 0.00 ? 197 ARG A NH1  1 
ATOM 855  N NH2  . ARG A 1 57 ? 14.307  3.394   14.383  1.00 0.00 ? 197 ARG A NH2  1 
ATOM 856  H H    . ARG A 1 57 ? 13.448  2.427   7.230   1.00 0.00 ? 197 ARG A H    1 
ATOM 857  H HA   . ARG A 1 57 ? 11.566  2.145   8.585   1.00 0.00 ? 197 ARG A HA   1 
ATOM 858  H HB2  . ARG A 1 57 ? 13.161  4.236   9.658   1.00 0.00 ? 197 ARG A HB2  1 
ATOM 859  H HB3  . ARG A 1 57 ? 11.476  4.722   9.846   1.00 0.00 ? 197 ARG A HB3  1 
ATOM 860  H HG2  . ARG A 1 57 ? 11.138  2.254   10.674  1.00 0.00 ? 197 ARG A HG2  1 
ATOM 861  H HG3  . ARG A 1 57 ? 12.879  2.304   10.951  1.00 0.00 ? 197 ARG A HG3  1 
ATOM 862  H HD2  . ARG A 1 57 ? 11.089  4.503   11.979  1.00 0.00 ? 197 ARG A HD2  1 
ATOM 863  H HD3  . ARG A 1 57 ? 11.316  3.016   12.902  1.00 0.00 ? 197 ARG A HD3  1 
ATOM 864  H HE   . ARG A 1 57 ? 13.714  4.564   12.047  1.00 0.00 ? 197 ARG A HE   1 
ATOM 865  H HH11 . ARG A 1 57 ? 11.878  5.427   14.464  1.00 0.00 ? 197 ARG A HH11 1 
ATOM 866  H HH12 . ARG A 1 57 ? 12.838  4.817   15.771  1.00 0.00 ? 197 ARG A HH12 1 
ATOM 867  H HH21 . ARG A 1 57 ? 14.846  2.854   13.737  1.00 0.00 ? 197 ARG A HH21 1 
ATOM 868  H HH22 . ARG A 1 57 ? 14.516  3.361   15.361  1.00 0.00 ? 197 ARG A HH22 1 
ATOM 869  N N    . ALA A 1 58 ? 9.411   3.268   7.956   1.00 0.00 ? 198 ALA A N    1 
ATOM 870  C CA   . ALA A 1 58 ? 8.165   3.847   7.384   1.00 0.00 ? 198 ALA A CA   1 
ATOM 871  C C    . ALA A 1 58 ? 6.961   3.133   8.002   1.00 0.00 ? 198 ALA A C    1 
ATOM 872  O O    . ALA A 1 58 ? 7.064   2.013   8.462   1.00 0.00 ? 198 ALA A O    1 
ATOM 873  C CB   . ALA A 1 58 ? 8.164   3.653   5.867   1.00 0.00 ? 198 ALA A CB   1 
ATOM 874  H H    . ALA A 1 58 ? 9.367   2.451   8.495   1.00 0.00 ? 198 ALA A H    1 
ATOM 875  H HA   . ALA A 1 58 ? 8.117   4.902   7.614   1.00 0.00 ? 198 ALA A HA   1 
ATOM 876  H HB1  . ALA A 1 58 ? 8.520   2.661   5.629   1.00 0.00 ? 198 ALA A HB1  1 
ATOM 877  H HB2  . ALA A 1 58 ? 7.161   3.775   5.487   1.00 0.00 ? 198 ALA A HB2  1 
ATOM 878  H HB3  . ALA A 1 58 ? 8.812   4.385   5.410   1.00 0.00 ? 198 ALA A HB3  1 
ATOM 879  N N    . LEU A 1 59 ? 5.822   3.771   8.027   1.00 0.00 ? 199 LEU A N    1 
ATOM 880  C CA   . LEU A 1 59 ? 4.620   3.122   8.625   1.00 0.00 ? 199 LEU A CA   1 
ATOM 881  C C    . LEU A 1 59 ? 3.894   2.303   7.553   1.00 0.00 ? 199 LEU A C    1 
ATOM 882  O O    . LEU A 1 59 ? 3.277   2.844   6.656   1.00 0.00 ? 199 LEU A O    1 
ATOM 883  C CB   . LEU A 1 59 ? 3.685   4.199   9.187   1.00 0.00 ? 199 LEU A CB   1 
ATOM 884  C CG   . LEU A 1 59 ? 4.000   4.422   10.669  1.00 0.00 ? 199 LEU A CG   1 
ATOM 885  C CD1  . LEU A 1 59 ? 3.820   5.901   11.019  1.00 0.00 ? 199 LEU A CD1  1 
ATOM 886  C CD2  . LEU A 1 59 ? 3.054   3.575   11.523  1.00 0.00 ? 199 LEU A CD2  1 
ATOM 887  H H    . LEU A 1 59 ? 5.759   4.677   7.657   1.00 0.00 ? 199 LEU A H    1 
ATOM 888  H HA   . LEU A 1 59 ? 4.931   2.465   9.425   1.00 0.00 ? 199 LEU A HA   1 
ATOM 889  H HB2  . LEU A 1 59 ? 3.834   5.123   8.644   1.00 0.00 ? 199 LEU A HB2  1 
ATOM 890  H HB3  . LEU A 1 59 ? 2.660   3.879   9.082   1.00 0.00 ? 199 LEU A HB3  1 
ATOM 891  H HG   . LEU A 1 59 ? 5.022   4.129   10.865  1.00 0.00 ? 199 LEU A HG   1 
ATOM 892  H HD11 . LEU A 1 59 ? 3.118   6.350   10.333  1.00 0.00 ? 199 LEU A HD11 1 
ATOM 893  H HD12 . LEU A 1 59 ? 3.445   5.990   12.029  1.00 0.00 ? 199 LEU A HD12 1 
ATOM 894  H HD13 . LEU A 1 59 ? 4.771   6.407   10.943  1.00 0.00 ? 199 LEU A HD13 1 
ATOM 895  H HD21 . LEU A 1 59 ? 2.031   3.839   11.301  1.00 0.00 ? 199 LEU A HD21 1 
ATOM 896  H HD22 . LEU A 1 59 ? 3.210   2.528   11.303  1.00 0.00 ? 199 LEU A HD22 1 
ATOM 897  H HD23 . LEU A 1 59 ? 3.254   3.755   12.569  1.00 0.00 ? 199 LEU A HD23 1 
ATOM 898  N N    . LEU A 1 60 ? 3.969   0.999   7.636   1.00 0.00 ? 200 LEU A N    1 
ATOM 899  C CA   . LEU A 1 60 ? 3.290   0.139   6.617   1.00 0.00 ? 200 LEU A CA   1 
ATOM 900  C C    . LEU A 1 60 ? 2.203   -0.700  7.289   1.00 0.00 ? 200 LEU A C    1 
ATOM 901  O O    . LEU A 1 60 ? 2.164   -0.830  8.498   1.00 0.00 ? 200 LEU A O    1 
ATOM 902  C CB   . LEU A 1 60 ? 4.301   -0.822  5.966   1.00 0.00 ? 200 LEU A CB   1 
ATOM 903  C CG   . LEU A 1 60 ? 5.739   -0.414  6.300   1.00 0.00 ? 200 LEU A CG   1 
ATOM 904  C CD1  . LEU A 1 60 ? 6.688   -1.571  5.970   1.00 0.00 ? 200 LEU A CD1  1 
ATOM 905  C CD2  . LEU A 1 60 ? 6.115   0.812   5.466   1.00 0.00 ? 200 LEU A CD2  1 
ATOM 906  H H    . LEU A 1 60 ? 4.473   0.584   8.366   1.00 0.00 ? 200 LEU A H    1 
ATOM 907  H HA   . LEU A 1 60 ? 2.845   0.763   5.855   1.00 0.00 ? 200 LEU A HA   1 
ATOM 908  H HB2  . LEU A 1 60 ? 4.124   -1.823  6.330   1.00 0.00 ? 200 LEU A HB2  1 
ATOM 909  H HB3  . LEU A 1 60 ? 4.168   -0.806  4.894   1.00 0.00 ? 200 LEU A HB3  1 
ATOM 910  H HG   . LEU A 1 60 ? 5.815   -0.181  7.353   1.00 0.00 ? 200 LEU A HG   1 
ATOM 911  H HD11 . LEU A 1 60 ? 6.326   -2.476  6.433   1.00 0.00 ? 200 LEU A HD11 1 
ATOM 912  H HD12 . LEU A 1 60 ? 6.731   -1.706  4.899   1.00 0.00 ? 200 LEU A HD12 1 
ATOM 913  H HD13 . LEU A 1 60 ? 7.675   -1.346  6.344   1.00 0.00 ? 200 LEU A HD13 1 
ATOM 914  H HD21 . LEU A 1 60 ? 5.831   0.644   4.437   1.00 0.00 ? 200 LEU A HD21 1 
ATOM 915  H HD22 . LEU A 1 60 ? 5.594   1.679   5.844   1.00 0.00 ? 200 LEU A HD22 1 
ATOM 916  H HD23 . LEU A 1 60 ? 7.180   0.976   5.525   1.00 0.00 ? 200 LEU A HD23 1 
ATOM 917  N N    . ASN A 1 61 ? 1.340   -1.307  6.514   1.00 0.00 ? 201 ASN A N    1 
ATOM 918  C CA   . ASN A 1 61 ? 0.289   -2.172  7.130   1.00 0.00 ? 201 ASN A CA   1 
ATOM 919  C C    . ASN A 1 61 ? 1.017   -3.319  7.817   1.00 0.00 ? 201 ASN A C    1 
ATOM 920  O O    . ASN A 1 61 ? 0.667   -3.748  8.898   1.00 0.00 ? 201 ASN A O    1 
ATOM 921  C CB   . ASN A 1 61 ? -0.674  -2.740  6.070   1.00 0.00 ? 201 ASN A CB   1 
ATOM 922  C CG   . ASN A 1 61 ? -0.571  -1.948  4.766   1.00 0.00 ? 201 ASN A CG   1 
ATOM 923  O OD1  . ASN A 1 61 ? -0.762  -0.750  4.750   1.00 0.00 ? 201 ASN A OD1  1 
ATOM 924  N ND2  . ASN A 1 61 ? -0.275  -2.580  3.665   1.00 0.00 ? 201 ASN A ND2  1 
ATOM 925  H H    . ASN A 1 61 ? 1.409   -1.217  5.542   1.00 0.00 ? 201 ASN A H    1 
ATOM 926  H HA   . ASN A 1 61 ? -0.265  -1.604  7.864   1.00 0.00 ? 201 ASN A HA   1 
ATOM 927  H HB2  . ASN A 1 61 ? -0.425  -3.772  5.879   1.00 0.00 ? 201 ASN A HB2  1 
ATOM 928  H HB3  . ASN A 1 61 ? -1.686  -2.682  6.441   1.00 0.00 ? 201 ASN A HB3  1 
ATOM 929  H HD21 . ASN A 1 61 ? -0.122  -3.548  3.684   1.00 0.00 ? 201 ASN A HD21 1 
ATOM 930  H HD22 . ASN A 1 61 ? -0.200  -2.090  2.822   1.00 0.00 ? 201 ASN A HD22 1 
ATOM 931  N N    . PHE A 1 62 ? 2.062   -3.791  7.194   1.00 0.00 ? 202 PHE A N    1 
ATOM 932  C CA   . PHE A 1 62 ? 2.869   -4.882  7.791   1.00 0.00 ? 202 PHE A CA   1 
ATOM 933  C C    . PHE A 1 62 ? 4.263   -4.318  8.077   1.00 0.00 ? 202 PHE A C    1 
ATOM 934  O O    . PHE A 1 62 ? 5.120   -4.322  7.213   1.00 0.00 ? 202 PHE A O    1 
ATOM 935  C CB   . PHE A 1 62 ? 2.975   -6.056  6.807   1.00 0.00 ? 202 PHE A CB   1 
ATOM 936  C CG   . PHE A 1 62 ? 1.618   -6.390  6.240   1.00 0.00 ? 202 PHE A CG   1 
ATOM 937  C CD1  . PHE A 1 62 ? 0.470   -6.238  7.024   1.00 0.00 ? 202 PHE A CD1  1 
ATOM 938  C CD2  . PHE A 1 62 ? 1.515   -6.866  4.929   1.00 0.00 ? 202 PHE A CD2  1 
ATOM 939  C CE1  . PHE A 1 62 ? -0.782  -6.566  6.497   1.00 0.00 ? 202 PHE A CE1  1 
ATOM 940  C CE2  . PHE A 1 62 ? 0.262   -7.191  4.402   1.00 0.00 ? 202 PHE A CE2  1 
ATOM 941  C CZ   . PHE A 1 62 ? -0.888  -7.042  5.183   1.00 0.00 ? 202 PHE A CZ   1 
ATOM 942  H H    . PHE A 1 62 ? 2.333   -3.400  6.334   1.00 0.00 ? 202 PHE A H    1 
ATOM 943  H HA   . PHE A 1 62 ? 2.414   -5.214  8.713   1.00 0.00 ? 202 PHE A HA   1 
ATOM 944  H HB2  . PHE A 1 62 ? 3.643   -5.792  6.002   1.00 0.00 ? 202 PHE A HB2  1 
ATOM 945  H HB3  . PHE A 1 62 ? 3.360   -6.922  7.322   1.00 0.00 ? 202 PHE A HB3  1 
ATOM 946  H HD1  . PHE A 1 62 ? 0.551   -5.869  8.035   1.00 0.00 ? 202 PHE A HD1  1 
ATOM 947  H HD2  . PHE A 1 62 ? 2.402   -6.981  4.325   1.00 0.00 ? 202 PHE A HD2  1 
ATOM 948  H HE1  . PHE A 1 62 ? -1.666  -6.450  7.103   1.00 0.00 ? 202 PHE A HE1  1 
ATOM 949  H HE2  . PHE A 1 62 ? 0.186   -7.559  3.392   1.00 0.00 ? 202 PHE A HE2  1 
ATOM 950  H HZ   . PHE A 1 62 ? -1.854  -7.294  4.774   1.00 0.00 ? 202 PHE A HZ   1 
ATOM 951  N N    . PRO A 1 63 ? 4.450   -3.834  9.281   1.00 0.00 ? 203 PRO A N    1 
ATOM 952  C CA   . PRO A 1 63 ? 5.733   -3.242  9.702   1.00 0.00 ? 203 PRO A CA   1 
ATOM 953  C C    . PRO A 1 63 ? 6.794   -4.336  9.841   1.00 0.00 ? 203 PRO A C    1 
ATOM 954  O O    . PRO A 1 63 ? 7.022   -4.875  10.906  1.00 0.00 ? 203 PRO A O    1 
ATOM 955  C CB   . PRO A 1 63 ? 5.407   -2.575  11.044  1.00 0.00 ? 203 PRO A CB   1 
ATOM 956  C CG   . PRO A 1 63 ? 4.122   -3.258  11.570  1.00 0.00 ? 203 PRO A CG   1 
ATOM 957  C CD   . PRO A 1 63 ? 3.412   -3.850  10.337  1.00 0.00 ? 203 PRO A CD   1 
ATOM 958  H HA   . PRO A 1 63 ? 6.053   -2.493  8.989   1.00 0.00 ? 203 PRO A HA   1 
ATOM 959  H HB2  . PRO A 1 63 ? 6.223   -2.726  11.739  1.00 0.00 ? 203 PRO A HB2  1 
ATOM 960  H HB3  . PRO A 1 63 ? 5.229   -1.520  10.902  1.00 0.00 ? 203 PRO A HB3  1 
ATOM 961  H HG2  . PRO A 1 63 ? 4.379   -4.042  12.269  1.00 0.00 ? 203 PRO A HG2  1 
ATOM 962  H HG3  . PRO A 1 63 ? 3.482   -2.531  12.046  1.00 0.00 ? 203 PRO A HG3  1 
ATOM 963  H HD2  . PRO A 1 63 ? 3.083   -4.860  10.539  1.00 0.00 ? 203 PRO A HD2  1 
ATOM 964  H HD3  . PRO A 1 63 ? 2.577   -3.229  10.048  1.00 0.00 ? 203 PRO A HD3  1 
ATOM 965  N N    . LEU A 1 64 ? 7.432   -4.664  8.751   1.00 0.00 ? 204 LEU A N    1 
ATOM 966  C CA   . LEU A 1 64 ? 8.478   -5.726  8.765   1.00 0.00 ? 204 LEU A CA   1 
ATOM 967  C C    . LEU A 1 64 ? 9.400   -5.554  9.973   1.00 0.00 ? 204 LEU A C    1 
ATOM 968  O O    . LEU A 1 64 ? 9.890   -4.475  10.243  1.00 0.00 ? 204 LEU A O    1 
ATOM 969  C CB   . LEU A 1 64 ? 9.315   -5.622  7.488   1.00 0.00 ? 204 LEU A CB   1 
ATOM 970  C CG   . LEU A 1 64 ? 9.475   -7.007  6.862   1.00 0.00 ? 204 LEU A CG   1 
ATOM 971  C CD1  . LEU A 1 64 ? 10.460  -6.928  5.692   1.00 0.00 ? 204 LEU A CD1  1 
ATOM 972  C CD2  . LEU A 1 64 ? 10.006  -7.984  7.916   1.00 0.00 ? 204 LEU A CD2  1 
ATOM 973  H H    . LEU A 1 64 ? 7.214   -4.211  7.909   1.00 0.00 ? 204 LEU A H    1 
ATOM 974  H HA   . LEU A 1 64 ? 8.007   -6.697  8.805   1.00 0.00 ? 204 LEU A HA   1 
ATOM 975  H HB2  . LEU A 1 64 ? 8.821   -4.963  6.788   1.00 0.00 ? 204 LEU A HB2  1 
ATOM 976  H HB3  . LEU A 1 64 ? 10.290  -5.224  7.730   1.00 0.00 ? 204 LEU A HB3  1 
ATOM 977  H HG   . LEU A 1 64 ? 8.517   -7.351  6.501   1.00 0.00 ? 204 LEU A HG   1 
ATOM 978  H HD11 . LEU A 1 64 ? 11.275  -6.268  5.951   1.00 0.00 ? 204 LEU A HD11 1 
ATOM 979  H HD12 . LEU A 1 64 ? 10.851  -7.914  5.480   1.00 0.00 ? 204 LEU A HD12 1 
ATOM 980  H HD13 . LEU A 1 64 ? 9.953   -6.546  4.819   1.00 0.00 ? 204 LEU A HD13 1 
ATOM 981  H HD21 . LEU A 1 64 ? 10.922  -7.596  8.338   1.00 0.00 ? 204 LEU A HD21 1 
ATOM 982  H HD22 . LEU A 1 64 ? 9.271   -8.099  8.698   1.00 0.00 ? 204 LEU A HD22 1 
ATOM 983  H HD23 . LEU A 1 64 ? 10.199  -8.943  7.458   1.00 0.00 ? 204 LEU A HD23 1 
ATOM 984  N N    . ARG A 1 65 ? 9.657   -6.616  10.685  1.00 0.00 ? 205 ARG A N    1 
ATOM 985  C CA   . ARG A 1 65 ? 10.568  -6.526  11.860  1.00 0.00 ? 205 ARG A CA   1 
ATOM 986  C C    . ARG A 1 65 ? 10.846  -7.929  12.398  1.00 0.00 ? 205 ARG A C    1 
ATOM 987  O O    . ARG A 1 65 ? 10.829  -8.163  13.591  1.00 0.00 ? 205 ARG A O    1 
ATOM 988  C CB   . ARG A 1 65 ? 9.933   -5.670  12.959  1.00 0.00 ? 205 ARG A CB   1 
ATOM 989  C CG   . ARG A 1 65 ? 11.000  -5.314  14.001  1.00 0.00 ? 205 ARG A CG   1 
ATOM 990  C CD   . ARG A 1 65 ? 12.016  -4.345  13.388  1.00 0.00 ? 205 ARG A CD   1 
ATOM 991  N NE   . ARG A 1 65 ? 13.078  -5.111  12.672  1.00 0.00 ? 205 ARG A NE   1 
ATOM 992  C CZ   . ARG A 1 65 ? 13.976  -5.778  13.343  1.00 0.00 ? 205 ARG A CZ   1 
ATOM 993  N NH1  . ARG A 1 65 ? 15.039  -5.169  13.792  1.00 0.00 ? 205 ARG A NH1  1 
ATOM 994  N NH2  . ARG A 1 65 ? 13.816  -7.056  13.554  1.00 0.00 ? 205 ARG A NH2  1 
ATOM 995  H H    . ARG A 1 65 ? 9.264   -7.479  10.439  1.00 0.00 ? 205 ARG A H    1 
ATOM 996  H HA   . ARG A 1 65 ? 11.496  -6.076  11.548  1.00 0.00 ? 205 ARG A HA   1 
ATOM 997  H HB2  . ARG A 1 65 ? 9.532   -4.765  12.527  1.00 0.00 ? 205 ARG A HB2  1 
ATOM 998  H HB3  . ARG A 1 65 ? 9.139   -6.226  13.436  1.00 0.00 ? 205 ARG A HB3  1 
ATOM 999  H HG2  . ARG A 1 65 ? 10.528  -4.850  14.855  1.00 0.00 ? 205 ARG A HG2  1 
ATOM 1000 H HG3  . ARG A 1 65 ? 11.508  -6.214  14.317  1.00 0.00 ? 205 ARG A HG3  1 
ATOM 1001 H HD2  . ARG A 1 65 ? 11.513  -3.693  12.689  1.00 0.00 ? 205 ARG A HD2  1 
ATOM 1002 H HD3  . ARG A 1 65 ? 12.466  -3.753  14.172  1.00 0.00 ? 205 ARG A HD3  1 
ATOM 1003 H HE   . ARG A 1 65 ? 13.102  -5.112  11.692  1.00 0.00 ? 205 ARG A HE   1 
ATOM 1004 H HH11 . ARG A 1 65 ? 15.165  -4.192  13.620  1.00 0.00 ? 205 ARG A HH11 1 
ATOM 1005 H HH12 . ARG A 1 65 ? 15.727  -5.677  14.309  1.00 0.00 ? 205 ARG A HH12 1 
ATOM 1006 H HH21 . ARG A 1 65 ? 13.006  -7.523  13.200  1.00 0.00 ? 205 ARG A HH21 1 
ATOM 1007 H HH22 . ARG A 1 65 ? 14.506  -7.568  14.065  1.00 0.00 ? 205 ARG A HH22 1 
ATOM 1008 N N    . VAL A 1 66 ? 11.108  -8.866  11.529  1.00 0.00 ? 206 VAL A N    1 
ATOM 1009 C CA   . VAL A 1 66 ? 11.394  -10.254 11.988  1.00 0.00 ? 206 VAL A CA   1 
ATOM 1010 C C    . VAL A 1 66 ? 12.213  -10.979 10.919  1.00 0.00 ? 206 VAL A C    1 
ATOM 1011 O O    . VAL A 1 66 ? 11.737  -11.076 9.799   1.00 0.00 ? 206 VAL A O    1 
ATOM 1012 C CB   . VAL A 1 66 ? 10.080  -11.009 12.221  1.00 0.00 ? 206 VAL A CB   1 
ATOM 1013 C CG1  . VAL A 1 66 ? 10.380  -12.362 12.868  1.00 0.00 ? 206 VAL A CG1  1 
ATOM 1014 C CG2  . VAL A 1 66 ? 9.175   -10.192 13.150  1.00 0.00 ? 206 VAL A CG2  1 
ATOM 1015 H H    . VAL A 1 66 ? 11.120  -8.655  10.572  1.00 0.00 ? 206 VAL A H    1 
ATOM 1016 H HA   . VAL A 1 66 ? 11.958  -10.219 12.908  1.00 0.00 ? 206 VAL A HA   1 
ATOM 1017 H HB   . VAL A 1 66 ? 9.582   -11.166 11.274  1.00 0.00 ? 206 VAL A HB   1 
ATOM 1018 H HG11 . VAL A 1 66 ? 11.232  -12.266 13.525  1.00 0.00 ? 206 VAL A HG11 1 
ATOM 1019 H HG12 . VAL A 1 66 ? 9.521   -12.687 13.438  1.00 0.00 ? 206 VAL A HG12 1 
ATOM 1020 H HG13 . VAL A 1 66 ? 10.598  -13.090 12.099  1.00 0.00 ? 206 VAL A HG13 1 
ATOM 1021 H HG21 . VAL A 1 66 ? 9.686   -10.013 14.084  1.00 0.00 ? 206 VAL A HG21 1 
ATOM 1022 H HG22 . VAL A 1 66 ? 8.935   -9.248  12.683  1.00 0.00 ? 206 VAL A HG22 1 
ATOM 1023 H HG23 . VAL A 1 66 ? 8.263   -10.742 13.339  1.00 0.00 ? 206 VAL A HG23 1 
# 
